data_4AG5
#
_entry.id   4AG5
#
_cell.length_a   108.080
_cell.length_b   110.800
_cell.length_c   156.430
_cell.angle_alpha   90.00
_cell.angle_beta   90.00
_cell.angle_gamma   90.00
#
_symmetry.space_group_name_H-M   'P 2 21 21'
#
loop_
_entity.id
_entity.type
_entity.pdbx_description
1 polymer 'TYPE IV SECRETORY PATHWAY VIRB4 COMPONENTS-LIKE PROTEIN'
2 non-polymer 'MAGNESIUM ION'
3 non-polymer GLYCEROL
4 non-polymer "ADENOSINE-5'-DIPHOSPHATE"
5 non-polymer 'SULFATE ION'
6 water water
#
_entity_poly.entity_id   1
_entity_poly.type   'polypeptide(L)'
_entity_poly.pdbx_seq_one_letter_code
;TASGINDGSGIVLGKDRDGGLVLVDIWKRGGDRTNSNWTILAKPGAGKSFTAKMLLLREYMQGSRVIIIDPEREYKEMCR
KLGGVWINCTGGEGKINPLQVRLRPVEEEDEENAVFQSPLALHIQTLRTFFSLYLRDLTDTEKAALEDALVEVYKEAGIT
WDTDPRGVPNDKWPTVKELYEYCVKKAEENPETYGRLSVLLKRAAEGADSYLWAGPTAVEADSDFIVFDVHDLQNAEDQV
KRAQYFNVLSFAWNILERDRRERTVLVVDEAWMLVDPQTPQAIAFLRDTSKRIRKYNGSLIVISQNVIDFLAPEVQRYGQ
ALLDNPTYKLLLAQGEKDLEAITTLMNLSEAEHDLLVNAKRGEGLFVAGTQRIHIKIEAAPYEMQYLTGGGN
;
_entity_poly.pdbx_strand_id   A,B,C,D
#
# COMPACT_ATOMS: atom_id res chain seq x y z
N SER A 3 3.76 -10.83 39.08
CA SER A 3 4.88 -10.63 40.00
C SER A 3 4.56 -9.62 41.09
N GLY A 4 3.48 -8.88 40.91
CA GLY A 4 3.03 -7.92 41.92
C GLY A 4 3.09 -6.46 41.51
N ILE A 5 1.94 -5.80 41.51
CA ILE A 5 1.86 -4.36 41.35
C ILE A 5 0.77 -3.84 42.27
N ASN A 6 1.17 -3.16 43.33
CA ASN A 6 0.19 -2.59 44.23
C ASN A 6 0.53 -1.16 44.63
N ASP A 7 -0.19 -0.21 44.05
CA ASP A 7 -0.10 1.16 44.49
C ASP A 7 -0.89 1.19 45.78
N GLY A 8 -0.64 2.17 46.62
CA GLY A 8 -1.32 2.22 47.90
C GLY A 8 -2.82 2.07 47.75
N SER A 9 -3.36 2.76 46.75
CA SER A 9 -4.80 2.83 46.55
C SER A 9 -5.12 2.92 45.07
N GLY A 10 -6.39 3.14 44.77
CA GLY A 10 -6.84 3.21 43.40
C GLY A 10 -7.84 2.10 43.15
N ILE A 11 -7.76 1.47 41.99
CA ILE A 11 -8.70 0.42 41.67
C ILE A 11 -8.05 -0.97 41.58
N VAL A 12 -8.83 -2.01 41.81
CA VAL A 12 -8.32 -3.37 41.67
C VAL A 12 -8.60 -3.85 40.26
N LEU A 13 -7.56 -4.25 39.56
CA LEU A 13 -7.69 -4.56 38.15
C LEU A 13 -7.83 -6.06 37.95
N GLY A 14 -7.27 -6.84 38.88
CA GLY A 14 -7.25 -8.29 38.75
C GLY A 14 -6.27 -8.93 39.71
N LYS A 15 -5.78 -10.11 39.37
CA LYS A 15 -4.96 -10.89 40.31
C LYS A 15 -3.56 -11.20 39.83
N ASP A 16 -2.66 -11.35 40.80
CA ASP A 16 -1.27 -11.77 40.60
C ASP A 16 -1.15 -13.15 39.99
N ARG A 17 0.08 -13.57 39.77
CA ARG A 17 0.35 -14.98 39.46
C ARG A 17 0.45 -15.77 40.76
N ASP A 18 0.46 -15.07 41.89
CA ASP A 18 0.50 -15.71 43.19
C ASP A 18 -0.82 -15.53 43.91
N GLY A 19 -1.82 -15.00 43.20
CA GLY A 19 -3.14 -14.79 43.78
C GLY A 19 -3.35 -13.46 44.52
N GLY A 20 -2.41 -12.54 44.38
CA GLY A 20 -2.52 -11.24 45.01
C GLY A 20 -3.19 -10.19 44.13
N LEU A 21 -4.03 -9.37 44.74
CA LEU A 21 -4.73 -8.30 44.03
C LEU A 21 -3.76 -7.33 43.38
N VAL A 22 -3.96 -7.03 42.09
CA VAL A 22 -3.22 -5.92 41.48
C VAL A 22 -4.05 -4.63 41.55
N LEU A 23 -3.50 -3.64 42.26
CA LEU A 23 -4.18 -2.40 42.63
C LEU A 23 -3.47 -1.22 41.98
N VAL A 24 -4.13 -0.53 41.08
CA VAL A 24 -3.43 0.51 40.38
C VAL A 24 -4.15 1.84 40.40
N ASP A 25 -3.39 2.87 40.74
CA ASP A 25 -3.84 4.26 40.68
C ASP A 25 -3.31 4.96 39.43
N ILE A 26 -4.12 4.99 38.38
CA ILE A 26 -3.68 5.53 37.09
C ILE A 26 -3.46 7.04 37.08
N TRP A 27 -3.76 7.70 38.20
CA TRP A 27 -3.61 9.16 38.27
C TRP A 27 -2.30 9.56 38.91
N LYS A 28 -1.61 8.59 39.50
CA LYS A 28 -0.25 8.76 39.98
C LYS A 28 0.65 9.51 39.00
N ARG A 29 1.63 10.23 39.56
CA ARG A 29 2.67 10.89 38.77
C ARG A 29 3.96 10.77 39.55
N GLY A 30 5.01 10.31 38.89
CA GLY A 30 6.26 10.05 39.57
C GLY A 30 6.91 8.82 39.00
N GLY A 31 8.23 8.79 39.08
CA GLY A 31 9.01 7.74 38.44
C GLY A 31 8.50 7.40 37.05
N ASP A 32 8.15 6.14 36.84
CA ASP A 32 7.75 5.69 35.51
C ASP A 32 6.25 5.87 35.21
N ARG A 33 5.55 6.56 36.12
CA ARG A 33 4.16 6.92 35.87
C ARG A 33 4.12 8.35 35.36
N THR A 34 4.35 8.54 34.07
CA THR A 34 4.47 9.88 33.50
C THR A 34 3.17 10.35 32.89
N ASN A 35 2.33 9.41 32.46
CA ASN A 35 0.97 9.75 32.02
C ASN A 35 -0.11 8.84 32.62
N SER A 36 -1.36 9.02 32.20
CA SER A 36 -2.46 8.22 32.71
C SER A 36 -3.06 7.41 31.59
N ASN A 37 -2.34 7.33 30.47
CA ASN A 37 -2.87 6.71 29.26
C ASN A 37 -2.75 5.20 29.25
N TRP A 38 -3.67 4.54 28.55
CA TRP A 38 -3.64 3.09 28.39
C TRP A 38 -3.57 2.66 26.93
N THR A 39 -2.93 1.52 26.67
CA THR A 39 -3.19 0.77 25.44
C THR A 39 -3.67 -0.63 25.78
N ILE A 40 -4.78 -1.02 25.16
CA ILE A 40 -5.33 -2.33 25.43
C ILE A 40 -5.39 -3.07 24.10
N LEU A 41 -4.51 -4.06 23.95
CA LEU A 41 -4.33 -4.74 22.65
C LEU A 41 -4.61 -6.22 22.73
N ALA A 42 -5.41 -6.74 21.81
CA ALA A 42 -5.68 -8.17 21.82
C ALA A 42 -6.57 -8.60 20.65
N LYS A 43 -6.56 -9.90 20.32
CA LYS A 43 -7.41 -10.39 19.24
C LYS A 43 -8.86 -10.31 19.69
N PRO A 44 -9.81 -10.38 18.74
CA PRO A 44 -11.21 -10.33 19.17
C PRO A 44 -11.54 -11.43 20.19
N GLY A 45 -12.43 -11.13 21.14
CA GLY A 45 -12.90 -12.13 22.09
C GLY A 45 -12.01 -12.42 23.27
N ALA A 46 -10.82 -11.83 23.33
CA ALA A 46 -9.92 -12.04 24.47
C ALA A 46 -10.32 -11.34 25.78
N GLY A 47 -11.31 -10.45 25.71
CA GLY A 47 -11.77 -9.73 26.89
C GLY A 47 -11.36 -8.25 26.95
N LYS A 48 -11.18 -7.63 25.79
CA LYS A 48 -10.74 -6.24 25.74
C LYS A 48 -11.81 -5.29 26.25
N SER A 49 -12.97 -5.33 25.62
CA SER A 49 -14.06 -4.42 25.95
C SER A 49 -14.54 -4.67 27.37
N PHE A 50 -14.45 -5.92 27.78
CA PHE A 50 -14.93 -6.30 29.09
C PHE A 50 -14.04 -5.65 30.13
N THR A 51 -12.74 -5.88 30.00
CA THR A 51 -11.77 -5.32 30.93
C THR A 51 -11.86 -3.79 30.97
N ALA A 52 -11.99 -3.17 29.80
CA ALA A 52 -12.20 -1.73 29.70
C ALA A 52 -13.45 -1.30 30.50
N LYS A 53 -14.55 -2.01 30.31
CA LYS A 53 -15.79 -1.72 31.03
C LYS A 53 -15.61 -1.80 32.55
N MET A 54 -14.85 -2.79 33.00
CA MET A 54 -14.61 -2.94 34.43
C MET A 54 -13.78 -1.78 34.97
N LEU A 55 -12.74 -1.41 34.24
CA LEU A 55 -11.81 -0.36 34.67
C LEU A 55 -12.51 1.00 34.67
N LEU A 56 -13.32 1.22 33.66
CA LEU A 56 -14.08 2.48 33.51
C LEU A 56 -15.13 2.61 34.59
N LEU A 57 -15.76 1.49 34.91
CA LEU A 57 -16.79 1.48 35.92
C LEU A 57 -16.14 1.89 37.22
N ARG A 58 -15.02 1.25 37.53
CA ARG A 58 -14.34 1.53 38.78
C ARG A 58 -13.75 2.94 38.88
N GLU A 59 -13.46 3.58 37.75
CA GLU A 59 -12.96 4.97 37.76
C GLU A 59 -14.13 5.92 37.86
N TYR A 60 -15.19 5.60 37.12
CA TYR A 60 -16.42 6.39 37.16
C TYR A 60 -16.89 6.48 38.60
N MET A 61 -16.88 5.34 39.28
CA MET A 61 -17.32 5.27 40.67
C MET A 61 -16.52 6.21 41.55
N GLN A 62 -15.27 6.47 41.17
CA GLN A 62 -14.41 7.38 41.90
C GLN A 62 -14.55 8.82 41.46
N GLY A 63 -15.36 9.09 40.45
CA GLY A 63 -15.50 10.48 40.03
C GLY A 63 -15.01 10.85 38.63
N SER A 64 -14.40 9.92 37.90
CA SER A 64 -13.99 10.20 36.53
C SER A 64 -15.18 10.33 35.59
N ARG A 65 -15.23 11.40 34.82
CA ARG A 65 -16.13 11.46 33.68
C ARG A 65 -15.57 10.56 32.57
N VAL A 66 -16.44 9.93 31.81
CA VAL A 66 -15.99 8.92 30.88
C VAL A 66 -16.59 9.23 29.53
N ILE A 67 -15.73 9.25 28.52
CA ILE A 67 -16.18 9.46 27.15
C ILE A 67 -15.73 8.29 26.28
N ILE A 68 -16.64 7.72 25.52
CA ILE A 68 -16.34 6.52 24.75
C ILE A 68 -16.80 6.64 23.32
N ILE A 69 -15.93 6.25 22.40
CA ILE A 69 -16.30 6.02 21.00
C ILE A 69 -16.43 4.51 20.80
N ASP A 70 -17.57 4.08 20.29
CA ASP A 70 -18.00 2.68 20.42
C ASP A 70 -18.50 2.16 19.08
N PRO A 71 -17.62 1.49 18.33
CA PRO A 71 -18.02 0.92 17.04
C PRO A 71 -18.66 -0.47 17.17
N GLU A 72 -18.49 -1.13 18.31
CA GLU A 72 -19.07 -2.47 18.55
C GLU A 72 -20.42 -2.47 19.32
N ARG A 73 -20.89 -1.31 19.77
CA ARG A 73 -22.07 -1.25 20.64
C ARG A 73 -21.90 -2.10 21.89
N GLU A 74 -20.78 -1.93 22.59
CA GLU A 74 -20.44 -2.72 23.76
C GLU A 74 -20.71 -1.97 25.06
N TYR A 75 -20.96 -0.66 24.94
CA TYR A 75 -21.04 0.24 26.09
C TYR A 75 -22.41 0.89 26.26
N LYS A 76 -23.37 0.48 25.43
CA LYS A 76 -24.71 1.06 25.47
C LYS A 76 -25.40 0.76 26.79
N GLU A 77 -25.45 -0.51 27.14
CA GLU A 77 -26.09 -0.98 28.34
C GLU A 77 -25.51 -0.32 29.58
N MET A 78 -24.20 -0.30 29.65
CA MET A 78 -23.52 0.25 30.80
C MET A 78 -23.89 1.71 30.88
N CYS A 79 -24.05 2.31 29.71
CA CYS A 79 -24.40 3.72 29.64
C CYS A 79 -25.81 3.95 30.23
N ARG A 80 -26.74 3.03 29.95
CA ARG A 80 -28.09 3.07 30.48
C ARG A 80 -28.12 2.91 31.98
N LYS A 81 -27.34 1.97 32.48
CA LYS A 81 -27.28 1.67 33.90
C LYS A 81 -26.74 2.82 34.73
N LEU A 82 -26.10 3.77 34.08
CA LEU A 82 -25.44 4.86 34.80
C LEU A 82 -26.08 6.19 34.44
N GLY A 83 -27.23 6.12 33.77
CA GLY A 83 -27.87 7.31 33.24
C GLY A 83 -27.06 8.20 32.32
N GLY A 84 -26.09 7.63 31.59
CA GLY A 84 -25.23 8.44 30.75
C GLY A 84 -25.93 8.90 29.50
N VAL A 85 -25.24 9.70 28.69
CA VAL A 85 -25.75 10.14 27.40
C VAL A 85 -25.27 9.19 26.29
N TRP A 86 -26.23 8.49 25.66
CA TRP A 86 -25.92 7.58 24.56
C TRP A 86 -26.18 8.20 23.23
N ILE A 87 -25.13 8.33 22.41
CA ILE A 87 -25.24 9.11 21.18
C ILE A 87 -25.23 8.23 19.95
N ASN A 88 -26.35 8.24 19.24
CA ASN A 88 -26.49 7.50 18.01
C ASN A 88 -25.93 8.26 16.79
N CYS A 89 -24.63 8.16 16.55
CA CYS A 89 -23.96 9.02 15.53
C CYS A 89 -24.35 8.75 14.08
N THR A 90 -25.27 7.82 13.87
CA THR A 90 -25.77 7.54 12.53
C THR A 90 -27.25 7.93 12.43
N GLY A 91 -27.88 8.13 13.58
CA GLY A 91 -29.25 8.61 13.61
C GLY A 91 -29.29 10.13 13.56
N GLY A 92 -30.41 10.68 13.08
CA GLY A 92 -30.51 12.11 12.99
C GLY A 92 -30.25 12.71 14.37
N GLU A 93 -30.61 12.01 15.42
CA GLU A 93 -30.50 12.57 16.76
C GLU A 93 -29.04 12.63 17.22
N GLY A 94 -28.15 12.05 16.43
CA GLY A 94 -26.75 11.98 16.83
C GLY A 94 -25.85 12.61 15.80
N LYS A 95 -26.43 13.45 14.95
CA LYS A 95 -25.68 14.10 13.91
C LYS A 95 -24.59 14.98 14.50
N ILE A 96 -23.37 14.84 13.99
CA ILE A 96 -22.23 15.65 14.44
C ILE A 96 -21.60 16.34 13.25
N ASN A 97 -21.92 17.63 13.09
CA ASN A 97 -21.50 18.43 11.94
C ASN A 97 -20.00 18.68 11.86
N PRO A 98 -19.34 18.18 10.81
CA PRO A 98 -17.88 18.23 10.79
C PRO A 98 -17.37 19.69 10.64
N LEU A 99 -18.18 20.56 10.06
CA LEU A 99 -17.80 21.96 9.87
C LEU A 99 -18.08 22.83 11.09
N GLN A 100 -18.53 22.23 12.20
CA GLN A 100 -18.64 22.94 13.46
C GLN A 100 -17.25 23.10 14.04
N VAL A 101 -16.78 24.34 14.13
CA VAL A 101 -15.39 24.63 14.50
C VAL A 101 -15.16 24.23 15.94
N ARG A 102 -14.03 23.56 16.20
CA ARG A 102 -13.78 23.05 17.53
C ARG A 102 -12.80 23.92 18.30
N LEU A 103 -13.09 24.11 19.59
CA LEU A 103 -12.22 24.86 20.49
C LEU A 103 -10.78 24.39 20.39
N ARG A 104 -9.84 25.27 20.70
CA ARG A 104 -8.42 25.06 20.40
C ARG A 104 -7.74 24.02 21.28
N VAL A 115 1.01 32.94 20.72
CA VAL A 115 0.03 33.22 21.76
C VAL A 115 -1.40 33.07 21.25
N PHE A 116 -1.89 34.05 20.49
CA PHE A 116 -3.23 33.94 19.92
C PHE A 116 -3.28 33.02 18.71
N GLN A 117 -4.32 32.19 18.67
CA GLN A 117 -4.58 31.26 17.58
C GLN A 117 -6.03 31.29 17.11
N SER A 118 -6.22 31.38 15.78
CA SER A 118 -7.55 31.47 15.19
C SER A 118 -8.24 30.11 15.19
N PRO A 119 -9.33 30.00 15.97
CA PRO A 119 -10.06 28.73 16.03
C PRO A 119 -10.36 28.22 14.61
N LEU A 120 -10.72 29.13 13.72
CA LEU A 120 -11.09 28.77 12.37
C LEU A 120 -9.96 28.12 11.59
N ALA A 121 -8.76 28.69 11.67
CA ALA A 121 -7.61 28.16 10.92
C ALA A 121 -7.27 26.75 11.40
N LEU A 122 -7.29 26.59 12.71
CA LEU A 122 -7.05 25.32 13.35
C LEU A 122 -8.00 24.27 12.80
N HIS A 123 -9.27 24.63 12.66
CA HIS A 123 -10.29 23.66 12.30
C HIS A 123 -10.30 23.36 10.81
N ILE A 124 -9.70 24.25 10.02
CA ILE A 124 -9.49 24.05 8.59
C ILE A 124 -8.47 22.94 8.31
N GLN A 125 -7.45 22.84 9.16
CA GLN A 125 -6.47 21.77 9.01
C GLN A 125 -7.10 20.43 9.39
N THR A 126 -7.81 20.44 10.51
CA THR A 126 -8.54 19.26 10.97
C THR A 126 -9.35 18.73 9.80
N LEU A 127 -9.93 19.65 9.04
CA LEU A 127 -10.78 19.30 7.90
C LEU A 127 -10.01 18.75 6.71
N ARG A 128 -8.79 19.24 6.51
CA ARG A 128 -7.87 18.62 5.55
C ARG A 128 -7.81 17.12 5.80
N THR A 129 -7.45 16.74 7.03
CA THR A 129 -7.51 15.35 7.45
C THR A 129 -8.88 14.73 7.17
N PHE A 130 -9.95 15.39 7.61
CA PHE A 130 -11.30 14.84 7.48
C PHE A 130 -11.72 14.58 6.04
N PHE A 131 -11.46 15.53 5.16
CA PHE A 131 -11.86 15.36 3.76
C PHE A 131 -10.92 14.44 2.97
N SER A 132 -9.71 14.24 3.48
CA SER A 132 -8.77 13.30 2.85
C SER A 132 -9.17 11.86 3.13
N LEU A 133 -9.69 11.62 4.34
CA LEU A 133 -10.18 10.29 4.71
C LEU A 133 -11.39 9.93 3.88
N TYR A 134 -12.22 10.92 3.59
CA TYR A 134 -13.49 10.68 2.92
C TYR A 134 -13.37 10.72 1.41
N LEU A 135 -12.51 11.61 0.93
CA LEU A 135 -12.19 11.71 -0.48
C LEU A 135 -10.69 11.41 -0.63
N ARG A 136 -10.38 10.16 -0.95
CA ARG A 136 -9.02 9.64 -0.83
C ARG A 136 -8.03 10.03 -1.95
N ASP A 137 -8.54 10.44 -3.11
CA ASP A 137 -7.67 10.75 -4.25
C ASP A 137 -7.77 12.22 -4.65
N LEU A 138 -7.75 13.10 -3.66
CA LEU A 138 -7.89 14.54 -3.88
C LEU A 138 -6.51 15.12 -4.24
N THR A 139 -6.41 15.78 -5.40
CA THR A 139 -5.15 16.40 -5.81
C THR A 139 -4.81 17.60 -4.92
N ASP A 140 -3.63 18.17 -5.15
CA ASP A 140 -3.17 19.31 -4.36
C ASP A 140 -3.90 20.61 -4.69
N THR A 141 -4.42 20.70 -5.91
CA THR A 141 -5.13 21.89 -6.32
C THR A 141 -6.51 21.85 -5.69
N GLU A 142 -7.12 20.67 -5.71
CA GLU A 142 -8.39 20.45 -5.03
C GLU A 142 -8.31 20.65 -3.52
N LYS A 143 -7.27 20.11 -2.88
CA LYS A 143 -7.06 20.38 -1.47
C LYS A 143 -7.19 21.86 -1.13
N ALA A 144 -6.51 22.70 -1.89
CA ALA A 144 -6.46 24.13 -1.58
C ALA A 144 -7.69 24.88 -2.07
N ALA A 145 -8.35 24.37 -3.10
CA ALA A 145 -9.63 24.95 -3.51
C ALA A 145 -10.70 24.60 -2.45
N LEU A 146 -10.52 23.45 -1.81
CA LEU A 146 -11.44 22.99 -0.80
C LEU A 146 -11.24 23.82 0.45
N GLU A 147 -9.99 24.03 0.84
CA GLU A 147 -9.70 24.91 1.96
C GLU A 147 -10.21 26.33 1.69
N ASP A 148 -10.29 26.70 0.42
CA ASP A 148 -10.74 28.04 0.10
C ASP A 148 -12.26 28.10 0.16
N ALA A 149 -12.92 27.07 -0.37
CA ALA A 149 -14.36 27.03 -0.34
C ALA A 149 -14.83 26.98 1.13
N LEU A 150 -14.07 26.27 1.96
CA LEU A 150 -14.34 26.14 3.38
C LEU A 150 -14.41 27.50 4.08
N VAL A 151 -13.35 28.29 3.94
CA VAL A 151 -13.28 29.61 4.56
C VAL A 151 -14.39 30.50 4.05
N GLU A 152 -14.73 30.32 2.77
CA GLU A 152 -15.73 31.18 2.12
C GLU A 152 -17.13 30.82 2.60
N VAL A 153 -17.37 29.53 2.75
CA VAL A 153 -18.64 29.04 3.25
C VAL A 153 -18.80 29.45 4.72
N TYR A 154 -17.69 29.49 5.45
CA TYR A 154 -17.70 30.05 6.79
C TYR A 154 -18.08 31.54 6.78
N LYS A 155 -17.37 32.33 5.97
CA LYS A 155 -17.68 33.77 5.86
C LYS A 155 -19.17 33.99 5.65
N GLU A 156 -19.73 33.29 4.67
CA GLU A 156 -21.12 33.50 4.28
C GLU A 156 -22.06 33.15 5.44
N ALA A 157 -21.56 32.43 6.43
CA ALA A 157 -22.37 32.06 7.59
C ALA A 157 -22.14 32.99 8.78
N GLY A 158 -21.28 33.98 8.60
CA GLY A 158 -21.01 34.93 9.66
C GLY A 158 -19.90 34.52 10.62
N ILE A 159 -19.23 33.41 10.34
CA ILE A 159 -18.09 33.06 11.16
C ILE A 159 -16.79 33.49 10.47
N THR A 160 -15.90 34.12 11.22
CA THR A 160 -14.62 34.60 10.68
C THR A 160 -13.45 34.18 11.55
N TRP A 161 -12.28 34.72 11.24
CA TRP A 161 -11.01 34.26 11.81
C TRP A 161 -10.89 34.48 13.31
N ASP A 162 -11.57 35.50 13.81
CA ASP A 162 -11.46 35.83 15.23
C ASP A 162 -12.60 35.19 16.01
N THR A 163 -13.64 34.79 15.29
CA THR A 163 -14.85 34.25 15.89
C THR A 163 -14.57 33.17 16.94
N ASP A 164 -15.19 33.31 18.10
CA ASP A 164 -15.04 32.36 19.19
C ASP A 164 -16.15 31.31 19.15
N PRO A 165 -15.78 30.06 18.89
CA PRO A 165 -16.71 28.93 18.80
C PRO A 165 -17.67 28.86 19.98
N ARG A 166 -17.17 29.11 21.18
CA ARG A 166 -17.98 28.99 22.39
C ARG A 166 -19.29 29.78 22.32
N GLY A 167 -19.30 30.84 21.52
CA GLY A 167 -20.46 31.70 21.46
C GLY A 167 -21.44 31.38 20.35
N VAL A 168 -21.03 30.52 19.43
CA VAL A 168 -21.85 30.25 18.26
C VAL A 168 -22.85 29.13 18.53
N PRO A 169 -24.11 29.35 18.17
CA PRO A 169 -25.12 28.30 18.27
C PRO A 169 -24.97 27.27 17.15
N ASN A 170 -25.18 26.00 17.51
CA ASN A 170 -25.02 24.88 16.62
C ASN A 170 -25.56 25.09 15.19
N ASP A 171 -26.69 25.78 15.08
CA ASP A 171 -27.37 25.97 13.81
C ASP A 171 -26.83 27.15 12.97
N LYS A 172 -25.86 27.88 13.49
CA LYS A 172 -25.31 28.98 12.71
C LYS A 172 -24.12 28.50 11.84
N TRP A 173 -23.52 27.38 12.23
CA TRP A 173 -22.44 26.78 11.46
C TRP A 173 -22.93 26.33 10.09
N PRO A 174 -22.07 26.46 9.07
CA PRO A 174 -22.41 25.90 7.75
C PRO A 174 -22.26 24.39 7.82
N THR A 175 -22.84 23.67 6.85
CA THR A 175 -22.68 22.22 6.79
C THR A 175 -22.02 21.84 5.47
N VAL A 176 -21.83 20.54 5.24
CA VAL A 176 -21.29 20.10 3.97
C VAL A 176 -22.22 20.46 2.82
N LYS A 177 -23.43 20.92 3.14
CA LYS A 177 -24.40 21.25 2.10
C LYS A 177 -24.03 22.56 1.46
N GLU A 178 -23.78 23.56 2.31
CA GLU A 178 -23.37 24.87 1.86
C GLU A 178 -22.02 24.76 1.12
N LEU A 179 -21.12 23.94 1.66
CA LEU A 179 -19.80 23.74 1.08
C LEU A 179 -19.93 23.13 -0.30
N TYR A 180 -20.86 22.20 -0.44
CA TYR A 180 -21.04 21.50 -1.70
C TYR A 180 -21.67 22.43 -2.71
N GLU A 181 -22.55 23.30 -2.24
CA GLU A 181 -23.29 24.16 -3.12
C GLU A 181 -22.42 25.31 -3.62
N TYR A 182 -21.53 25.76 -2.76
CA TYR A 182 -20.56 26.79 -3.13
C TYR A 182 -19.60 26.23 -4.18
N CYS A 183 -19.22 24.97 -4.01
CA CYS A 183 -18.31 24.34 -4.95
C CYS A 183 -18.93 24.19 -6.32
N VAL A 184 -20.22 23.89 -6.38
CA VAL A 184 -20.93 23.83 -7.66
C VAL A 184 -20.93 25.20 -8.33
N LYS A 185 -21.31 26.25 -7.58
CA LYS A 185 -21.35 27.59 -8.14
C LYS A 185 -20.00 27.96 -8.73
N LYS A 186 -18.94 27.71 -7.98
CA LYS A 186 -17.58 27.94 -8.44
C LYS A 186 -17.17 27.11 -9.66
N ALA A 187 -17.72 25.91 -9.79
CA ALA A 187 -17.37 25.05 -10.91
C ALA A 187 -17.65 25.75 -12.22
N GLU A 188 -18.61 26.67 -12.22
CA GLU A 188 -18.95 27.40 -13.44
C GLU A 188 -17.74 28.12 -14.04
N GLU A 189 -17.11 28.97 -13.24
CA GLU A 189 -15.92 29.69 -13.69
C GLU A 189 -14.68 28.82 -13.55
N ASN A 190 -14.75 27.77 -12.75
CA ASN A 190 -13.58 26.91 -12.51
C ASN A 190 -13.86 25.41 -12.65
N PRO A 191 -14.31 24.97 -13.83
CA PRO A 191 -14.70 23.56 -14.01
C PRO A 191 -13.57 22.59 -13.70
N GLU A 192 -12.33 23.06 -13.76
CA GLU A 192 -11.18 22.17 -13.69
C GLU A 192 -10.63 22.08 -12.29
N THR A 193 -10.70 23.18 -11.56
CA THR A 193 -10.28 23.15 -10.16
C THR A 193 -11.35 22.49 -9.27
N TYR A 194 -12.62 22.74 -9.60
CA TYR A 194 -13.72 22.41 -8.69
C TYR A 194 -14.64 21.32 -9.21
N GLY A 195 -14.73 21.23 -10.53
CA GLY A 195 -15.64 20.29 -11.17
C GLY A 195 -15.74 18.94 -10.51
N ARG A 196 -14.61 18.25 -10.33
CA ARG A 196 -14.67 16.90 -9.80
C ARG A 196 -14.87 16.93 -8.30
N LEU A 197 -14.45 18.03 -7.70
CA LEU A 197 -14.59 18.25 -6.26
C LEU A 197 -16.06 18.37 -5.87
N SER A 198 -16.78 19.24 -6.59
CA SER A 198 -18.19 19.46 -6.31
C SER A 198 -18.98 18.15 -6.37
N VAL A 199 -18.77 17.38 -7.44
CA VAL A 199 -19.49 16.14 -7.63
C VAL A 199 -19.25 15.14 -6.49
N LEU A 200 -18.00 14.95 -6.10
CA LEU A 200 -17.66 14.03 -5.00
C LEU A 200 -18.32 14.45 -3.67
N LEU A 201 -18.58 15.74 -3.54
CA LEU A 201 -19.05 16.30 -2.29
C LEU A 201 -20.56 16.13 -2.22
N LYS A 202 -21.20 16.04 -3.38
CA LYS A 202 -22.64 15.80 -3.42
C LYS A 202 -23.02 14.60 -2.54
N ARG A 203 -22.31 13.50 -2.70
CA ARG A 203 -22.64 12.30 -1.95
C ARG A 203 -22.86 12.63 -0.47
N ALA A 204 -22.00 13.48 0.08
CA ALA A 204 -22.12 13.83 1.49
C ALA A 204 -23.17 14.91 1.74
N ALA A 205 -23.47 15.72 0.73
CA ALA A 205 -24.43 16.81 0.92
C ALA A 205 -25.89 16.38 0.74
N GLU A 206 -26.13 15.52 -0.24
CA GLU A 206 -27.48 15.15 -0.63
C GLU A 206 -27.61 13.65 -0.80
N GLY A 207 -26.47 12.99 -1.02
CA GLY A 207 -26.47 11.59 -1.42
C GLY A 207 -26.46 10.54 -0.31
N ALA A 208 -25.91 9.38 -0.64
CA ALA A 208 -25.91 8.22 0.24
C ALA A 208 -25.28 8.44 1.62
N ASP A 209 -24.53 9.52 1.79
CA ASP A 209 -23.81 9.69 3.04
C ASP A 209 -24.29 10.90 3.78
N SER A 210 -25.30 11.56 3.22
CA SER A 210 -25.76 12.83 3.81
C SER A 210 -26.39 12.69 5.19
N TYR A 211 -26.94 11.52 5.51
CA TYR A 211 -27.61 11.30 6.81
C TYR A 211 -26.62 11.54 7.93
N LEU A 212 -25.33 11.46 7.61
CA LEU A 212 -24.28 11.52 8.63
C LEU A 212 -23.91 12.94 9.03
N TRP A 213 -23.96 13.86 8.07
CA TRP A 213 -23.26 15.14 8.21
C TRP A 213 -24.05 16.36 7.73
N ALA A 214 -24.98 16.19 6.80
CA ALA A 214 -25.71 17.31 6.22
C ALA A 214 -26.71 17.99 7.17
N GLY A 215 -26.23 18.53 8.28
CA GLY A 215 -27.08 19.34 9.12
C GLY A 215 -26.33 19.75 10.35
N PRO A 216 -27.00 20.45 11.26
CA PRO A 216 -26.42 20.94 12.52
C PRO A 216 -26.16 19.82 13.55
N THR A 217 -25.12 19.99 14.35
CA THR A 217 -24.85 19.05 15.41
C THR A 217 -26.06 18.97 16.33
N ALA A 218 -26.55 17.75 16.52
CA ALA A 218 -27.83 17.56 17.17
C ALA A 218 -27.73 17.56 18.70
N VAL A 219 -26.56 17.26 19.24
CA VAL A 219 -26.44 16.95 20.66
C VAL A 219 -25.51 17.89 21.44
N GLU A 220 -25.76 18.02 22.73
CA GLU A 220 -24.95 18.88 23.59
C GLU A 220 -23.77 18.07 24.11
N ALA A 221 -24.08 16.93 24.71
CA ALA A 221 -23.10 15.99 25.20
C ALA A 221 -22.49 16.46 26.50
N ASP A 222 -23.37 16.81 27.43
CA ASP A 222 -22.97 17.25 28.75
C ASP A 222 -23.43 16.22 29.78
N SER A 223 -22.52 15.33 30.15
CA SER A 223 -22.81 14.30 31.13
C SER A 223 -21.48 13.76 31.62
N ASP A 224 -21.46 13.03 32.70
CA ASP A 224 -20.20 12.45 33.14
C ASP A 224 -20.01 11.04 32.59
N PHE A 225 -20.85 10.66 31.63
CA PHE A 225 -20.69 9.37 30.96
C PHE A 225 -21.27 9.42 29.57
N ILE A 226 -20.42 9.62 28.57
CA ILE A 226 -20.91 9.79 27.21
C ILE A 226 -20.40 8.66 26.33
N VAL A 227 -21.26 8.12 25.47
CA VAL A 227 -20.78 7.19 24.44
C VAL A 227 -21.24 7.56 23.04
N PHE A 228 -20.28 7.64 22.12
CA PHE A 228 -20.63 7.88 20.74
C PHE A 228 -20.64 6.50 20.05
N ASP A 229 -21.84 6.03 19.76
CA ASP A 229 -22.04 4.80 19.05
C ASP A 229 -21.91 5.09 17.56
N VAL A 230 -21.00 4.37 16.90
CA VAL A 230 -20.89 4.45 15.45
C VAL A 230 -21.08 3.05 14.87
N HIS A 231 -21.83 2.22 15.58
CA HIS A 231 -22.02 0.82 15.21
C HIS A 231 -22.63 0.64 13.83
N ASP A 232 -23.55 1.52 13.43
CA ASP A 232 -24.24 1.37 12.15
C ASP A 232 -23.37 1.62 10.91
N LEU A 233 -22.07 1.79 11.11
CA LEU A 233 -21.17 2.01 9.99
C LEU A 233 -20.27 0.79 9.76
N GLN A 234 -20.51 -0.27 10.53
CA GLN A 234 -19.64 -1.44 10.50
C GLN A 234 -19.52 -2.09 9.12
N ASN A 235 -20.52 -1.86 8.26
CA ASN A 235 -20.57 -2.45 6.93
C ASN A 235 -20.53 -1.40 5.83
N ALA A 236 -20.26 -0.15 6.20
CA ALA A 236 -20.20 0.91 5.21
C ALA A 236 -18.81 0.93 4.57
N GLU A 237 -18.62 1.74 3.54
CA GLU A 237 -17.29 1.82 2.91
C GLU A 237 -16.24 2.25 3.95
N ASP A 238 -15.00 1.81 3.76
CA ASP A 238 -13.90 2.18 4.63
C ASP A 238 -13.80 3.68 4.88
N GLN A 239 -13.89 4.47 3.82
CA GLN A 239 -13.61 5.90 3.94
C GLN A 239 -14.67 6.61 4.78
N VAL A 240 -15.90 6.09 4.72
CA VAL A 240 -16.98 6.57 5.58
C VAL A 240 -16.71 6.20 7.04
N LYS A 241 -16.43 4.93 7.31
CA LYS A 241 -15.99 4.53 8.63
C LYS A 241 -15.00 5.59 9.11
N ARG A 242 -13.85 5.64 8.45
CA ARG A 242 -12.72 6.41 8.93
C ARG A 242 -13.01 7.90 9.11
N ALA A 243 -13.80 8.47 8.21
CA ALA A 243 -14.08 9.90 8.25
C ALA A 243 -15.04 10.22 9.40
N GLN A 244 -15.95 9.28 9.68
CA GLN A 244 -16.90 9.50 10.77
C GLN A 244 -16.26 9.30 12.13
N TYR A 245 -15.46 8.25 12.24
CA TYR A 245 -14.69 8.03 13.47
C TYR A 245 -13.81 9.25 13.81
N PHE A 246 -13.17 9.86 12.80
CA PHE A 246 -12.30 11.00 13.04
C PHE A 246 -13.11 12.26 13.44
N ASN A 247 -14.23 12.49 12.77
CA ASN A 247 -15.16 13.54 13.16
C ASN A 247 -15.64 13.41 14.60
N VAL A 248 -15.98 12.18 15.00
CA VAL A 248 -16.44 11.87 16.33
C VAL A 248 -15.31 12.02 17.36
N LEU A 249 -14.13 11.48 17.07
CA LEU A 249 -12.97 11.72 17.95
C LEU A 249 -12.68 13.23 18.16
N SER A 250 -12.83 14.01 17.10
CA SER A 250 -12.58 15.45 17.18
C SER A 250 -13.64 16.15 18.02
N PHE A 251 -14.90 15.86 17.74
CA PHE A 251 -15.98 16.31 18.61
C PHE A 251 -15.75 15.90 20.07
N ALA A 252 -15.38 14.63 20.27
CA ALA A 252 -15.23 14.13 21.63
C ALA A 252 -14.09 14.82 22.36
N TRP A 253 -12.97 15.04 21.67
CA TRP A 253 -11.84 15.73 22.27
C TRP A 253 -12.19 17.16 22.67
N ASN A 254 -13.00 17.83 21.84
CA ASN A 254 -13.46 19.17 22.12
C ASN A 254 -14.17 19.27 23.48
N ILE A 255 -14.80 18.18 23.89
CA ILE A 255 -15.52 18.15 25.16
C ILE A 255 -14.60 18.37 26.35
N LEU A 256 -13.36 17.88 26.24
CA LEU A 256 -12.38 18.05 27.31
C LEU A 256 -11.92 19.49 27.43
N GLU A 257 -11.67 20.12 26.28
CA GLU A 257 -11.30 21.52 26.28
C GLU A 257 -12.48 22.38 26.72
N ARG A 258 -13.60 22.22 26.02
CA ARG A 258 -14.84 22.92 26.30
C ARG A 258 -15.12 23.14 27.79
N ASP A 259 -14.79 22.15 28.60
CA ASP A 259 -15.07 22.26 30.03
C ASP A 259 -14.16 21.37 30.85
N ARG A 260 -12.92 21.84 31.05
CA ARG A 260 -11.82 21.00 31.49
C ARG A 260 -11.95 20.37 32.87
N ARG A 261 -12.91 19.47 33.04
CA ARG A 261 -13.00 18.66 34.26
C ARG A 261 -11.81 17.72 34.29
N GLU A 262 -11.29 17.47 35.48
CA GLU A 262 -10.11 16.62 35.62
C GLU A 262 -10.47 15.14 35.66
N ARG A 263 -9.44 14.32 35.51
CA ARG A 263 -9.59 12.87 35.50
C ARG A 263 -10.63 12.36 34.51
N THR A 264 -10.78 13.04 33.38
CA THR A 264 -11.66 12.56 32.32
C THR A 264 -10.96 11.41 31.59
N VAL A 265 -11.69 10.35 31.29
CA VAL A 265 -11.15 9.21 30.57
C VAL A 265 -11.74 9.18 29.18
N LEU A 266 -10.90 9.27 28.15
CA LEU A 266 -11.39 9.21 26.77
C LEU A 266 -11.01 7.84 26.22
N VAL A 267 -12.01 7.12 25.72
CA VAL A 267 -11.81 5.75 25.30
C VAL A 267 -12.14 5.67 23.84
N VAL A 268 -11.15 5.26 23.06
CA VAL A 268 -11.30 5.03 21.64
C VAL A 268 -11.08 3.55 21.37
N ASP A 269 -12.18 2.90 20.99
CA ASP A 269 -12.25 1.46 20.89
C ASP A 269 -12.23 1.03 19.42
N GLU A 270 -11.64 -0.12 19.16
CA GLU A 270 -11.38 -0.53 17.78
C GLU A 270 -10.72 0.63 17.04
N ALA A 271 -9.70 1.20 17.66
CA ALA A 271 -9.00 2.37 17.15
C ALA A 271 -8.32 2.15 15.78
N TRP A 272 -8.08 0.88 15.42
CA TRP A 272 -7.49 0.55 14.11
C TRP A 272 -8.32 1.11 12.96
N MET A 273 -9.61 1.29 13.20
CA MET A 273 -10.53 1.79 12.19
C MET A 273 -10.12 3.16 11.68
N LEU A 274 -9.34 3.86 12.51
CA LEU A 274 -8.94 5.22 12.21
C LEU A 274 -7.73 5.25 11.27
N VAL A 275 -7.02 4.13 11.19
CA VAL A 275 -5.79 4.06 10.40
C VAL A 275 -6.06 4.09 8.90
N ASP A 276 -5.50 5.09 8.23
CA ASP A 276 -5.55 5.17 6.78
C ASP A 276 -4.15 5.52 6.27
N PRO A 277 -3.46 4.53 5.68
CA PRO A 277 -2.06 4.73 5.24
C PRO A 277 -1.87 5.98 4.37
N GLN A 278 -2.87 6.37 3.62
CA GLN A 278 -2.81 7.55 2.76
C GLN A 278 -3.13 8.84 3.49
N THR A 279 -3.58 8.71 4.75
CA THR A 279 -3.85 9.87 5.61
C THR A 279 -3.52 9.61 7.08
N PRO A 280 -2.23 9.36 7.37
CA PRO A 280 -1.74 9.14 8.73
C PRO A 280 -1.93 10.32 9.67
N GLN A 281 -2.32 11.46 9.14
CA GLN A 281 -2.64 12.61 10.00
C GLN A 281 -3.76 12.30 11.01
N ALA A 282 -4.61 11.33 10.68
CA ALA A 282 -5.69 10.92 11.58
C ALA A 282 -5.09 10.25 12.81
N ILE A 283 -4.12 9.37 12.61
CA ILE A 283 -3.42 8.77 13.73
C ILE A 283 -2.51 9.76 14.47
N ALA A 284 -1.93 10.70 13.72
CA ALA A 284 -1.20 11.80 14.36
C ALA A 284 -2.13 12.59 15.28
N PHE A 285 -3.33 12.86 14.79
CA PHE A 285 -4.34 13.52 15.61
C PHE A 285 -4.55 12.73 16.91
N LEU A 286 -4.67 11.41 16.81
CA LEU A 286 -4.81 10.58 17.99
C LEU A 286 -3.59 10.68 18.88
N ARG A 287 -2.41 10.62 18.27
CA ARG A 287 -1.16 10.71 19.02
C ARG A 287 -1.12 12.05 19.79
N ASP A 288 -1.47 13.13 19.12
CA ASP A 288 -1.42 14.44 19.76
C ASP A 288 -2.38 14.50 20.94
N THR A 289 -3.55 13.89 20.76
CA THR A 289 -4.59 13.82 21.80
C THR A 289 -4.09 13.18 23.10
N SER A 290 -3.36 12.07 22.97
CA SER A 290 -2.80 11.37 24.13
C SER A 290 -1.78 12.22 24.85
N LYS A 291 -1.17 13.12 24.10
CA LYS A 291 -0.21 14.05 24.67
C LYS A 291 -0.90 15.21 25.35
N ARG A 292 -1.80 15.87 24.62
CA ARG A 292 -2.53 17.01 25.18
C ARG A 292 -3.34 16.62 26.43
N ILE A 293 -3.97 15.44 26.40
CA ILE A 293 -4.87 15.04 27.50
C ILE A 293 -4.19 14.97 28.87
N ARG A 294 -2.87 14.78 28.89
CA ARG A 294 -2.11 14.84 30.13
C ARG A 294 -2.22 16.22 30.75
N LYS A 295 -2.30 17.25 29.90
CA LYS A 295 -2.38 18.61 30.40
C LYS A 295 -3.66 18.81 31.18
N TYR A 296 -4.76 18.30 30.62
CA TYR A 296 -6.05 18.37 31.27
C TYR A 296 -6.14 17.34 32.40
N ASN A 297 -5.04 16.64 32.63
CA ASN A 297 -4.97 15.58 33.64
C ASN A 297 -6.00 14.46 33.42
N GLY A 298 -6.17 14.07 32.17
CA GLY A 298 -7.10 13.02 31.83
C GLY A 298 -6.41 11.72 31.43
N SER A 299 -7.15 10.85 30.75
CA SER A 299 -6.61 9.57 30.34
C SER A 299 -7.14 9.23 28.97
N LEU A 300 -6.24 8.90 28.05
CA LEU A 300 -6.65 8.38 26.75
C LEU A 300 -6.45 6.88 26.79
N ILE A 301 -7.53 6.13 26.54
CA ILE A 301 -7.41 4.69 26.48
C ILE A 301 -7.66 4.29 25.04
N VAL A 302 -6.66 3.65 24.42
CA VAL A 302 -6.79 3.12 23.05
C VAL A 302 -6.98 1.59 23.10
N ILE A 303 -8.05 1.11 22.49
CA ILE A 303 -8.37 -0.31 22.53
C ILE A 303 -8.41 -0.83 21.10
N SER A 304 -7.71 -1.90 20.82
CA SER A 304 -7.68 -2.37 19.42
C SER A 304 -7.19 -3.79 19.20
N GLN A 305 -7.73 -4.38 18.14
CA GLN A 305 -7.10 -5.53 17.52
C GLN A 305 -6.31 -4.96 16.35
N ASN A 306 -5.94 -5.81 15.38
CA ASN A 306 -5.21 -5.40 14.19
C ASN A 306 -4.07 -4.48 14.50
N VAL A 307 -3.20 -4.93 15.39
CA VAL A 307 -2.12 -4.06 15.87
C VAL A 307 -1.20 -3.61 14.75
N ILE A 308 -0.85 -4.56 13.85
CA ILE A 308 0.09 -4.25 12.78
C ILE A 308 -0.34 -3.04 11.95
N ASP A 309 -1.66 -2.82 11.85
CA ASP A 309 -2.20 -1.67 11.11
C ASP A 309 -1.54 -0.37 11.55
N PHE A 310 -1.22 -0.25 12.84
CA PHE A 310 -0.65 0.96 13.37
C PHE A 310 0.83 1.04 12.97
N LEU A 311 1.42 -0.13 12.77
CA LEU A 311 2.84 -0.27 12.59
C LEU A 311 3.26 -0.24 11.10
N ALA A 312 2.32 0.06 10.22
CA ALA A 312 2.59 0.22 8.79
C ALA A 312 3.50 1.42 8.56
N PRO A 313 4.35 1.35 7.52
CA PRO A 313 5.37 2.36 7.25
C PRO A 313 4.80 3.77 7.16
N GLU A 314 3.64 3.92 6.52
CA GLU A 314 3.02 5.23 6.39
C GLU A 314 2.55 5.84 7.73
N VAL A 315 2.12 5.01 8.66
CA VAL A 315 1.56 5.50 9.92
C VAL A 315 2.45 5.23 11.13
N GLN A 316 3.46 4.39 10.96
CA GLN A 316 4.25 3.88 12.08
C GLN A 316 4.93 4.95 12.94
N ARG A 317 5.38 6.02 12.32
CA ARG A 317 5.95 7.12 13.09
C ARG A 317 4.93 7.48 14.17
N TYR A 318 3.67 7.57 13.76
CA TYR A 318 2.61 8.04 14.65
C TYR A 318 2.08 6.90 15.52
N GLY A 319 1.73 5.79 14.87
CA GLY A 319 1.11 4.68 15.55
C GLY A 319 1.99 4.16 16.66
N GLN A 320 3.28 4.11 16.38
CA GLN A 320 4.22 3.48 17.31
C GLN A 320 4.27 4.25 18.62
N ALA A 321 4.27 5.57 18.53
CA ALA A 321 4.28 6.40 19.72
C ALA A 321 2.93 6.24 20.42
N LEU A 322 1.84 6.29 19.65
CA LEU A 322 0.51 6.15 20.21
C LEU A 322 0.41 4.94 21.14
N LEU A 323 0.91 3.80 20.68
CA LEU A 323 0.74 2.54 21.37
C LEU A 323 1.77 2.26 22.44
N ASP A 324 2.97 2.81 22.30
CA ASP A 324 4.04 2.41 23.21
C ASP A 324 4.29 3.43 24.32
N ASN A 325 3.93 4.69 24.05
CA ASN A 325 4.05 5.76 25.03
C ASN A 325 3.25 5.61 26.35
N PRO A 326 2.02 5.06 26.30
CA PRO A 326 1.17 4.99 27.51
C PRO A 326 1.78 4.25 28.68
N THR A 327 1.72 4.86 29.85
CA THR A 327 2.19 4.28 31.10
C THR A 327 1.59 2.89 31.42
N TYR A 328 0.29 2.71 31.17
CA TYR A 328 -0.41 1.43 31.45
C TYR A 328 -0.70 0.71 30.14
N LYS A 329 -0.47 -0.60 30.12
CA LYS A 329 -0.74 -1.40 28.94
C LYS A 329 -1.33 -2.74 29.35
N LEU A 330 -2.31 -3.20 28.60
CA LEU A 330 -2.88 -4.51 28.84
C LEU A 330 -2.83 -5.24 27.52
N LEU A 331 -2.07 -6.33 27.51
CA LEU A 331 -1.93 -7.16 26.32
C LEU A 331 -2.54 -8.50 26.66
N LEU A 332 -3.57 -8.91 25.94
CA LEU A 332 -4.15 -10.23 26.13
C LEU A 332 -3.79 -11.14 24.95
N ALA A 333 -4.54 -12.23 24.78
CA ALA A 333 -4.28 -13.17 23.69
C ALA A 333 -4.14 -12.39 22.39
N GLN A 334 -3.17 -12.74 21.56
CA GLN A 334 -2.97 -12.01 20.30
C GLN A 334 -3.10 -12.89 19.07
N GLY A 335 -3.45 -12.26 17.95
CA GLY A 335 -3.30 -12.89 16.66
C GLY A 335 -1.83 -13.08 16.36
N GLU A 336 -1.50 -14.08 15.55
CA GLU A 336 -0.12 -14.47 15.27
C GLU A 336 0.78 -13.33 14.74
N LYS A 337 0.34 -12.66 13.67
CA LYS A 337 1.05 -11.48 13.18
C LYS A 337 1.20 -10.40 14.25
N ASP A 338 0.09 -10.04 14.90
CA ASP A 338 0.13 -9.03 15.95
C ASP A 338 1.13 -9.35 17.06
N LEU A 339 1.19 -10.60 17.48
CA LEU A 339 2.06 -10.97 18.59
C LEU A 339 3.55 -10.75 18.27
N GLU A 340 3.95 -11.05 17.04
CA GLU A 340 5.32 -10.80 16.65
C GLU A 340 5.57 -9.30 16.59
N ALA A 341 4.58 -8.54 16.13
CA ALA A 341 4.72 -7.08 16.05
C ALA A 341 4.89 -6.47 17.44
N ILE A 342 4.10 -6.94 18.40
CA ILE A 342 4.17 -6.47 19.78
C ILE A 342 5.44 -6.92 20.50
N THR A 343 5.80 -8.20 20.34
CA THR A 343 7.03 -8.72 20.95
C THR A 343 8.25 -7.89 20.59
N THR A 344 8.29 -7.43 19.36
CA THR A 344 9.39 -6.59 18.92
C THR A 344 9.27 -5.18 19.49
N LEU A 345 8.13 -4.54 19.25
CA LEU A 345 7.89 -3.14 19.68
C LEU A 345 8.11 -2.87 21.17
N MET A 346 7.61 -3.77 22.01
CA MET A 346 7.68 -3.57 23.45
C MET A 346 8.67 -4.53 24.08
N ASN A 347 9.66 -4.95 23.30
CA ASN A 347 10.71 -5.85 23.78
C ASN A 347 10.22 -6.83 24.82
N LEU A 348 9.29 -7.69 24.42
CA LEU A 348 8.81 -8.77 25.29
C LEU A 348 9.88 -9.84 25.39
N SER A 349 10.13 -10.29 26.61
CA SER A 349 11.03 -11.42 26.81
C SER A 349 10.44 -12.66 26.12
N GLU A 350 11.13 -13.79 26.21
CA GLU A 350 10.57 -15.02 25.67
C GLU A 350 9.42 -15.49 26.55
N ALA A 351 9.63 -15.40 27.86
CA ALA A 351 8.57 -15.78 28.80
C ALA A 351 7.33 -14.97 28.47
N GLU A 352 7.52 -13.66 28.32
CA GLU A 352 6.42 -12.74 28.07
C GLU A 352 5.76 -13.01 26.71
N HIS A 353 6.53 -13.55 25.78
CA HIS A 353 5.99 -13.92 24.47
C HIS A 353 5.05 -15.12 24.61
N ASP A 354 5.53 -16.16 25.31
CA ASP A 354 4.80 -17.41 25.48
C ASP A 354 3.57 -17.21 26.36
N LEU A 355 3.72 -16.39 27.39
CA LEU A 355 2.61 -16.03 28.27
C LEU A 355 1.42 -15.61 27.44
N LEU A 356 1.67 -14.71 26.50
CA LEU A 356 0.62 -14.21 25.63
C LEU A 356 0.29 -15.21 24.56
N VAL A 357 1.14 -16.22 24.40
CA VAL A 357 0.87 -17.25 23.42
C VAL A 357 -0.28 -18.11 23.93
N ASN A 358 -0.10 -18.73 25.08
CA ASN A 358 -1.11 -19.63 25.65
C ASN A 358 -2.13 -18.90 26.53
N ALA A 359 -2.13 -17.57 26.44
CA ALA A 359 -3.00 -16.73 27.27
C ALA A 359 -4.48 -17.08 27.14
N LYS A 360 -5.13 -17.41 28.26
CA LYS A 360 -6.57 -17.65 28.26
C LYS A 360 -7.36 -16.34 28.36
N ARG A 361 -8.67 -16.41 28.14
CA ARG A 361 -9.53 -15.22 28.23
C ARG A 361 -9.33 -14.45 29.52
N GLY A 362 -9.11 -13.14 29.39
CA GLY A 362 -8.97 -12.25 30.54
C GLY A 362 -7.62 -12.35 31.22
N GLU A 363 -6.70 -13.05 30.59
CA GLU A 363 -5.39 -13.31 31.16
C GLU A 363 -4.34 -12.74 30.21
N GLY A 364 -3.29 -12.15 30.77
CA GLY A 364 -2.24 -11.66 29.92
C GLY A 364 -1.17 -10.90 30.65
N LEU A 365 -0.60 -9.91 29.96
CA LEU A 365 0.43 -9.06 30.50
C LEU A 365 -0.12 -7.68 30.84
N PHE A 366 0.10 -7.26 32.09
CA PHE A 366 -0.23 -5.92 32.50
C PHE A 366 1.04 -5.10 32.67
N VAL A 367 1.03 -3.91 32.11
CA VAL A 367 2.16 -3.00 32.18
C VAL A 367 1.79 -1.67 32.86
N ALA A 368 2.59 -1.32 33.85
CA ALA A 368 2.47 -0.06 34.54
C ALA A 368 3.86 0.56 34.63
N GLY A 369 4.10 1.58 33.81
CA GLY A 369 5.45 2.12 33.70
C GLY A 369 6.36 1.05 33.15
N THR A 370 7.38 0.67 33.92
CA THR A 370 8.35 -0.35 33.50
C THR A 370 8.09 -1.69 34.20
N GLN A 371 7.03 -1.75 35.00
CA GLN A 371 6.63 -2.99 35.65
C GLN A 371 5.69 -3.77 34.73
N ARG A 372 6.07 -5.00 34.41
CA ARG A 372 5.24 -5.87 33.58
C ARG A 372 4.94 -7.17 34.32
N ILE A 373 3.67 -7.55 34.38
CA ILE A 373 3.34 -8.75 35.11
C ILE A 373 2.28 -9.60 34.45
N HIS A 374 2.14 -10.82 34.94
CA HIS A 374 1.11 -11.73 34.53
C HIS A 374 -0.12 -11.35 35.31
N ILE A 375 -1.25 -11.20 34.63
CA ILE A 375 -2.46 -10.79 35.31
C ILE A 375 -3.64 -11.60 34.83
N LYS A 376 -4.59 -11.84 35.73
CA LYS A 376 -5.88 -12.41 35.37
C LYS A 376 -6.97 -11.45 35.81
N ILE A 377 -7.73 -10.95 34.83
CA ILE A 377 -8.82 -10.01 35.06
C ILE A 377 -10.09 -10.69 35.54
N GLU A 378 -10.69 -10.16 36.60
CA GLU A 378 -11.94 -10.70 37.09
C GLU A 378 -12.76 -9.62 37.79
N ALA A 379 -14.05 -9.57 37.48
CA ALA A 379 -14.95 -8.55 38.03
C ALA A 379 -15.86 -9.11 39.12
N ALA A 380 -16.03 -8.33 40.18
CA ALA A 380 -16.92 -8.68 41.27
C ALA A 380 -18.33 -8.88 40.75
N PRO A 381 -19.06 -9.82 41.35
CA PRO A 381 -20.42 -10.22 40.95
C PRO A 381 -21.42 -9.08 40.98
N TYR A 382 -21.21 -8.10 41.84
CA TYR A 382 -22.18 -7.00 41.92
C TYR A 382 -22.01 -6.04 40.75
N GLU A 383 -20.85 -6.09 40.11
CA GLU A 383 -20.56 -5.26 38.94
C GLU A 383 -21.11 -5.84 37.64
N MET A 384 -21.30 -7.16 37.61
CA MET A 384 -21.63 -7.84 36.37
C MET A 384 -22.87 -7.26 35.67
N GLN A 385 -23.82 -6.75 36.46
CA GLN A 385 -25.00 -6.12 35.88
C GLN A 385 -24.65 -4.96 34.95
N TYR A 386 -23.43 -4.45 35.07
CA TYR A 386 -22.93 -3.46 34.11
C TYR A 386 -22.05 -4.17 33.07
N SER B 3 35.00 -3.51 11.91
CA SER B 3 36.11 -2.72 11.39
C SER B 3 35.98 -2.49 9.89
N GLY B 4 36.44 -3.46 9.09
CA GLY B 4 36.49 -3.32 7.64
C GLY B 4 36.46 -4.62 6.88
N ILE B 5 36.22 -4.55 5.57
CA ILE B 5 35.99 -5.73 4.74
C ILE B 5 37.02 -5.87 3.63
N ASN B 6 37.85 -6.91 3.70
CA ASN B 6 38.82 -7.16 2.63
C ASN B 6 39.07 -8.63 2.27
N ASP B 7 38.41 -9.08 1.20
CA ASP B 7 38.63 -10.43 0.70
C ASP B 7 39.99 -10.44 0.03
N GLY B 8 40.50 -11.64 -0.28
CA GLY B 8 41.81 -11.73 -0.89
C GLY B 8 41.87 -10.91 -2.17
N SER B 9 41.17 -11.38 -3.18
CA SER B 9 41.10 -10.68 -4.44
C SER B 9 39.71 -10.09 -4.56
N GLY B 10 39.24 -9.96 -5.80
CA GLY B 10 37.92 -9.42 -6.05
C GLY B 10 38.02 -8.01 -6.58
N ILE B 11 36.91 -7.27 -6.49
CA ILE B 11 36.83 -5.91 -7.00
C ILE B 11 36.74 -4.89 -5.88
N VAL B 12 37.24 -3.68 -6.15
CA VAL B 12 37.13 -2.57 -5.21
C VAL B 12 35.73 -1.93 -5.24
N LEU B 13 35.15 -1.71 -4.08
CA LEU B 13 33.83 -1.08 -4.01
C LEU B 13 33.99 0.40 -3.72
N GLY B 14 34.99 0.70 -2.90
CA GLY B 14 35.21 2.04 -2.39
C GLY B 14 36.00 1.95 -1.10
N LYS B 15 35.64 2.76 -0.10
CA LYS B 15 36.51 2.97 1.06
C LYS B 15 35.89 2.85 2.47
N ASP B 16 36.71 2.35 3.39
CA ASP B 16 36.37 2.27 4.81
C ASP B 16 36.00 3.62 5.38
N ARG B 17 35.60 3.62 6.64
CA ARG B 17 35.43 4.86 7.39
C ARG B 17 36.82 5.37 7.75
N ASP B 18 37.80 4.48 7.70
CA ASP B 18 39.18 4.82 8.04
C ASP B 18 39.96 5.29 6.81
N GLY B 19 39.41 5.03 5.63
CA GLY B 19 40.10 5.34 4.38
C GLY B 19 40.68 4.07 3.77
N GLY B 20 40.48 2.95 4.45
CA GLY B 20 40.88 1.65 3.95
C GLY B 20 40.08 1.25 2.72
N LEU B 21 40.65 0.38 1.92
CA LEU B 21 40.06 0.01 0.65
C LEU B 21 39.15 -1.19 0.86
N VAL B 22 37.88 -1.07 0.49
CA VAL B 22 36.97 -2.21 0.62
C VAL B 22 36.91 -3.05 -0.66
N LEU B 23 37.42 -4.27 -0.55
CA LEU B 23 37.62 -5.19 -1.67
C LEU B 23 36.70 -6.43 -1.50
N VAL B 24 35.85 -6.68 -2.49
CA VAL B 24 34.90 -7.75 -2.40
C VAL B 24 34.99 -8.78 -3.52
N ASP B 25 35.13 -10.05 -3.16
CA ASP B 25 35.01 -11.14 -4.11
C ASP B 25 33.62 -11.77 -4.04
N ILE B 26 32.69 -11.30 -4.87
CA ILE B 26 31.30 -11.75 -4.77
C ILE B 26 31.06 -13.21 -5.13
N TRP B 27 32.09 -13.91 -5.59
CA TRP B 27 31.93 -15.31 -5.99
C TRP B 27 32.41 -16.22 -4.90
N LYS B 28 32.92 -15.59 -3.84
CA LYS B 28 33.36 -16.32 -2.68
C LYS B 28 32.22 -17.18 -2.15
N ARG B 29 32.58 -18.29 -1.51
CA ARG B 29 31.62 -19.27 -0.99
C ARG B 29 32.11 -19.83 0.34
N GLY B 30 31.19 -20.05 1.26
CA GLY B 30 31.53 -20.61 2.55
C GLY B 30 31.46 -19.55 3.62
N GLY B 31 31.29 -19.98 4.86
CA GLY B 31 31.07 -19.05 5.96
C GLY B 31 29.77 -18.28 5.77
N ASP B 32 29.83 -16.97 5.93
CA ASP B 32 28.63 -16.17 5.80
C ASP B 32 28.44 -15.62 4.39
N ARG B 33 29.15 -16.21 3.43
CA ARG B 33 28.96 -15.88 2.02
C ARG B 33 28.37 -17.09 1.30
N THR B 34 27.04 -17.12 1.18
CA THR B 34 26.37 -18.31 0.67
C THR B 34 25.74 -18.08 -0.69
N ASN B 35 25.73 -16.83 -1.13
CA ASN B 35 25.30 -16.51 -2.48
C ASN B 35 26.07 -15.32 -3.01
N SER B 36 25.74 -14.89 -4.22
CA SER B 36 26.45 -13.79 -4.86
C SER B 36 25.49 -12.67 -5.18
N ASN B 37 24.33 -12.70 -4.54
CA ASN B 37 23.25 -11.78 -4.86
C ASN B 37 23.42 -10.47 -4.16
N TRP B 38 22.78 -9.44 -4.70
CA TRP B 38 22.88 -8.10 -4.16
C TRP B 38 21.53 -7.44 -4.01
N THR B 39 21.37 -6.74 -2.90
CA THR B 39 20.26 -5.83 -2.80
C THR B 39 20.83 -4.42 -2.73
N ILE B 40 20.42 -3.58 -3.65
CA ILE B 40 20.86 -2.20 -3.64
C ILE B 40 19.61 -1.34 -3.49
N LEU B 41 19.53 -0.65 -2.37
CA LEU B 41 18.31 0.10 -2.02
C LEU B 41 18.62 1.53 -1.62
N ALA B 42 17.82 2.46 -2.14
CA ALA B 42 18.05 3.88 -1.89
C ALA B 42 17.06 4.73 -2.66
N LYS B 43 16.86 5.98 -2.22
CA LYS B 43 15.95 6.87 -2.92
C LYS B 43 16.57 7.32 -4.23
N PRO B 44 15.75 7.83 -5.16
CA PRO B 44 16.22 8.37 -6.44
C PRO B 44 17.34 9.40 -6.25
N GLY B 45 18.48 9.16 -6.88
CA GLY B 45 19.59 10.10 -6.85
C GLY B 45 20.74 9.72 -5.94
N ALA B 46 20.55 8.74 -5.06
CA ALA B 46 21.58 8.42 -4.07
C ALA B 46 22.80 7.82 -4.72
N GLY B 47 22.61 7.35 -5.95
CA GLY B 47 23.69 6.75 -6.72
C GLY B 47 23.69 5.23 -6.79
N LYS B 48 22.51 4.64 -7.01
CA LYS B 48 22.34 3.19 -7.10
C LYS B 48 22.86 2.64 -8.42
N SER B 49 22.32 3.16 -9.51
CA SER B 49 22.67 2.68 -10.85
C SER B 49 24.14 2.95 -11.14
N PHE B 50 24.64 4.07 -10.66
CA PHE B 50 26.06 4.38 -10.79
C PHE B 50 26.85 3.30 -10.10
N THR B 51 26.51 3.01 -8.84
CA THR B 51 27.27 2.01 -8.08
C THR B 51 27.19 0.66 -8.75
N ALA B 52 26.10 0.42 -9.45
CA ALA B 52 25.89 -0.84 -10.13
C ALA B 52 26.80 -0.91 -11.34
N LYS B 53 26.88 0.21 -12.08
CA LYS B 53 27.77 0.30 -13.23
C LYS B 53 29.21 -0.05 -12.82
N MET B 54 29.67 0.53 -11.72
CA MET B 54 31.04 0.29 -11.28
C MET B 54 31.22 -1.18 -10.97
N LEU B 55 30.26 -1.73 -10.21
CA LEU B 55 30.19 -3.15 -9.93
C LEU B 55 30.23 -3.99 -11.21
N LEU B 56 29.33 -3.70 -12.15
CA LEU B 56 29.19 -4.53 -13.36
C LEU B 56 30.35 -4.36 -14.33
N LEU B 57 30.91 -3.15 -14.36
CA LEU B 57 32.08 -2.90 -15.19
C LEU B 57 33.20 -3.79 -14.68
N ARG B 58 33.45 -3.69 -13.38
CA ARG B 58 34.54 -4.44 -12.77
C ARG B 58 34.38 -5.96 -12.93
N GLU B 59 33.18 -6.48 -12.68
CA GLU B 59 32.92 -7.91 -12.83
C GLU B 59 33.08 -8.35 -14.28
N TYR B 60 32.51 -7.56 -15.19
CA TYR B 60 32.60 -7.86 -16.62
C TYR B 60 34.06 -7.93 -17.08
N MET B 61 34.85 -6.95 -16.65
CA MET B 61 36.28 -6.97 -16.92
C MET B 61 36.90 -8.29 -16.49
N GLN B 62 36.32 -8.91 -15.46
CA GLN B 62 36.89 -10.16 -14.93
C GLN B 62 36.28 -11.37 -15.60
N GLY B 63 35.36 -11.17 -16.53
CA GLY B 63 34.80 -12.29 -17.25
C GLY B 63 33.31 -12.53 -17.13
N SER B 64 32.67 -11.98 -16.09
CA SER B 64 31.24 -12.23 -15.89
C SER B 64 30.47 -11.76 -17.11
N ARG B 65 29.42 -12.49 -17.46
CA ARG B 65 28.47 -12.00 -18.45
C ARG B 65 27.47 -11.17 -17.70
N VAL B 66 26.85 -10.22 -18.38
CA VAL B 66 26.00 -9.26 -17.72
C VAL B 66 24.74 -9.10 -18.53
N ILE B 67 23.60 -9.22 -17.83
CA ILE B 67 22.27 -9.06 -18.40
C ILE B 67 21.56 -8.06 -17.48
N ILE B 68 21.00 -7.01 -18.06
CA ILE B 68 20.42 -5.95 -17.28
C ILE B 68 19.02 -5.65 -17.78
N ILE B 69 18.03 -5.64 -16.88
CA ILE B 69 16.74 -5.05 -17.24
C ILE B 69 16.74 -3.61 -16.78
N ASP B 70 16.47 -2.69 -17.70
CA ASP B 70 16.82 -1.29 -17.48
C ASP B 70 15.70 -0.36 -17.90
N PRO B 71 14.85 0.04 -16.95
CA PRO B 71 13.77 0.94 -17.31
C PRO B 71 14.17 2.42 -17.35
N GLU B 72 15.28 2.79 -16.70
CA GLU B 72 15.70 4.20 -16.61
C GLU B 72 16.58 4.62 -17.80
N ARG B 73 16.92 3.68 -18.66
CA ARG B 73 17.82 3.94 -19.77
C ARG B 73 19.15 4.43 -19.21
N GLU B 74 19.66 3.70 -18.23
CA GLU B 74 20.87 4.06 -17.52
C GLU B 74 22.10 3.36 -18.07
N TYR B 75 21.87 2.31 -18.86
CA TYR B 75 22.93 1.39 -19.23
C TYR B 75 23.17 1.30 -20.74
N LYS B 76 22.46 2.14 -21.49
CA LYS B 76 22.59 2.18 -22.94
C LYS B 76 24.01 2.53 -23.36
N GLU B 77 24.54 3.59 -22.76
CA GLU B 77 25.85 4.15 -23.13
C GLU B 77 26.99 3.22 -22.74
N MET B 78 26.88 2.59 -21.58
CA MET B 78 27.86 1.60 -21.16
C MET B 78 27.83 0.37 -22.08
N CYS B 79 26.65 0.05 -22.58
CA CYS B 79 26.49 -1.12 -23.42
C CYS B 79 27.19 -0.91 -24.75
N ARG B 80 27.08 0.31 -25.27
CA ARG B 80 27.76 0.70 -26.50
C ARG B 80 29.28 0.60 -26.30
N LYS B 81 29.79 1.34 -25.33
CA LYS B 81 31.21 1.34 -24.99
C LYS B 81 31.83 -0.05 -24.85
N LEU B 82 31.06 -1.02 -24.39
CA LEU B 82 31.59 -2.36 -24.18
C LEU B 82 31.32 -3.25 -25.37
N GLY B 83 30.56 -2.74 -26.33
CA GLY B 83 30.21 -3.48 -27.52
C GLY B 83 29.30 -4.67 -27.28
N GLY B 84 28.44 -4.58 -26.27
CA GLY B 84 27.47 -5.63 -26.01
C GLY B 84 26.26 -5.42 -26.91
N VAL B 85 25.18 -6.17 -26.68
CA VAL B 85 23.95 -5.96 -27.44
C VAL B 85 22.92 -5.21 -26.61
N TRP B 86 22.38 -4.15 -27.18
CA TRP B 86 21.36 -3.34 -26.53
C TRP B 86 20.04 -3.50 -27.24
N ILE B 87 19.04 -4.01 -26.52
CA ILE B 87 17.74 -4.28 -27.11
C ILE B 87 16.66 -3.38 -26.53
N ASN B 88 15.91 -2.75 -27.44
CA ASN B 88 14.79 -1.91 -27.10
C ASN B 88 13.56 -2.75 -27.20
N CYS B 89 13.00 -3.14 -26.06
CA CYS B 89 11.88 -4.08 -26.02
C CYS B 89 10.55 -3.46 -26.45
N THR B 90 10.28 -2.26 -26.00
CA THR B 90 9.07 -1.57 -26.44
C THR B 90 8.93 -1.64 -27.97
N GLY B 91 9.96 -1.21 -28.69
CA GLY B 91 9.99 -1.28 -30.14
C GLY B 91 9.69 -2.67 -30.70
N GLY B 92 9.90 -2.84 -32.01
CA GLY B 92 9.54 -4.07 -32.69
C GLY B 92 10.72 -4.98 -33.01
N GLU B 93 11.90 -4.37 -33.16
CA GLU B 93 13.13 -5.15 -33.32
C GLU B 93 13.49 -5.75 -31.97
N GLY B 94 12.81 -5.24 -30.94
CA GLY B 94 12.97 -5.74 -29.58
C GLY B 94 11.69 -6.31 -29.05
N LYS B 95 10.90 -6.93 -29.92
CA LYS B 95 9.63 -7.52 -29.51
C LYS B 95 9.84 -8.83 -28.74
N ILE B 96 9.47 -8.84 -27.48
CA ILE B 96 9.58 -10.05 -26.69
C ILE B 96 8.22 -10.72 -26.57
N ASN B 97 8.02 -11.79 -27.32
CA ASN B 97 6.72 -12.46 -27.36
C ASN B 97 6.42 -13.29 -26.11
N PRO B 98 5.41 -12.87 -25.33
CA PRO B 98 5.02 -13.53 -24.08
C PRO B 98 4.69 -14.99 -24.31
N LEU B 99 4.05 -15.30 -25.44
CA LEU B 99 3.63 -16.66 -25.71
C LEU B 99 4.77 -17.63 -26.06
N GLN B 100 5.97 -17.12 -26.29
CA GLN B 100 7.10 -18.00 -26.54
C GLN B 100 7.41 -18.77 -25.28
N VAL B 101 7.33 -20.09 -25.35
CA VAL B 101 7.57 -20.91 -24.18
C VAL B 101 9.02 -20.77 -23.77
N ARG B 102 9.25 -20.60 -22.48
CA ARG B 102 10.61 -20.63 -21.97
C ARG B 102 10.65 -21.31 -20.62
N LEU B 103 11.85 -21.66 -20.19
CA LEU B 103 12.04 -22.35 -18.92
C LEU B 103 12.03 -21.38 -17.73
N ARG B 104 11.17 -21.68 -16.75
CA ARG B 104 11.14 -20.91 -15.51
C ARG B 104 12.03 -21.61 -14.50
N PRO B 105 12.33 -20.95 -13.37
CA PRO B 105 13.23 -21.55 -12.37
C PRO B 105 12.55 -22.64 -11.55
N VAL B 115 11.52 -35.46 -11.92
CA VAL B 115 10.22 -35.69 -12.57
C VAL B 115 10.05 -34.81 -13.80
N PHE B 116 9.44 -35.38 -14.84
CA PHE B 116 9.16 -34.64 -16.06
C PHE B 116 8.18 -33.51 -15.81
N GLN B 117 8.45 -32.36 -16.41
CA GLN B 117 7.50 -31.26 -16.42
C GLN B 117 7.33 -30.77 -17.85
N SER B 118 6.09 -30.59 -18.27
CA SER B 118 5.82 -30.08 -19.60
C SER B 118 6.35 -28.65 -19.69
N PRO B 119 7.10 -28.34 -20.75
CA PRO B 119 7.55 -26.96 -20.81
C PRO B 119 6.38 -26.06 -21.11
N LEU B 120 5.42 -26.58 -21.89
CA LEU B 120 4.22 -25.80 -22.19
C LEU B 120 3.43 -25.53 -20.91
N ALA B 121 3.23 -26.57 -20.11
CA ALA B 121 2.45 -26.46 -18.89
C ALA B 121 3.08 -25.45 -17.95
N LEU B 122 4.38 -25.59 -17.73
CA LEU B 122 5.12 -24.63 -16.90
C LEU B 122 4.97 -23.20 -17.43
N HIS B 123 4.92 -23.04 -18.75
CA HIS B 123 4.80 -21.70 -19.31
C HIS B 123 3.37 -21.13 -19.20
N ILE B 124 2.38 -22.00 -19.24
CA ILE B 124 1.00 -21.57 -19.00
C ILE B 124 0.88 -20.97 -17.60
N GLN B 125 1.58 -21.53 -16.62
CA GLN B 125 1.64 -20.92 -15.29
C GLN B 125 2.19 -19.51 -15.43
N THR B 126 3.39 -19.41 -16.02
CA THR B 126 3.99 -18.12 -16.28
C THR B 126 3.00 -17.15 -16.92
N LEU B 127 2.23 -17.61 -17.89
CA LEU B 127 1.27 -16.72 -18.54
C LEU B 127 0.13 -16.32 -17.60
N ARG B 128 -0.23 -17.18 -16.64
CA ARG B 128 -1.22 -16.80 -15.63
C ARG B 128 -0.81 -15.49 -15.01
N THR B 129 0.43 -15.45 -14.53
CA THR B 129 0.95 -14.27 -13.86
C THR B 129 0.93 -13.06 -14.79
N PHE B 130 1.56 -13.21 -15.93
CA PHE B 130 1.61 -12.17 -16.95
C PHE B 130 0.24 -11.56 -17.27
N PHE B 131 -0.76 -12.38 -17.57
CA PHE B 131 -2.07 -11.81 -17.88
C PHE B 131 -2.78 -11.27 -16.64
N SER B 132 -2.43 -11.76 -15.46
CA SER B 132 -3.02 -11.17 -14.25
C SER B 132 -2.47 -9.78 -13.95
N LEU B 133 -1.16 -9.58 -14.19
CA LEU B 133 -0.54 -8.28 -13.98
C LEU B 133 -1.11 -7.27 -14.93
N TYR B 134 -1.38 -7.75 -16.14
CA TYR B 134 -1.80 -6.92 -17.26
C TYR B 134 -3.29 -6.73 -17.29
N LEU B 135 -3.98 -7.81 -16.93
CA LEU B 135 -5.43 -7.83 -16.91
C LEU B 135 -5.87 -8.08 -15.46
N ARG B 136 -6.07 -6.99 -14.73
CA ARG B 136 -6.09 -7.05 -13.28
C ARG B 136 -7.42 -7.46 -12.65
N ASP B 137 -8.51 -7.40 -13.41
CA ASP B 137 -9.80 -7.72 -12.84
C ASP B 137 -10.41 -8.97 -13.46
N LEU B 138 -9.56 -9.85 -14.00
CA LEU B 138 -10.02 -11.11 -14.59
C LEU B 138 -10.68 -11.99 -13.53
N THR B 139 -11.89 -12.50 -13.82
CA THR B 139 -12.58 -13.46 -12.94
C THR B 139 -12.01 -14.89 -13.07
N ASP B 140 -12.41 -15.77 -12.15
CA ASP B 140 -11.89 -17.14 -12.19
C ASP B 140 -12.41 -17.85 -13.45
N THR B 141 -13.55 -17.40 -13.94
CA THR B 141 -14.11 -17.96 -15.14
C THR B 141 -13.24 -17.55 -16.32
N GLU B 142 -12.91 -16.26 -16.36
CA GLU B 142 -12.07 -15.71 -17.39
C GLU B 142 -10.68 -16.31 -17.39
N LYS B 143 -10.09 -16.47 -16.23
CA LYS B 143 -8.76 -17.08 -16.14
C LYS B 143 -8.79 -18.49 -16.69
N ALA B 144 -9.83 -19.25 -16.37
CA ALA B 144 -9.95 -20.60 -16.86
C ALA B 144 -10.16 -20.63 -18.38
N ALA B 145 -11.01 -19.74 -18.89
CA ALA B 145 -11.25 -19.63 -20.33
C ALA B 145 -9.96 -19.30 -21.08
N LEU B 146 -9.23 -18.35 -20.51
CA LEU B 146 -7.96 -17.88 -21.07
C LEU B 146 -6.94 -19.02 -21.12
N GLU B 147 -6.71 -19.61 -19.97
CA GLU B 147 -5.78 -20.72 -19.85
C GLU B 147 -6.10 -21.80 -20.87
N ASP B 148 -7.38 -22.05 -21.06
CA ASP B 148 -7.81 -23.06 -22.01
C ASP B 148 -7.53 -22.63 -23.45
N ALA B 149 -7.80 -21.37 -23.75
CA ALA B 149 -7.60 -20.85 -25.10
C ALA B 149 -6.12 -20.91 -25.48
N LEU B 150 -5.26 -20.71 -24.49
CA LEU B 150 -3.83 -20.82 -24.70
C LEU B 150 -3.45 -22.19 -25.25
N VAL B 151 -3.88 -23.24 -24.55
CA VAL B 151 -3.51 -24.58 -24.95
C VAL B 151 -3.96 -24.84 -26.38
N GLU B 152 -5.12 -24.33 -26.76
CA GLU B 152 -5.61 -24.57 -28.12
C GLU B 152 -4.81 -23.75 -29.10
N VAL B 153 -4.52 -22.50 -28.74
CA VAL B 153 -3.76 -21.63 -29.61
C VAL B 153 -2.41 -22.29 -29.96
N TYR B 154 -1.71 -22.80 -28.95
CA TYR B 154 -0.49 -23.55 -29.18
C TYR B 154 -0.73 -24.73 -30.10
N LYS B 155 -1.65 -25.60 -29.70
CA LYS B 155 -2.04 -26.77 -30.48
C LYS B 155 -2.11 -26.45 -31.97
N GLU B 156 -2.78 -25.35 -32.32
CA GLU B 156 -2.96 -24.96 -33.71
C GLU B 156 -1.65 -24.52 -34.36
N ALA B 157 -0.70 -24.10 -33.55
CA ALA B 157 0.61 -23.69 -34.07
C ALA B 157 1.59 -24.85 -34.08
N GLY B 158 1.12 -26.04 -33.72
CA GLY B 158 1.98 -27.21 -33.68
C GLY B 158 2.79 -27.26 -32.39
N ILE B 159 2.16 -26.92 -31.27
CA ILE B 159 2.82 -27.03 -29.97
C ILE B 159 1.92 -27.68 -28.92
N THR B 160 2.44 -28.70 -28.25
CA THR B 160 1.70 -29.37 -27.17
C THR B 160 2.61 -29.71 -26.01
N TRP B 161 2.09 -30.57 -25.15
CA TRP B 161 2.70 -30.90 -23.88
C TRP B 161 4.16 -31.37 -23.91
N ASP B 162 4.46 -32.35 -24.76
CA ASP B 162 5.76 -32.99 -24.75
C ASP B 162 6.75 -32.29 -25.67
N THR B 163 6.34 -31.15 -26.22
CA THR B 163 7.17 -30.39 -27.15
C THR B 163 8.34 -29.73 -26.42
N ASP B 164 9.57 -30.02 -26.87
CA ASP B 164 10.73 -29.30 -26.39
C ASP B 164 10.86 -27.97 -27.14
N PRO B 165 10.83 -26.86 -26.39
CA PRO B 165 10.92 -25.52 -27.00
C PRO B 165 12.24 -25.24 -27.73
N ARG B 166 13.36 -25.80 -27.25
CA ARG B 166 14.66 -25.56 -27.89
C ARG B 166 14.59 -25.75 -29.41
N GLY B 167 13.76 -26.70 -29.84
CA GLY B 167 13.67 -27.01 -31.26
C GLY B 167 12.51 -26.37 -32.00
N VAL B 168 12.25 -25.09 -31.73
CA VAL B 168 11.26 -24.33 -32.50
C VAL B 168 11.65 -22.88 -32.73
N PRO B 169 11.56 -22.43 -34.00
CA PRO B 169 11.96 -21.08 -34.42
C PRO B 169 11.00 -20.03 -33.86
N ASN B 170 11.56 -18.87 -33.56
CA ASN B 170 10.80 -17.75 -33.02
C ASN B 170 9.54 -17.37 -33.79
N ASP B 171 9.57 -17.57 -35.10
CA ASP B 171 8.48 -17.09 -35.94
C ASP B 171 7.34 -18.10 -35.99
N LYS B 172 7.54 -19.24 -35.34
CA LYS B 172 6.50 -20.27 -35.31
C LYS B 172 5.59 -20.15 -34.09
N TRP B 173 6.08 -19.50 -33.04
CA TRP B 173 5.28 -19.30 -31.82
C TRP B 173 4.01 -18.52 -32.12
N PRO B 174 2.89 -18.95 -31.52
CA PRO B 174 1.68 -18.12 -31.62
C PRO B 174 1.92 -16.83 -30.86
N THR B 175 1.07 -15.84 -31.05
CA THR B 175 1.24 -14.56 -30.37
C THR B 175 -0.09 -14.12 -29.79
N VAL B 176 -0.11 -12.97 -29.11
CA VAL B 176 -1.36 -12.48 -28.53
C VAL B 176 -2.36 -12.23 -29.66
N LYS B 177 -1.86 -12.19 -30.89
CA LYS B 177 -2.71 -12.01 -32.06
C LYS B 177 -3.64 -13.20 -32.20
N GLU B 178 -3.04 -14.38 -32.28
CA GLU B 178 -3.79 -15.62 -32.45
C GLU B 178 -4.67 -15.90 -31.24
N LEU B 179 -4.13 -15.68 -30.05
CA LEU B 179 -4.90 -15.83 -28.84
C LEU B 179 -6.19 -15.02 -28.92
N TYR B 180 -6.05 -13.77 -29.33
CA TYR B 180 -7.18 -12.85 -29.37
C TYR B 180 -8.23 -13.28 -30.37
N GLU B 181 -7.77 -13.70 -31.54
CA GLU B 181 -8.70 -14.06 -32.60
C GLU B 181 -9.43 -15.33 -32.20
N TYR B 182 -8.73 -16.20 -31.49
CA TYR B 182 -9.35 -17.41 -30.96
C TYR B 182 -10.47 -17.07 -29.98
N CYS B 183 -10.17 -16.23 -28.99
CA CYS B 183 -11.20 -15.85 -28.01
C CYS B 183 -12.37 -15.13 -28.66
N VAL B 184 -12.12 -14.44 -29.77
CA VAL B 184 -13.22 -13.78 -30.47
C VAL B 184 -14.21 -14.81 -30.99
N LYS B 185 -13.71 -15.84 -31.66
CA LYS B 185 -14.55 -16.89 -32.23
C LYS B 185 -15.22 -17.79 -31.16
N LYS B 186 -14.53 -18.00 -30.04
CA LYS B 186 -15.16 -18.74 -28.95
C LYS B 186 -16.26 -17.89 -28.32
N ALA B 187 -16.06 -16.58 -28.29
CA ALA B 187 -17.05 -15.67 -27.73
C ALA B 187 -18.34 -15.74 -28.52
N GLU B 188 -18.30 -16.44 -29.64
CA GLU B 188 -19.47 -16.58 -30.50
C GLU B 188 -20.48 -17.58 -29.95
N GLU B 189 -19.99 -18.65 -29.32
CA GLU B 189 -20.90 -19.61 -28.70
C GLU B 189 -20.92 -19.45 -27.20
N ASN B 190 -19.94 -18.71 -26.68
CA ASN B 190 -19.82 -18.51 -25.24
C ASN B 190 -19.60 -17.05 -24.86
N PRO B 191 -20.52 -16.17 -25.27
CA PRO B 191 -20.38 -14.71 -25.15
C PRO B 191 -20.27 -14.23 -23.70
N GLU B 192 -20.83 -14.99 -22.75
CA GLU B 192 -20.77 -14.60 -21.35
C GLU B 192 -19.43 -14.97 -20.72
N THR B 193 -18.82 -16.06 -21.20
CA THR B 193 -17.50 -16.46 -20.70
C THR B 193 -16.35 -15.78 -21.45
N TYR B 194 -16.51 -15.61 -22.75
CA TYR B 194 -15.38 -15.22 -23.59
C TYR B 194 -15.43 -13.77 -24.12
N GLY B 195 -16.62 -13.18 -24.16
CA GLY B 195 -16.80 -11.86 -24.71
C GLY B 195 -15.85 -10.80 -24.19
N ARG B 196 -16.08 -10.40 -22.94
CA ARG B 196 -15.25 -9.38 -22.29
C ARG B 196 -13.76 -9.72 -22.38
N LEU B 197 -13.42 -10.98 -22.10
CA LEU B 197 -12.04 -11.45 -22.18
C LEU B 197 -11.46 -11.11 -23.56
N SER B 198 -12.31 -11.23 -24.58
CA SER B 198 -11.89 -11.04 -25.95
C SER B 198 -11.67 -9.55 -26.26
N VAL B 199 -12.57 -8.69 -25.80
CA VAL B 199 -12.34 -7.26 -25.95
C VAL B 199 -11.07 -6.82 -25.20
N LEU B 200 -10.92 -7.23 -23.95
CA LEU B 200 -9.74 -6.86 -23.19
C LEU B 200 -8.47 -7.28 -23.92
N LEU B 201 -8.54 -8.40 -24.61
CA LEU B 201 -7.40 -9.00 -25.30
C LEU B 201 -7.10 -8.30 -26.61
N LYS B 202 -8.10 -7.67 -27.20
CA LYS B 202 -7.94 -6.87 -28.42
C LYS B 202 -6.89 -5.79 -28.21
N ARG B 203 -6.86 -5.25 -26.99
CA ARG B 203 -5.93 -4.19 -26.68
C ARG B 203 -4.51 -4.64 -26.97
N ALA B 204 -4.17 -5.86 -26.54
CA ALA B 204 -2.81 -6.35 -26.64
C ALA B 204 -2.46 -6.83 -28.05
N ALA B 205 -3.47 -7.10 -28.86
CA ALA B 205 -3.25 -7.73 -30.15
C ALA B 205 -3.30 -6.75 -31.33
N GLU B 206 -4.23 -5.80 -31.25
CA GLU B 206 -4.45 -4.85 -32.33
C GLU B 206 -4.51 -3.43 -31.81
N GLY B 207 -4.45 -3.26 -30.50
CA GLY B 207 -4.70 -1.96 -29.90
C GLY B 207 -3.48 -1.23 -29.38
N ALA B 208 -3.72 -0.32 -28.44
CA ALA B 208 -2.72 0.58 -27.90
C ALA B 208 -1.43 -0.10 -27.42
N ASP B 209 -1.57 -1.28 -26.82
CA ASP B 209 -0.43 -1.99 -26.24
C ASP B 209 0.14 -3.03 -27.21
N SER B 210 -0.37 -3.04 -28.44
CA SER B 210 0.06 -4.04 -29.41
C SER B 210 1.54 -3.92 -29.85
N TYR B 211 2.07 -2.71 -29.90
CA TYR B 211 3.46 -2.54 -30.32
C TYR B 211 4.36 -3.41 -29.45
N LEU B 212 3.89 -3.77 -28.26
CA LEU B 212 4.72 -4.51 -27.30
C LEU B 212 4.85 -6.01 -27.56
N TRP B 213 3.78 -6.60 -28.08
CA TRP B 213 3.59 -8.04 -27.93
C TRP B 213 3.17 -8.76 -29.20
N ALA B 214 2.32 -8.12 -29.99
CA ALA B 214 1.82 -8.73 -31.22
C ALA B 214 2.94 -8.88 -32.23
N GLY B 215 3.59 -10.04 -32.22
CA GLY B 215 4.71 -10.30 -33.08
C GLY B 215 5.61 -11.34 -32.44
N PRO B 216 6.41 -12.04 -33.25
CA PRO B 216 7.33 -13.06 -32.75
C PRO B 216 8.55 -12.39 -32.16
N THR B 217 9.11 -12.97 -31.09
CA THR B 217 10.34 -12.44 -30.52
C THR B 217 11.32 -12.08 -31.63
N ALA B 218 11.78 -10.84 -31.59
CA ALA B 218 12.70 -10.32 -32.60
C ALA B 218 14.12 -10.40 -32.08
N VAL B 219 14.25 -10.21 -30.76
CA VAL B 219 15.55 -10.25 -30.10
C VAL B 219 16.31 -11.55 -30.43
N GLU B 220 17.63 -11.48 -30.29
CA GLU B 220 18.51 -12.63 -30.51
C GLU B 220 19.31 -12.88 -29.24
N ALA B 221 19.81 -11.79 -28.64
CA ALA B 221 20.45 -11.83 -27.33
C ALA B 221 21.60 -12.82 -27.24
N ASP B 222 22.73 -12.48 -27.85
CA ASP B 222 23.92 -13.31 -27.74
C ASP B 222 25.19 -12.48 -27.57
N SER B 223 25.39 -11.99 -26.35
CA SER B 223 26.52 -11.14 -26.03
C SER B 223 27.04 -11.57 -24.67
N ASP B 224 27.92 -10.79 -24.08
CA ASP B 224 28.32 -11.01 -22.70
C ASP B 224 27.88 -9.79 -21.92
N PHE B 225 27.31 -8.82 -22.66
CA PHE B 225 26.73 -7.63 -22.05
C PHE B 225 25.42 -7.26 -22.74
N ILE B 226 24.34 -7.88 -22.30
CA ILE B 226 23.03 -7.62 -22.87
C ILE B 226 22.30 -6.66 -21.94
N VAL B 227 21.70 -5.60 -22.48
CA VAL B 227 20.75 -4.83 -21.68
C VAL B 227 19.40 -4.84 -22.34
N PHE B 228 18.36 -5.04 -21.53
CA PHE B 228 17.01 -5.00 -22.02
C PHE B 228 16.39 -3.67 -21.64
N ASP B 229 16.15 -2.81 -22.63
CA ASP B 229 15.65 -1.46 -22.38
C ASP B 229 14.13 -1.41 -22.45
N VAL B 230 13.51 -0.99 -21.35
CA VAL B 230 12.07 -0.83 -21.29
C VAL B 230 11.71 0.57 -20.80
N HIS B 231 12.52 1.54 -21.20
CA HIS B 231 12.34 2.93 -20.81
C HIS B 231 11.16 3.61 -21.51
N ASP B 232 10.95 3.27 -22.78
CA ASP B 232 9.89 3.88 -23.58
C ASP B 232 8.53 3.38 -23.13
N LEU B 233 8.44 3.02 -21.85
CA LEU B 233 7.19 2.59 -21.24
C LEU B 233 7.04 3.26 -19.88
N GLN B 234 7.93 4.20 -19.58
CA GLN B 234 8.01 4.80 -18.25
C GLN B 234 6.78 5.65 -17.93
N ASN B 235 6.01 5.98 -18.96
CA ASN B 235 4.79 6.73 -18.80
C ASN B 235 3.56 5.95 -19.27
N ALA B 236 3.68 4.62 -19.27
CA ALA B 236 2.53 3.76 -19.54
C ALA B 236 1.79 3.44 -18.25
N GLU B 237 0.56 2.94 -18.37
CA GLU B 237 -0.21 2.49 -17.21
C GLU B 237 0.56 1.46 -16.39
N ASP B 238 0.46 1.57 -15.07
CA ASP B 238 1.15 0.68 -14.13
C ASP B 238 1.14 -0.77 -14.59
N GLN B 239 -0.02 -1.22 -15.04
CA GLN B 239 -0.24 -2.63 -15.28
C GLN B 239 0.53 -3.11 -16.52
N VAL B 240 0.78 -2.20 -17.46
CA VAL B 240 1.62 -2.51 -18.60
C VAL B 240 3.08 -2.54 -18.18
N LYS B 241 3.40 -1.70 -17.21
CA LYS B 241 4.74 -1.68 -16.65
C LYS B 241 5.11 -3.03 -16.05
N ARG B 242 4.30 -3.50 -15.11
CA ARG B 242 4.58 -4.76 -14.44
C ARG B 242 4.60 -5.92 -15.44
N ALA B 243 3.65 -5.91 -16.37
CA ALA B 243 3.46 -7.04 -17.25
C ALA B 243 4.65 -7.17 -18.21
N GLN B 244 5.10 -6.05 -18.76
CA GLN B 244 6.20 -6.07 -19.72
C GLN B 244 7.46 -6.42 -18.96
N TYR B 245 7.61 -5.81 -17.79
CA TYR B 245 8.74 -6.11 -16.93
C TYR B 245 8.86 -7.62 -16.64
N PHE B 246 7.76 -8.24 -16.21
CA PHE B 246 7.77 -9.67 -15.88
C PHE B 246 8.11 -10.52 -17.12
N ASN B 247 7.49 -10.17 -18.25
CA ASN B 247 7.75 -10.78 -19.53
C ASN B 247 9.25 -10.74 -19.87
N VAL B 248 9.87 -9.57 -19.70
CA VAL B 248 11.28 -9.43 -19.96
C VAL B 248 12.12 -10.25 -18.99
N LEU B 249 11.77 -10.24 -17.72
CA LEU B 249 12.53 -10.97 -16.72
C LEU B 249 12.50 -12.46 -17.02
N SER B 250 11.34 -12.94 -17.46
CA SER B 250 11.15 -14.34 -17.84
C SER B 250 12.09 -14.68 -18.99
N PHE B 251 12.15 -13.77 -19.96
CA PHE B 251 13.01 -13.93 -21.13
C PHE B 251 14.51 -13.92 -20.80
N ALA B 252 14.92 -13.02 -19.90
CA ALA B 252 16.31 -12.93 -19.49
C ALA B 252 16.74 -14.17 -18.72
N TRP B 253 15.84 -14.70 -17.90
CA TRP B 253 16.19 -15.86 -17.11
C TRP B 253 16.39 -17.05 -18.06
N ASN B 254 15.52 -17.13 -19.05
CA ASN B 254 15.61 -18.13 -20.08
C ASN B 254 17.00 -18.18 -20.73
N ILE B 255 17.56 -17.02 -21.01
CA ILE B 255 18.90 -16.92 -21.59
C ILE B 255 19.92 -17.58 -20.69
N LEU B 256 19.84 -17.28 -19.40
CA LEU B 256 20.76 -17.86 -18.44
C LEU B 256 20.52 -19.38 -18.34
N GLU B 257 19.27 -19.79 -18.51
CA GLU B 257 18.88 -21.18 -18.37
C GLU B 257 19.31 -22.04 -19.55
N ARG B 258 19.21 -21.50 -20.76
CA ARG B 258 19.60 -22.23 -21.96
C ARG B 258 21.10 -22.52 -21.92
N ASP B 259 21.92 -21.48 -21.96
CA ASP B 259 23.37 -21.66 -21.86
C ASP B 259 23.85 -21.38 -20.44
N ARG B 260 24.17 -22.43 -19.70
CA ARG B 260 24.38 -22.30 -18.26
C ARG B 260 25.71 -21.63 -17.88
N ARG B 261 26.04 -20.53 -18.54
CA ARG B 261 27.31 -19.82 -18.31
C ARG B 261 27.47 -19.35 -16.87
N GLU B 262 28.51 -19.85 -16.23
CA GLU B 262 28.77 -19.53 -14.83
C GLU B 262 29.12 -18.06 -14.67
N ARG B 263 28.92 -17.54 -13.46
CA ARG B 263 29.21 -16.15 -13.14
C ARG B 263 28.47 -15.14 -14.03
N THR B 264 27.21 -15.45 -14.36
CA THR B 264 26.35 -14.47 -15.00
C THR B 264 25.77 -13.55 -13.94
N VAL B 265 25.66 -12.27 -14.28
CA VAL B 265 25.07 -11.31 -13.35
C VAL B 265 23.80 -10.76 -13.97
N LEU B 266 22.67 -11.16 -13.39
CA LEU B 266 21.37 -10.69 -13.84
C LEU B 266 20.96 -9.50 -12.96
N VAL B 267 20.70 -8.37 -13.61
CA VAL B 267 20.46 -7.11 -12.90
C VAL B 267 19.05 -6.63 -13.21
N VAL B 268 18.25 -6.49 -12.17
CA VAL B 268 16.90 -5.96 -12.33
C VAL B 268 16.79 -4.62 -11.61
N ASP B 269 16.73 -3.57 -12.41
CA ASP B 269 16.80 -2.21 -11.90
C ASP B 269 15.41 -1.61 -11.76
N GLU B 270 15.22 -0.75 -10.77
CA GLU B 270 13.87 -0.32 -10.39
C GLU B 270 12.93 -1.53 -10.22
N ALA B 271 13.39 -2.52 -9.46
CA ALA B 271 12.63 -3.77 -9.31
C ALA B 271 11.23 -3.59 -8.73
N TRP B 272 10.96 -2.45 -8.08
CA TRP B 272 9.64 -2.26 -7.47
C TRP B 272 8.54 -2.34 -8.53
N MET B 273 8.91 -2.11 -9.78
CA MET B 273 7.96 -2.17 -10.89
C MET B 273 7.35 -3.56 -11.11
N LEU B 274 7.96 -4.58 -10.52
CA LEU B 274 7.43 -5.93 -10.59
C LEU B 274 6.34 -6.14 -9.54
N VAL B 275 6.34 -5.32 -8.50
CA VAL B 275 5.50 -5.57 -7.34
C VAL B 275 4.04 -5.21 -7.57
N ASP B 276 3.15 -6.20 -7.40
CA ASP B 276 1.72 -5.95 -7.44
C ASP B 276 1.01 -6.73 -6.33
N PRO B 277 0.36 -6.02 -5.41
CA PRO B 277 -0.39 -6.58 -4.27
C PRO B 277 -1.31 -7.74 -4.62
N GLN B 278 -1.98 -7.69 -5.77
CA GLN B 278 -2.99 -8.70 -6.08
C GLN B 278 -2.43 -9.85 -6.94
N THR B 279 -1.21 -9.66 -7.46
CA THR B 279 -0.53 -10.70 -8.21
C THR B 279 0.92 -10.80 -7.70
N PRO B 280 1.08 -11.26 -6.46
CA PRO B 280 2.41 -11.27 -5.84
C PRO B 280 3.33 -12.33 -6.41
N GLN B 281 2.81 -13.20 -7.29
CA GLN B 281 3.59 -14.25 -7.94
C GLN B 281 4.82 -13.70 -8.71
N ALA B 282 4.68 -12.54 -9.35
CA ALA B 282 5.81 -11.96 -10.06
C ALA B 282 7.01 -11.76 -9.15
N ILE B 283 6.77 -11.28 -7.93
CA ILE B 283 7.86 -11.11 -6.97
C ILE B 283 8.38 -12.47 -6.53
N ALA B 284 7.49 -13.46 -6.50
CA ALA B 284 7.90 -14.81 -6.14
C ALA B 284 8.74 -15.42 -7.25
N PHE B 285 8.37 -15.12 -8.49
CA PHE B 285 9.20 -15.48 -9.63
C PHE B 285 10.60 -14.92 -9.48
N LEU B 286 10.70 -13.66 -9.06
CA LEU B 286 12.00 -13.03 -8.84
C LEU B 286 12.71 -13.73 -7.70
N ARG B 287 12.00 -13.95 -6.61
CA ARG B 287 12.62 -14.59 -5.45
C ARG B 287 13.14 -15.99 -5.80
N ASP B 288 12.46 -16.68 -6.70
CA ASP B 288 12.89 -17.99 -7.15
C ASP B 288 14.19 -17.90 -7.93
N THR B 289 14.28 -16.88 -8.78
CA THR B 289 15.50 -16.55 -9.50
C THR B 289 16.70 -16.37 -8.55
N SER B 290 16.55 -15.51 -7.54
CA SER B 290 17.63 -15.32 -6.57
C SER B 290 18.15 -16.66 -6.09
N LYS B 291 17.29 -17.66 -6.15
CA LYS B 291 17.61 -18.96 -5.59
C LYS B 291 18.22 -19.88 -6.64
N ARG B 292 17.60 -19.93 -7.80
CA ARG B 292 18.08 -20.79 -8.87
C ARG B 292 19.43 -20.27 -9.37
N ILE B 293 19.56 -18.94 -9.49
CA ILE B 293 20.82 -18.35 -9.97
C ILE B 293 22.03 -18.80 -9.16
N ARG B 294 21.82 -19.05 -7.86
CA ARG B 294 22.89 -19.56 -7.01
C ARG B 294 23.36 -20.93 -7.53
N LYS B 295 22.41 -21.74 -7.98
CA LYS B 295 22.75 -23.07 -8.48
C LYS B 295 23.64 -22.95 -9.70
N TYR B 296 23.40 -21.92 -10.51
CA TYR B 296 24.15 -21.73 -11.75
C TYR B 296 25.38 -20.87 -11.52
N ASN B 297 25.79 -20.79 -10.26
CA ASN B 297 26.89 -19.93 -9.82
C ASN B 297 26.79 -18.52 -10.40
N GLY B 298 25.59 -17.97 -10.34
CA GLY B 298 25.30 -16.64 -10.85
C GLY B 298 25.10 -15.62 -9.76
N SER B 299 24.59 -14.45 -10.15
CA SER B 299 24.34 -13.38 -9.20
C SER B 299 23.12 -12.60 -9.64
N LEU B 300 22.09 -12.57 -8.79
CA LEU B 300 20.94 -11.72 -9.01
C LEU B 300 21.17 -10.41 -8.28
N ILE B 301 20.97 -9.31 -8.97
CA ILE B 301 21.19 -8.00 -8.39
C ILE B 301 19.93 -7.19 -8.50
N VAL B 302 19.29 -6.97 -7.36
CA VAL B 302 18.04 -6.23 -7.33
C VAL B 302 18.32 -4.82 -6.85
N ILE B 303 17.81 -3.85 -7.59
CA ILE B 303 18.10 -2.44 -7.35
C ILE B 303 16.78 -1.69 -7.29
N SER B 304 16.56 -0.88 -6.26
CA SER B 304 15.25 -0.28 -6.11
C SER B 304 15.14 0.87 -5.09
N GLN B 305 14.33 1.87 -5.44
CA GLN B 305 13.71 2.73 -4.45
C GLN B 305 12.46 1.99 -4.02
N ASN B 306 11.48 2.70 -3.46
CA ASN B 306 10.18 2.13 -3.09
C ASN B 306 10.25 0.78 -2.38
N VAL B 307 11.18 0.62 -1.43
CA VAL B 307 11.27 -0.66 -0.73
C VAL B 307 10.01 -1.16 0.00
N ILE B 308 9.20 -0.24 0.55
CA ILE B 308 7.98 -0.63 1.28
C ILE B 308 7.00 -1.41 0.41
N ASP B 309 7.03 -1.17 -0.90
CA ASP B 309 6.21 -1.89 -1.85
C ASP B 309 6.48 -3.40 -1.78
N PHE B 310 7.71 -3.76 -1.42
CA PHE B 310 8.11 -5.17 -1.36
C PHE B 310 7.67 -5.73 -0.04
N LEU B 311 7.29 -4.83 0.87
CA LEU B 311 6.97 -5.23 2.22
C LEU B 311 5.46 -5.24 2.52
N ALA B 312 4.63 -4.80 1.59
CA ALA B 312 3.18 -4.87 1.74
C ALA B 312 2.73 -6.30 2.07
N PRO B 313 1.63 -6.44 2.82
CA PRO B 313 1.09 -7.72 3.33
C PRO B 313 0.95 -8.83 2.28
N GLU B 314 0.45 -8.50 1.10
CA GLU B 314 0.28 -9.53 0.07
C GLU B 314 1.58 -10.04 -0.56
N VAL B 315 2.68 -9.28 -0.39
CA VAL B 315 3.94 -9.63 -1.07
C VAL B 315 5.09 -9.95 -0.11
N GLN B 316 4.98 -9.51 1.13
CA GLN B 316 6.10 -9.58 2.07
C GLN B 316 6.72 -10.96 2.25
N ARG B 317 5.91 -12.01 2.13
CA ARG B 317 6.46 -13.36 2.22
C ARG B 317 7.60 -13.49 1.22
N TYR B 318 7.36 -12.96 0.02
CA TYR B 318 8.33 -12.98 -1.05
C TYR B 318 9.32 -11.83 -0.97
N GLY B 319 8.80 -10.63 -0.78
CA GLY B 319 9.64 -9.42 -0.79
C GLY B 319 10.76 -9.47 0.22
N GLN B 320 10.47 -10.04 1.38
CA GLN B 320 11.41 -10.01 2.48
C GLN B 320 12.59 -10.93 2.22
N ALA B 321 12.31 -12.14 1.75
CA ALA B 321 13.38 -13.07 1.40
C ALA B 321 14.20 -12.48 0.25
N LEU B 322 13.50 -12.04 -0.78
CA LEU B 322 14.11 -11.33 -1.89
C LEU B 322 15.14 -10.30 -1.43
N LEU B 323 14.76 -9.46 -0.48
CA LEU B 323 15.61 -8.32 -0.10
C LEU B 323 16.61 -8.61 1.02
N ASP B 324 16.30 -9.57 1.87
CA ASP B 324 17.19 -9.85 3.00
C ASP B 324 18.01 -11.13 2.85
N ASN B 325 17.68 -11.96 1.87
CA ASN B 325 18.43 -13.20 1.67
C ASN B 325 19.82 -13.04 1.04
N PRO B 326 19.99 -12.05 0.14
CA PRO B 326 21.28 -11.79 -0.50
C PRO B 326 22.43 -11.59 0.49
N THR B 327 23.54 -12.25 0.19
CA THR B 327 24.79 -12.07 0.90
C THR B 327 25.23 -10.61 0.92
N TYR B 328 25.04 -9.92 -0.20
CA TYR B 328 25.52 -8.54 -0.33
C TYR B 328 24.39 -7.55 -0.40
N LYS B 329 24.52 -6.45 0.33
CA LYS B 329 23.55 -5.38 0.30
C LYS B 329 24.30 -4.07 0.26
N LEU B 330 23.78 -3.12 -0.48
CA LEU B 330 24.27 -1.73 -0.42
C LEU B 330 23.07 -0.87 -0.07
N LEU B 331 23.19 -0.16 1.04
CA LEU B 331 22.11 0.72 1.48
C LEU B 331 22.64 2.14 1.47
N LEU B 332 22.13 2.96 0.56
CA LEU B 332 22.53 4.35 0.47
C LEU B 332 21.45 5.22 1.13
N ALA B 333 21.35 6.48 0.70
CA ALA B 333 20.37 7.40 1.27
C ALA B 333 18.93 6.92 1.06
N GLN B 334 18.17 6.89 2.15
CA GLN B 334 16.80 6.43 2.12
C GLN B 334 15.80 7.55 2.39
N GLY B 335 14.64 7.44 1.76
CA GLY B 335 13.50 8.25 2.14
C GLY B 335 12.98 7.82 3.50
N GLU B 336 12.09 8.62 4.07
CA GLU B 336 11.52 8.37 5.40
C GLU B 336 10.91 6.97 5.59
N LYS B 337 9.89 6.64 4.81
CA LYS B 337 9.20 5.36 4.98
C LYS B 337 10.17 4.18 4.81
N ASP B 338 10.92 4.21 3.71
CA ASP B 338 11.85 3.14 3.42
C ASP B 338 12.89 3.02 4.52
N LEU B 339 13.26 4.14 5.13
CA LEU B 339 14.30 4.07 6.16
C LEU B 339 13.82 3.22 7.34
N GLU B 340 12.65 3.55 7.86
CA GLU B 340 12.06 2.77 8.93
C GLU B 340 11.80 1.33 8.52
N ALA B 341 11.23 1.14 7.33
CA ALA B 341 10.98 -0.22 6.86
C ALA B 341 12.28 -1.03 6.82
N ILE B 342 13.37 -0.41 6.38
CA ILE B 342 14.66 -1.09 6.32
C ILE B 342 15.32 -1.25 7.68
N THR B 343 15.21 -0.22 8.51
CA THR B 343 15.81 -0.25 9.84
C THR B 343 15.35 -1.48 10.61
N THR B 344 14.10 -1.87 10.41
CA THR B 344 13.52 -2.96 11.19
C THR B 344 13.65 -4.31 10.48
N LEU B 345 13.62 -4.30 9.15
CA LEU B 345 13.81 -5.54 8.42
C LEU B 345 15.20 -6.13 8.65
N MET B 346 16.22 -5.27 8.64
CA MET B 346 17.60 -5.70 8.67
C MET B 346 18.26 -5.47 10.02
N ASN B 347 17.50 -4.89 10.95
CA ASN B 347 17.99 -4.55 12.28
C ASN B 347 19.15 -3.55 12.30
N LEU B 348 18.95 -2.41 11.69
CA LEU B 348 19.96 -1.36 11.73
C LEU B 348 20.11 -0.87 13.15
N SER B 349 21.34 -0.57 13.53
CA SER B 349 21.61 0.02 14.84
C SER B 349 21.08 1.45 14.84
N GLU B 350 21.31 2.17 15.94
CA GLU B 350 20.89 3.56 16.03
C GLU B 350 21.74 4.43 15.11
N ALA B 351 23.04 4.17 15.09
CA ALA B 351 23.97 4.95 14.28
C ALA B 351 23.90 4.60 12.80
N GLU B 352 23.63 3.34 12.49
CA GLU B 352 23.47 2.92 11.10
C GLU B 352 22.21 3.56 10.53
N HIS B 353 21.24 3.81 11.41
CA HIS B 353 19.99 4.46 11.02
C HIS B 353 20.28 5.90 10.67
N ASP B 354 20.88 6.64 11.62
CA ASP B 354 21.17 8.06 11.43
C ASP B 354 22.09 8.30 10.24
N LEU B 355 23.07 7.40 10.06
CA LEU B 355 23.95 7.44 8.91
C LEU B 355 23.16 7.55 7.61
N LEU B 356 22.13 6.72 7.49
CA LEU B 356 21.31 6.69 6.27
C LEU B 356 20.47 7.96 6.11
N VAL B 357 20.19 8.65 7.21
CA VAL B 357 19.43 9.89 7.13
C VAL B 357 20.20 10.96 6.36
N ASN B 358 21.46 11.15 6.72
CA ASN B 358 22.28 12.24 6.19
C ASN B 358 23.23 11.85 5.05
N ALA B 359 23.01 10.67 4.48
CA ALA B 359 23.95 10.12 3.52
C ALA B 359 24.16 11.03 2.31
N LYS B 360 25.42 11.31 1.98
CA LYS B 360 25.73 12.03 0.75
C LYS B 360 25.69 11.05 -0.41
N ARG B 361 25.60 11.56 -1.62
CA ARG B 361 25.62 10.69 -2.79
C ARG B 361 26.79 9.70 -2.69
N GLY B 362 26.53 8.46 -3.08
CA GLY B 362 27.56 7.42 -3.04
C GLY B 362 27.99 6.99 -1.65
N GLU B 363 27.29 7.47 -0.62
CA GLU B 363 27.59 7.06 0.77
C GLU B 363 26.45 6.26 1.44
N GLY B 364 26.82 5.25 2.22
CA GLY B 364 25.83 4.46 2.94
C GLY B 364 26.41 3.31 3.75
N LEU B 365 25.64 2.22 3.83
CA LEU B 365 26.06 1.01 4.53
C LEU B 365 26.26 -0.14 3.56
N PHE B 366 27.39 -0.83 3.69
CA PHE B 366 27.67 -2.00 2.86
C PHE B 366 27.58 -3.32 3.65
N VAL B 367 26.83 -4.27 3.13
CA VAL B 367 26.65 -5.51 3.84
C VAL B 367 27.22 -6.67 3.07
N ALA B 368 28.20 -7.33 3.69
CA ALA B 368 28.76 -8.55 3.16
C ALA B 368 28.56 -9.63 4.21
N GLY B 369 27.70 -10.59 3.90
CA GLY B 369 27.37 -11.63 4.84
C GLY B 369 26.79 -11.02 6.09
N THR B 370 27.44 -11.30 7.23
CA THR B 370 27.02 -10.77 8.52
C THR B 370 27.66 -9.44 8.84
N GLN B 371 28.49 -8.92 7.94
CA GLN B 371 29.25 -7.72 8.26
C GLN B 371 28.69 -6.46 7.61
N ARG B 372 28.42 -5.46 8.44
CA ARG B 372 27.93 -4.18 7.96
C ARG B 372 28.96 -3.11 8.25
N ILE B 373 29.30 -2.34 7.22
CA ILE B 373 30.23 -1.23 7.42
C ILE B 373 29.76 0.02 6.71
N HIS B 374 30.21 1.17 7.19
CA HIS B 374 30.01 2.44 6.50
C HIS B 374 30.89 2.49 5.25
N ILE B 375 30.30 2.84 4.12
CA ILE B 375 31.02 2.83 2.85
C ILE B 375 30.87 4.12 2.06
N LYS B 376 31.86 4.36 1.20
CA LYS B 376 31.84 5.49 0.28
C LYS B 376 32.22 4.98 -1.10
N ILE B 377 31.24 4.98 -2.01
CA ILE B 377 31.48 4.40 -3.34
C ILE B 377 32.40 5.26 -4.19
N GLU B 378 33.55 4.73 -4.54
CA GLU B 378 34.49 5.50 -5.37
C GLU B 378 34.87 4.78 -6.65
N ALA B 379 34.90 5.53 -7.74
CA ALA B 379 35.31 5.02 -9.03
C ALA B 379 36.65 5.62 -9.42
N ALA B 380 37.26 5.06 -10.46
CA ALA B 380 38.52 5.57 -10.98
C ALA B 380 38.23 6.32 -12.29
N PRO B 381 38.93 7.44 -12.52
CA PRO B 381 38.69 8.29 -13.70
C PRO B 381 38.68 7.54 -15.04
N TYR B 382 39.53 6.53 -15.20
CA TYR B 382 39.53 5.81 -16.47
C TYR B 382 38.24 5.01 -16.64
N GLU B 383 37.60 4.69 -15.51
CA GLU B 383 36.36 3.95 -15.50
C GLU B 383 35.16 4.80 -15.90
N MET B 384 35.03 5.97 -15.27
CA MET B 384 33.92 6.86 -15.55
C MET B 384 33.97 7.32 -17.00
N GLN B 385 34.89 6.70 -17.75
CA GLN B 385 35.00 6.84 -19.19
C GLN B 385 33.64 6.97 -19.87
N SER C 36 -25.76 -18.85 12.07
CA SER C 36 -26.67 -19.96 12.40
C SER C 36 -25.96 -21.32 12.45
N ASN C 37 -24.68 -21.33 12.10
CA ASN C 37 -23.89 -22.56 11.98
C ASN C 37 -23.36 -23.07 13.32
N TRP C 38 -23.10 -24.38 13.42
CA TRP C 38 -22.61 -24.97 14.67
C TRP C 38 -21.26 -25.68 14.54
N THR C 39 -20.67 -26.03 15.68
CA THR C 39 -19.42 -26.80 15.72
C THR C 39 -19.45 -27.83 16.85
N ILE C 40 -18.75 -28.95 16.66
CA ILE C 40 -18.66 -30.00 17.67
C ILE C 40 -17.38 -30.81 17.50
N LYS C 48 -19.60 -39.24 19.96
CA LYS C 48 -19.81 -37.80 19.82
C LYS C 48 -20.97 -37.48 18.89
N SER C 49 -21.52 -38.50 18.24
CA SER C 49 -22.60 -38.32 17.28
C SER C 49 -23.98 -38.46 17.94
N PHE C 50 -24.02 -39.03 19.13
CA PHE C 50 -25.26 -39.14 19.90
C PHE C 50 -25.90 -37.76 20.02
N THR C 51 -25.13 -36.86 20.61
CA THR C 51 -25.54 -35.47 20.76
C THR C 51 -26.14 -34.93 19.46
N ALA C 52 -25.42 -35.05 18.35
CA ALA C 52 -25.95 -34.71 17.03
C ALA C 52 -27.34 -35.29 16.80
N LYS C 53 -27.49 -36.59 17.08
CA LYS C 53 -28.79 -37.24 16.98
C LYS C 53 -29.83 -36.41 17.69
N MET C 54 -29.57 -36.08 18.95
CA MET C 54 -30.49 -35.24 19.72
C MET C 54 -30.81 -33.95 18.97
N LEU C 55 -29.76 -33.14 18.77
CA LEU C 55 -29.89 -31.84 18.10
C LEU C 55 -30.76 -31.86 16.86
N LEU C 56 -30.29 -32.54 15.82
CA LEU C 56 -31.01 -32.55 14.54
C LEU C 56 -32.39 -33.15 14.71
N LEU C 57 -32.48 -34.18 15.55
CA LEU C 57 -33.76 -34.82 15.86
C LEU C 57 -34.78 -33.78 16.28
N ARG C 58 -34.32 -32.80 17.06
CA ARG C 58 -35.18 -31.68 17.42
C ARG C 58 -35.44 -30.78 16.23
N GLU C 59 -34.36 -30.26 15.65
CA GLU C 59 -34.42 -29.31 14.54
C GLU C 59 -35.45 -29.69 13.48
N TYR C 60 -35.56 -30.98 13.22
CA TYR C 60 -36.48 -31.52 12.23
C TYR C 60 -37.96 -31.30 12.57
N MET C 61 -38.27 -31.27 13.87
CA MET C 61 -39.66 -31.16 14.33
C MET C 61 -40.29 -29.80 14.08
N GLN C 62 -39.45 -28.78 13.84
CA GLN C 62 -39.92 -27.44 13.50
C GLN C 62 -41.30 -27.45 12.86
N SER C 64 -35.43 -26.90 9.78
CA SER C 64 -36.44 -27.79 9.20
C SER C 64 -35.81 -29.00 8.51
N ARG C 65 -35.32 -28.81 7.29
CA ARG C 65 -34.72 -29.91 6.53
C ARG C 65 -33.31 -30.25 7.00
N VAL C 66 -32.95 -31.53 6.90
CA VAL C 66 -31.66 -32.01 7.40
C VAL C 66 -30.96 -32.91 6.39
N ILE C 67 -29.79 -32.46 5.92
CA ILE C 67 -28.95 -33.23 5.00
C ILE C 67 -27.68 -33.61 5.74
N ILE C 68 -27.35 -34.90 5.76
CA ILE C 68 -26.23 -35.36 6.58
C ILE C 68 -25.28 -36.30 5.85
N ILE C 69 -23.99 -36.10 6.07
CA ILE C 69 -22.97 -36.96 5.49
C ILE C 69 -22.40 -37.84 6.60
N ASP C 70 -22.72 -39.12 6.53
CA ASP C 70 -22.53 -40.06 7.64
C ASP C 70 -21.54 -41.14 7.26
N PRO C 71 -20.25 -40.88 7.49
CA PRO C 71 -19.22 -41.88 7.13
C PRO C 71 -19.21 -43.14 7.98
N GLU C 72 -19.91 -43.14 9.11
CA GLU C 72 -19.80 -44.27 10.04
C GLU C 72 -21.12 -44.98 10.32
N ARG C 73 -21.99 -45.05 9.31
CA ARG C 73 -23.31 -45.69 9.44
C ARG C 73 -23.92 -45.49 10.82
N GLU C 74 -24.29 -44.26 11.15
CA GLU C 74 -24.82 -43.94 12.48
C GLU C 74 -25.93 -42.90 12.42
N TYR C 75 -26.75 -42.96 11.37
CA TYR C 75 -27.89 -42.06 11.23
C TYR C 75 -29.00 -42.78 10.46
N LYS C 76 -28.70 -44.01 10.05
CA LYS C 76 -29.62 -44.82 9.27
C LYS C 76 -30.87 -45.16 10.08
N GLU C 77 -30.69 -45.87 11.18
CA GLU C 77 -31.81 -46.25 12.04
C GLU C 77 -32.73 -45.05 12.16
N MET C 78 -32.17 -43.93 12.58
CA MET C 78 -32.93 -42.71 12.78
C MET C 78 -33.67 -42.27 11.53
N CYS C 79 -32.96 -42.20 10.41
CA CYS C 79 -33.56 -41.74 9.16
C CYS C 79 -34.76 -42.58 8.80
N ARG C 80 -34.64 -43.89 8.98
CA ARG C 80 -35.80 -44.77 8.80
C ARG C 80 -36.89 -44.28 9.71
N LYS C 81 -36.60 -44.25 11.02
CA LYS C 81 -37.59 -43.88 12.02
C LYS C 81 -38.38 -42.63 11.63
N LEU C 82 -37.68 -41.64 11.08
CA LEU C 82 -38.28 -40.32 10.84
C LEU C 82 -39.13 -40.29 9.57
N GLY C 83 -38.85 -41.20 8.64
CA GLY C 83 -39.61 -41.27 7.40
C GLY C 83 -38.87 -40.71 6.20
N GLY C 84 -37.60 -40.39 6.38
CA GLY C 84 -36.82 -39.78 5.32
C GLY C 84 -36.23 -40.76 4.32
N VAL C 85 -35.18 -40.31 3.63
CA VAL C 85 -34.49 -41.10 2.60
C VAL C 85 -33.01 -41.32 2.95
N TRP C 86 -32.60 -42.57 2.97
CA TRP C 86 -31.24 -42.95 3.30
C TRP C 86 -30.52 -43.47 2.06
N ILE C 87 -29.45 -42.78 1.67
CA ILE C 87 -28.71 -43.10 0.47
C ILE C 87 -27.32 -43.68 0.74
N ASN C 88 -27.02 -44.82 0.12
CA ASN C 88 -25.69 -45.41 0.24
C ASN C 88 -24.82 -45.01 -0.96
N CYS C 89 -23.85 -44.14 -0.71
CA CYS C 89 -23.11 -43.52 -1.81
C CYS C 89 -21.84 -44.28 -2.12
N THR C 90 -21.99 -45.52 -2.58
CA THR C 90 -20.87 -46.36 -2.96
C THR C 90 -21.30 -47.33 -4.06
N GLY C 91 -21.62 -46.79 -5.24
CA GLY C 91 -22.02 -47.63 -6.35
C GLY C 91 -23.51 -47.87 -6.51
N GLY C 92 -23.88 -48.44 -7.66
CA GLY C 92 -25.28 -48.71 -7.92
C GLY C 92 -26.14 -47.46 -7.84
N GLU C 93 -27.11 -47.48 -6.93
CA GLU C 93 -28.09 -46.39 -6.84
C GLU C 93 -27.65 -45.30 -5.86
N GLY C 94 -26.43 -45.41 -5.36
CA GLY C 94 -25.85 -44.36 -4.54
C GLY C 94 -24.79 -43.61 -5.32
N LYS C 95 -24.80 -43.83 -6.64
CA LYS C 95 -23.77 -43.29 -7.51
C LYS C 95 -23.91 -41.77 -7.68
N ILE C 96 -22.84 -41.05 -7.39
CA ILE C 96 -22.75 -39.63 -7.65
C ILE C 96 -21.57 -39.40 -8.57
N ASN C 97 -21.87 -39.09 -9.83
CA ASN C 97 -20.86 -38.83 -10.85
C ASN C 97 -20.05 -37.55 -10.60
N PRO C 98 -18.74 -37.68 -10.40
CA PRO C 98 -17.83 -36.55 -10.18
C PRO C 98 -17.93 -35.48 -11.25
N LEU C 99 -18.06 -35.92 -12.50
CA LEU C 99 -18.03 -35.00 -13.62
C LEU C 99 -19.38 -34.29 -13.87
N GLN C 100 -20.37 -34.54 -13.05
CA GLN C 100 -21.65 -33.87 -13.24
C GLN C 100 -21.52 -32.44 -12.73
N VAL C 101 -21.62 -31.46 -13.62
CA VAL C 101 -21.43 -30.09 -13.17
C VAL C 101 -22.48 -29.67 -12.15
N ARG C 102 -22.03 -29.17 -11.01
CA ARG C 102 -22.94 -28.55 -10.07
C ARG C 102 -22.34 -27.29 -9.48
N LEU C 103 -23.18 -26.50 -8.82
CA LEU C 103 -22.77 -25.25 -8.21
C LEU C 103 -21.86 -25.43 -7.00
N ARG C 104 -20.97 -24.49 -6.77
CA ARG C 104 -20.15 -24.50 -5.57
C ARG C 104 -20.37 -23.21 -4.78
N PRO C 105 -19.81 -23.16 -3.56
CA PRO C 105 -19.81 -21.95 -2.74
C PRO C 105 -18.88 -20.90 -3.35
N VAL C 106 -19.47 -19.85 -3.88
CA VAL C 106 -18.69 -18.71 -4.34
C VAL C 106 -19.05 -17.47 -3.52
N GLU C 107 -20.25 -16.93 -3.73
CA GLU C 107 -20.72 -15.75 -3.00
C GLU C 107 -19.65 -14.67 -2.89
N VAL C 115 -19.88 -10.36 -13.45
CA VAL C 115 -20.50 -11.06 -12.34
C VAL C 115 -20.94 -12.46 -12.77
N PHE C 116 -20.99 -12.69 -14.08
CA PHE C 116 -21.21 -14.04 -14.60
C PHE C 116 -20.09 -14.98 -14.17
N GLN C 117 -20.45 -16.24 -13.91
CA GLN C 117 -19.46 -17.25 -13.61
C GLN C 117 -19.85 -18.56 -14.27
N SER C 118 -18.98 -19.09 -15.14
CA SER C 118 -19.25 -20.31 -15.88
C SER C 118 -19.33 -21.52 -14.97
N PRO C 119 -20.46 -22.23 -14.99
CA PRO C 119 -20.61 -23.43 -14.16
C PRO C 119 -19.51 -24.45 -14.43
N LEU C 120 -19.32 -24.81 -15.70
CA LEU C 120 -18.20 -25.67 -16.12
C LEU C 120 -16.87 -25.19 -15.53
N ALA C 121 -16.56 -23.90 -15.69
CA ALA C 121 -15.35 -23.28 -15.13
C ALA C 121 -15.13 -23.52 -13.62
N LEU C 122 -16.17 -23.35 -12.80
CA LEU C 122 -16.02 -23.53 -11.35
C LEU C 122 -15.97 -25.01 -10.97
N HIS C 123 -16.67 -25.82 -11.75
CA HIS C 123 -16.61 -27.26 -11.54
C HIS C 123 -15.26 -27.89 -11.91
N ILE C 124 -14.59 -27.38 -12.94
CA ILE C 124 -13.25 -27.85 -13.29
C ILE C 124 -12.34 -27.70 -12.08
N GLN C 125 -12.59 -26.63 -11.34
CA GLN C 125 -11.84 -26.30 -10.15
C GLN C 125 -12.18 -27.30 -9.05
N THR C 126 -13.49 -27.52 -8.88
CA THR C 126 -13.96 -28.54 -7.95
C THR C 126 -13.29 -29.90 -8.20
N LEU C 127 -13.21 -30.27 -9.48
CA LEU C 127 -12.63 -31.53 -9.90
C LEU C 127 -11.12 -31.53 -9.80
N ARG C 128 -10.52 -30.34 -9.78
CA ARG C 128 -9.11 -30.25 -9.52
C ARG C 128 -8.91 -30.74 -8.08
N THR C 129 -9.72 -30.18 -7.18
CA THR C 129 -9.63 -30.61 -5.80
C THR C 129 -9.89 -32.11 -5.70
N PHE C 130 -10.88 -32.58 -6.44
CA PHE C 130 -11.31 -33.99 -6.36
C PHE C 130 -10.19 -34.93 -6.76
N PHE C 131 -9.71 -34.78 -8.00
CA PHE C 131 -8.65 -35.63 -8.50
C PHE C 131 -7.32 -35.44 -7.76
N SER C 132 -7.20 -34.35 -6.99
CA SER C 132 -6.02 -34.24 -6.14
C SER C 132 -6.17 -35.03 -4.85
N LEU C 133 -7.31 -34.89 -4.18
CA LEU C 133 -7.57 -35.72 -3.02
C LEU C 133 -7.32 -37.17 -3.43
N TYR C 134 -7.88 -37.55 -4.59
CA TYR C 134 -7.83 -38.92 -5.11
C TYR C 134 -6.44 -39.37 -5.52
N LEU C 135 -5.75 -38.53 -6.30
CA LEU C 135 -4.41 -38.84 -6.77
C LEU C 135 -3.41 -37.89 -6.11
N ARG C 136 -2.89 -38.29 -4.96
CA ARG C 136 -2.08 -37.39 -4.14
C ARG C 136 -0.77 -36.89 -4.77
N ASP C 137 -0.13 -37.72 -5.60
CA ASP C 137 1.18 -37.36 -6.16
C ASP C 137 1.10 -36.83 -7.60
N LEU C 138 -0.01 -36.18 -7.93
CA LEU C 138 -0.20 -35.61 -9.26
C LEU C 138 0.79 -34.48 -9.50
N THR C 139 1.31 -34.44 -10.72
CA THR C 139 2.38 -33.52 -11.13
C THR C 139 1.75 -32.28 -11.74
N ASP C 140 2.33 -31.10 -11.49
CA ASP C 140 1.76 -29.85 -12.01
C ASP C 140 1.39 -29.97 -13.48
N THR C 141 2.29 -30.58 -14.24
CA THR C 141 2.03 -30.88 -15.63
C THR C 141 0.78 -31.75 -15.79
N GLU C 142 0.68 -32.81 -14.98
CA GLU C 142 -0.49 -33.69 -15.03
C GLU C 142 -1.79 -33.01 -14.61
N LYS C 143 -1.75 -32.14 -13.62
CA LYS C 143 -2.92 -31.34 -13.28
C LYS C 143 -3.38 -30.46 -14.46
N ALA C 144 -2.43 -29.81 -15.13
CA ALA C 144 -2.76 -29.05 -16.34
C ALA C 144 -3.38 -29.96 -17.42
N ALA C 145 -2.73 -31.09 -17.68
CA ALA C 145 -3.18 -32.06 -18.67
C ALA C 145 -4.59 -32.52 -18.36
N LEU C 146 -4.85 -32.69 -17.08
CA LEU C 146 -6.15 -33.11 -16.57
C LEU C 146 -7.22 -32.06 -16.84
N GLU C 147 -6.94 -30.80 -16.51
CA GLU C 147 -7.93 -29.75 -16.77
C GLU C 147 -8.20 -29.58 -18.25
N ASP C 148 -7.13 -29.62 -19.06
CA ASP C 148 -7.31 -29.51 -20.50
C ASP C 148 -8.18 -30.65 -21.02
N ALA C 149 -7.83 -31.87 -20.61
CA ALA C 149 -8.64 -33.05 -20.92
C ALA C 149 -10.11 -32.91 -20.50
N LEU C 150 -10.32 -32.44 -19.28
CA LEU C 150 -11.66 -32.21 -18.78
C LEU C 150 -12.47 -31.32 -19.70
N VAL C 151 -11.95 -30.14 -19.99
CA VAL C 151 -12.67 -29.26 -20.87
C VAL C 151 -13.03 -30.02 -22.15
N GLU C 152 -12.10 -30.82 -22.66
CA GLU C 152 -12.37 -31.49 -23.94
C GLU C 152 -13.44 -32.59 -23.86
N VAL C 153 -13.40 -33.37 -22.78
CA VAL C 153 -14.43 -34.35 -22.50
C VAL C 153 -15.80 -33.67 -22.39
N TYR C 154 -15.88 -32.51 -21.73
CA TYR C 154 -17.15 -31.78 -21.65
C TYR C 154 -17.60 -31.31 -23.03
N LYS C 155 -16.64 -30.91 -23.86
CA LYS C 155 -16.95 -30.52 -25.22
C LYS C 155 -17.55 -31.66 -26.06
N GLU C 156 -16.96 -32.85 -25.97
CA GLU C 156 -17.49 -33.98 -26.73
C GLU C 156 -18.90 -34.36 -26.27
N ALA C 157 -19.21 -34.08 -25.00
CA ALA C 157 -20.52 -34.41 -24.46
C ALA C 157 -21.51 -33.28 -24.73
N GLY C 158 -21.03 -32.26 -25.45
CA GLY C 158 -21.89 -31.16 -25.86
C GLY C 158 -22.15 -30.11 -24.79
N ILE C 159 -21.37 -30.13 -23.71
CA ILE C 159 -21.50 -29.08 -22.70
C ILE C 159 -20.27 -28.17 -22.69
N THR C 160 -20.49 -26.86 -22.86
CA THR C 160 -19.38 -25.87 -22.85
C THR C 160 -19.48 -24.85 -21.72
N TRP C 161 -18.72 -23.78 -21.86
CA TRP C 161 -18.52 -22.79 -20.80
C TRP C 161 -19.79 -22.08 -20.32
N ASP C 162 -20.70 -21.80 -21.25
CA ASP C 162 -21.88 -21.02 -20.94
C ASP C 162 -23.08 -21.93 -20.63
N THR C 163 -22.83 -23.22 -20.53
CA THR C 163 -23.91 -24.19 -20.44
C THR C 163 -24.50 -24.26 -19.05
N ASP C 164 -25.83 -24.13 -18.98
CA ASP C 164 -26.56 -24.23 -17.73
C ASP C 164 -26.70 -25.68 -17.30
N PRO C 165 -26.12 -26.05 -16.15
CA PRO C 165 -26.18 -27.43 -15.66
C PRO C 165 -27.62 -27.90 -15.45
N ARG C 166 -28.51 -26.98 -15.13
CA ARG C 166 -29.91 -27.33 -14.83
C ARG C 166 -30.58 -28.00 -16.02
N GLY C 167 -30.08 -27.71 -17.22
CA GLY C 167 -30.75 -28.16 -18.44
C GLY C 167 -30.22 -29.44 -19.05
N VAL C 168 -29.42 -30.20 -18.30
CA VAL C 168 -28.90 -31.44 -18.85
C VAL C 168 -29.10 -32.66 -17.95
N PRO C 169 -29.76 -33.68 -18.50
CA PRO C 169 -30.12 -34.92 -17.81
C PRO C 169 -28.90 -35.69 -17.32
N ASN C 170 -29.04 -36.31 -16.15
CA ASN C 170 -27.93 -36.97 -15.51
C ASN C 170 -27.10 -37.86 -16.43
N ASP C 171 -27.73 -38.50 -17.40
CA ASP C 171 -27.04 -39.49 -18.21
C ASP C 171 -26.29 -38.85 -19.41
N LYS C 172 -26.40 -37.54 -19.53
CA LYS C 172 -25.71 -36.85 -20.63
C LYS C 172 -24.31 -36.40 -20.23
N TRP C 173 -24.06 -36.30 -18.93
CA TRP C 173 -22.76 -35.87 -18.42
C TRP C 173 -21.69 -36.89 -18.74
N PRO C 174 -20.49 -36.41 -19.07
CA PRO C 174 -19.43 -37.38 -19.28
C PRO C 174 -19.06 -38.01 -17.95
N THR C 175 -18.26 -39.06 -17.99
CA THR C 175 -17.81 -39.73 -16.79
C THR C 175 -16.31 -39.94 -16.81
N VAL C 176 -15.76 -40.33 -15.65
CA VAL C 176 -14.36 -40.69 -15.54
C VAL C 176 -13.89 -41.67 -16.60
N LYS C 177 -14.83 -42.35 -17.26
CA LYS C 177 -14.46 -43.30 -18.30
C LYS C 177 -14.07 -42.59 -19.59
N GLU C 178 -14.90 -41.63 -19.99
CA GLU C 178 -14.62 -40.84 -21.18
C GLU C 178 -13.30 -40.12 -20.98
N LEU C 179 -13.09 -39.60 -19.77
CA LEU C 179 -11.85 -38.96 -19.39
C LEU C 179 -10.66 -39.89 -19.50
N TYR C 180 -10.79 -41.07 -18.91
CA TYR C 180 -9.73 -42.07 -18.98
C TYR C 180 -9.36 -42.34 -20.43
N GLU C 181 -10.35 -42.64 -21.26
CA GLU C 181 -10.11 -42.93 -22.68
C GLU C 181 -9.50 -41.74 -23.42
N TYR C 182 -9.97 -40.54 -23.11
CA TYR C 182 -9.41 -39.35 -23.72
C TYR C 182 -7.93 -39.31 -23.42
N CYS C 183 -7.56 -39.32 -22.13
CA CYS C 183 -6.14 -39.32 -21.75
C CYS C 183 -5.37 -40.50 -22.32
N VAL C 184 -6.07 -41.58 -22.67
CA VAL C 184 -5.43 -42.72 -23.29
C VAL C 184 -5.09 -42.39 -24.75
N LYS C 185 -5.94 -41.62 -25.41
CA LYS C 185 -5.66 -41.17 -26.78
C LYS C 185 -4.62 -40.06 -26.83
N LYS C 186 -4.77 -39.02 -26.01
CA LYS C 186 -3.74 -37.98 -25.95
C LYS C 186 -2.43 -38.56 -25.46
N ALA C 187 -2.51 -39.64 -24.69
CA ALA C 187 -1.33 -40.33 -24.19
C ALA C 187 -0.44 -40.84 -25.33
N GLU C 188 -1.04 -41.07 -26.49
CA GLU C 188 -0.27 -41.46 -27.67
C GLU C 188 0.65 -40.34 -28.10
N GLU C 189 0.06 -39.20 -28.47
CA GLU C 189 0.83 -38.08 -28.98
C GLU C 189 1.79 -37.51 -27.94
N ASN C 190 1.41 -37.60 -26.68
CA ASN C 190 2.18 -36.96 -25.62
C ASN C 190 2.42 -37.85 -24.41
N PRO C 191 3.27 -38.86 -24.57
CA PRO C 191 3.41 -39.94 -23.59
C PRO C 191 3.85 -39.45 -22.21
N GLU C 192 4.87 -38.59 -22.18
CA GLU C 192 5.46 -38.18 -20.92
C GLU C 192 4.47 -37.39 -20.07
N THR C 193 3.64 -36.59 -20.72
CA THR C 193 2.65 -35.78 -20.01
C THR C 193 1.41 -36.56 -19.61
N TYR C 194 1.04 -37.59 -20.38
CA TYR C 194 -0.27 -38.20 -20.28
C TYR C 194 -0.32 -39.67 -19.83
N GLY C 195 0.68 -40.46 -20.21
CA GLY C 195 0.71 -41.89 -19.89
C GLY C 195 0.39 -42.19 -18.44
N ARG C 196 1.36 -41.95 -17.57
CA ARG C 196 1.19 -42.19 -16.14
C ARG C 196 -0.18 -41.77 -15.64
N LEU C 197 -0.65 -40.62 -16.09
CA LEU C 197 -1.93 -40.07 -15.64
C LEU C 197 -3.08 -40.99 -16.02
N SER C 198 -3.16 -41.34 -17.31
CA SER C 198 -4.22 -42.24 -17.77
C SER C 198 -4.16 -43.60 -17.03
N VAL C 199 -2.96 -44.18 -16.94
CA VAL C 199 -2.81 -45.42 -16.18
C VAL C 199 -3.41 -45.25 -14.78
N LEU C 200 -3.12 -44.12 -14.16
CA LEU C 200 -3.65 -43.81 -12.83
C LEU C 200 -5.16 -43.51 -12.82
N LEU C 201 -5.75 -43.35 -14.00
CA LEU C 201 -7.21 -43.15 -14.11
C LEU C 201 -7.97 -44.45 -14.38
N LYS C 202 -7.23 -45.45 -14.85
CA LYS C 202 -7.80 -46.75 -15.12
C LYS C 202 -8.70 -47.20 -13.96
N ARG C 203 -8.09 -47.35 -12.79
CA ARG C 203 -8.76 -47.85 -11.59
C ARG C 203 -10.13 -47.21 -11.34
N ALA C 204 -10.31 -46.01 -11.86
CA ALA C 204 -11.54 -45.27 -11.62
C ALA C 204 -12.50 -45.43 -12.80
N ALA C 205 -11.96 -45.56 -14.01
CA ALA C 205 -12.85 -45.74 -15.15
C ALA C 205 -13.39 -47.16 -15.30
N GLU C 206 -12.55 -48.14 -15.00
CA GLU C 206 -12.94 -49.53 -15.18
C GLU C 206 -12.18 -50.48 -14.25
N GLY C 207 -11.64 -49.95 -13.16
CA GLY C 207 -10.96 -50.79 -12.20
C GLY C 207 -11.67 -50.94 -10.86
N ALA C 208 -10.88 -51.17 -9.81
CA ALA C 208 -11.41 -51.44 -8.48
C ALA C 208 -12.09 -50.23 -7.83
N ASP C 209 -12.07 -49.09 -8.52
CA ASP C 209 -12.67 -47.88 -7.98
C ASP C 209 -13.79 -47.36 -8.87
N SER C 210 -14.11 -48.09 -9.92
CA SER C 210 -15.09 -47.60 -10.87
C SER C 210 -16.55 -47.69 -10.37
N TYR C 211 -16.85 -48.64 -9.49
CA TYR C 211 -18.23 -48.77 -9.03
C TYR C 211 -18.77 -47.43 -8.51
N LEU C 212 -17.85 -46.58 -8.07
CA LEU C 212 -18.20 -45.32 -7.43
C LEU C 212 -18.60 -44.21 -8.40
N TRP C 213 -17.88 -44.09 -9.52
CA TRP C 213 -17.96 -42.89 -10.37
C TRP C 213 -18.19 -43.09 -11.87
N ALA C 214 -17.87 -44.26 -12.40
CA ALA C 214 -17.91 -44.45 -13.85
C ALA C 214 -19.30 -44.48 -14.50
N GLY C 215 -20.24 -43.71 -13.98
CA GLY C 215 -21.59 -43.69 -14.54
C GLY C 215 -22.43 -42.50 -14.10
N PRO C 216 -23.67 -42.43 -14.61
CA PRO C 216 -24.60 -41.35 -14.29
C PRO C 216 -25.02 -41.29 -12.81
N THR C 217 -25.01 -40.09 -12.25
CA THR C 217 -25.58 -39.85 -10.95
C THR C 217 -26.98 -40.43 -10.93
N ALA C 218 -27.20 -41.40 -10.04
CA ALA C 218 -28.48 -42.06 -9.97
C ALA C 218 -29.28 -41.63 -8.74
N VAL C 219 -28.57 -41.19 -7.70
CA VAL C 219 -29.22 -40.83 -6.45
C VAL C 219 -30.29 -39.73 -6.59
N GLU C 220 -31.47 -40.06 -6.09
CA GLU C 220 -32.56 -39.11 -5.98
C GLU C 220 -32.95 -39.07 -4.52
N ALA C 221 -32.91 -37.90 -3.91
CA ALA C 221 -33.28 -37.76 -2.50
C ALA C 221 -34.38 -36.72 -2.31
N ASP C 222 -35.60 -37.11 -2.67
CA ASP C 222 -36.75 -36.22 -2.61
C ASP C 222 -37.35 -36.27 -1.21
N SER C 223 -36.66 -35.67 -0.25
CA SER C 223 -37.07 -35.70 1.15
C SER C 223 -36.53 -34.54 1.97
N ASP C 224 -37.06 -34.39 3.18
CA ASP C 224 -36.60 -33.38 4.12
C ASP C 224 -35.71 -33.99 5.20
N PHE C 225 -35.23 -35.20 4.95
CA PHE C 225 -34.26 -35.81 5.85
C PHE C 225 -33.40 -36.80 5.07
N ILE C 226 -32.31 -36.30 4.52
CA ILE C 226 -31.49 -37.07 3.60
C ILE C 226 -30.18 -37.51 4.24
N VAL C 227 -29.86 -38.80 4.13
CA VAL C 227 -28.60 -39.29 4.68
C VAL C 227 -27.70 -39.93 3.61
N PHE C 228 -26.58 -39.27 3.34
CA PHE C 228 -25.54 -39.83 2.49
C PHE C 228 -24.56 -40.67 3.32
N ASP C 229 -24.71 -41.98 3.25
CA ASP C 229 -23.85 -42.88 3.99
C ASP C 229 -22.60 -43.19 3.19
N VAL C 230 -21.46 -43.22 3.87
CA VAL C 230 -20.19 -43.57 3.23
C VAL C 230 -19.41 -44.63 4.03
N HIS C 231 -20.10 -45.36 4.90
CA HIS C 231 -19.46 -46.38 5.73
C HIS C 231 -18.84 -47.52 4.91
N ASP C 232 -19.53 -47.93 3.85
CA ASP C 232 -18.96 -48.91 2.92
C ASP C 232 -17.49 -48.61 2.61
N LEU C 233 -17.16 -47.33 2.49
CA LEU C 233 -15.79 -46.91 2.16
C LEU C 233 -14.95 -46.55 3.38
N GLN C 234 -15.00 -47.38 4.41
CA GLN C 234 -14.04 -47.25 5.50
C GLN C 234 -12.88 -48.22 5.25
N ASN C 235 -13.17 -49.25 4.46
CA ASN C 235 -12.19 -50.26 4.08
C ASN C 235 -11.15 -49.73 3.11
N ALA C 236 -11.61 -48.92 2.17
CA ALA C 236 -10.77 -48.50 1.04
C ALA C 236 -9.64 -47.55 1.44
N GLU C 237 -8.64 -47.44 0.58
CA GLU C 237 -7.47 -46.62 0.85
C GLU C 237 -7.94 -45.21 1.18
N ASP C 238 -7.20 -44.52 2.04
CA ASP C 238 -7.58 -43.18 2.49
C ASP C 238 -7.86 -42.22 1.33
N GLN C 239 -7.08 -42.34 0.26
CA GLN C 239 -7.25 -41.48 -0.90
C GLN C 239 -8.70 -41.47 -1.34
N VAL C 240 -9.28 -42.66 -1.43
CA VAL C 240 -10.63 -42.86 -1.93
C VAL C 240 -11.70 -42.33 -0.98
N LYS C 241 -11.56 -42.66 0.30
CA LYS C 241 -12.52 -42.18 1.30
C LYS C 241 -12.55 -40.64 1.30
N ARG C 242 -11.37 -40.03 1.14
CA ARG C 242 -11.25 -38.58 0.96
C ARG C 242 -12.01 -38.10 -0.27
N ALA C 243 -11.57 -38.57 -1.43
CA ALA C 243 -12.15 -38.13 -2.67
C ALA C 243 -13.67 -38.24 -2.64
N GLN C 244 -14.17 -39.46 -2.39
CA GLN C 244 -15.61 -39.72 -2.32
C GLN C 244 -16.30 -38.79 -1.32
N TYR C 245 -15.69 -38.62 -0.15
CA TYR C 245 -16.26 -37.69 0.82
C TYR C 245 -16.49 -36.34 0.16
N PHE C 246 -15.45 -35.82 -0.52
CA PHE C 246 -15.55 -34.51 -1.18
C PHE C 246 -16.60 -34.49 -2.31
N ASN C 247 -16.73 -35.61 -3.03
CA ASN C 247 -17.71 -35.75 -4.10
C ASN C 247 -19.14 -35.60 -3.54
N VAL C 248 -19.40 -36.35 -2.47
CA VAL C 248 -20.68 -36.29 -1.78
C VAL C 248 -20.96 -34.90 -1.24
N LEU C 249 -20.01 -34.33 -0.50
CA LEU C 249 -20.15 -32.94 -0.03
C LEU C 249 -20.56 -31.98 -1.15
N SER C 250 -19.88 -32.08 -2.29
CA SER C 250 -20.19 -31.23 -3.43
C SER C 250 -21.64 -31.44 -3.84
N PHE C 251 -22.03 -32.71 -3.99
CA PHE C 251 -23.41 -33.05 -4.31
C PHE C 251 -24.42 -32.42 -3.34
N ALA C 252 -24.21 -32.67 -2.05
CA ALA C 252 -25.06 -32.13 -0.99
C ALA C 252 -25.23 -30.62 -1.14
N TRP C 253 -24.09 -29.91 -1.22
CA TRP C 253 -24.14 -28.46 -1.29
C TRP C 253 -24.95 -28.03 -2.48
N ASN C 254 -24.75 -28.73 -3.58
CA ASN C 254 -25.52 -28.39 -4.75
C ASN C 254 -27.01 -28.49 -4.45
N ILE C 255 -27.43 -29.61 -3.84
CA ILE C 255 -28.85 -29.76 -3.48
C ILE C 255 -29.29 -28.49 -2.78
N LEU C 256 -28.53 -28.09 -1.78
CA LEU C 256 -28.84 -26.85 -1.04
C LEU C 256 -29.00 -25.63 -1.95
N GLU C 257 -28.17 -25.52 -2.98
CA GLU C 257 -28.18 -24.33 -3.84
C GLU C 257 -29.11 -24.40 -5.05
N ARG C 258 -29.71 -25.55 -5.30
CA ARG C 258 -30.70 -25.67 -6.36
C ARG C 258 -32.04 -25.11 -5.87
N ASP C 259 -32.52 -25.65 -4.75
CA ASP C 259 -33.72 -25.15 -4.09
C ASP C 259 -33.31 -24.41 -2.83
N ARG C 260 -33.27 -23.08 -2.92
CA ARG C 260 -32.76 -22.26 -1.83
C ARG C 260 -33.71 -22.37 -0.64
N ARG C 261 -34.09 -23.59 -0.29
CA ARG C 261 -35.01 -23.84 0.82
C ARG C 261 -34.40 -23.34 2.11
N GLU C 262 -35.01 -22.30 2.67
CA GLU C 262 -34.55 -21.73 3.93
C GLU C 262 -34.48 -22.90 4.90
N ARG C 263 -33.69 -22.74 5.96
CA ARG C 263 -33.58 -23.73 7.02
C ARG C 263 -33.14 -25.15 6.69
N THR C 264 -31.93 -25.28 6.15
CA THR C 264 -31.35 -26.58 5.88
C THR C 264 -30.21 -26.72 6.89
N VAL C 265 -29.96 -27.93 7.37
CA VAL C 265 -28.90 -28.15 8.36
C VAL C 265 -27.96 -29.18 7.75
N LEU C 266 -27.01 -28.70 6.95
CA LEU C 266 -25.99 -29.55 6.36
C LEU C 266 -24.98 -29.97 7.45
N VAL C 267 -24.85 -31.28 7.65
CA VAL C 267 -24.03 -31.82 8.73
C VAL C 267 -22.92 -32.70 8.17
N VAL C 268 -21.69 -32.50 8.64
CA VAL C 268 -20.56 -33.29 8.14
C VAL C 268 -19.79 -33.99 9.26
N ASP C 269 -19.95 -35.30 9.34
CA ASP C 269 -19.35 -36.09 10.42
C ASP C 269 -17.98 -36.65 10.04
N GLU C 270 -17.12 -36.85 11.05
CA GLU C 270 -15.78 -37.37 10.82
C GLU C 270 -15.10 -36.52 9.77
N ALA C 271 -15.38 -35.22 9.81
CA ALA C 271 -14.87 -34.28 8.83
C ALA C 271 -13.34 -34.25 8.79
N TRP C 272 -12.70 -34.83 9.80
CA TRP C 272 -11.25 -34.98 9.80
C TRP C 272 -10.77 -35.71 8.54
N MET C 273 -11.54 -36.69 8.09
CA MET C 273 -11.22 -37.43 6.86
C MET C 273 -11.07 -36.51 5.66
N LEU C 274 -11.65 -35.32 5.75
CA LEU C 274 -11.59 -34.33 4.67
C LEU C 274 -10.30 -33.53 4.72
N VAL C 275 -9.79 -33.29 5.93
CA VAL C 275 -8.54 -32.55 6.12
C VAL C 275 -7.36 -33.30 5.49
N ASP C 276 -6.79 -32.72 4.45
CA ASP C 276 -5.61 -33.28 3.83
C ASP C 276 -4.59 -32.15 3.58
N PRO C 277 -3.59 -32.03 4.46
CA PRO C 277 -2.60 -30.95 4.43
C PRO C 277 -2.12 -30.60 3.02
N GLN C 278 -2.01 -31.60 2.15
CA GLN C 278 -1.50 -31.39 0.79
C GLN C 278 -2.59 -30.91 -0.19
N THR C 279 -3.86 -31.11 0.14
CA THR C 279 -4.96 -30.58 -0.65
C THR C 279 -5.94 -29.88 0.26
N PRO C 280 -5.55 -28.73 0.82
CA PRO C 280 -6.36 -28.06 1.85
C PRO C 280 -7.58 -27.38 1.25
N GLN C 281 -7.63 -27.33 -0.07
CA GLN C 281 -8.78 -26.77 -0.77
C GLN C 281 -10.08 -27.44 -0.35
N ALA C 282 -10.00 -28.68 0.14
CA ALA C 282 -11.21 -29.35 0.63
C ALA C 282 -11.82 -28.57 1.81
N ILE C 283 -11.03 -28.37 2.85
CA ILE C 283 -11.47 -27.55 3.97
C ILE C 283 -11.89 -26.17 3.49
N ALA C 284 -11.28 -25.69 2.42
CA ALA C 284 -11.59 -24.36 1.90
C ALA C 284 -13.01 -24.37 1.38
N PHE C 285 -13.35 -25.48 0.74
CA PHE C 285 -14.70 -25.69 0.26
C PHE C 285 -15.64 -25.65 1.46
N LEU C 286 -15.24 -26.34 2.53
CA LEU C 286 -16.05 -26.36 3.75
C LEU C 286 -16.28 -24.97 4.35
N ARG C 287 -15.23 -24.17 4.37
CA ARG C 287 -15.26 -22.84 4.94
C ARG C 287 -16.20 -21.97 4.10
N ASP C 288 -15.97 -21.96 2.79
CA ASP C 288 -16.83 -21.21 1.89
C ASP C 288 -18.28 -21.65 2.05
N THR C 289 -18.48 -22.93 2.36
CA THR C 289 -19.81 -23.44 2.64
C THR C 289 -20.38 -22.73 3.87
N SER C 290 -19.67 -22.80 4.98
CA SER C 290 -20.12 -22.15 6.22
C SER C 290 -20.52 -20.70 5.94
N LYS C 291 -19.77 -20.03 5.07
CA LYS C 291 -20.01 -18.62 4.76
C LYS C 291 -21.20 -18.37 3.83
N ARG C 292 -21.42 -19.28 2.88
CA ARG C 292 -22.50 -19.14 1.92
C ARG C 292 -23.85 -19.56 2.51
N ILE C 293 -23.84 -20.68 3.22
CA ILE C 293 -25.06 -21.27 3.75
C ILE C 293 -25.82 -20.27 4.63
N ARG C 294 -25.07 -19.38 5.28
CA ARG C 294 -25.70 -18.34 6.07
C ARG C 294 -26.63 -17.52 5.20
N LYS C 295 -26.16 -17.20 4.00
CA LYS C 295 -26.91 -16.34 3.09
C LYS C 295 -28.15 -17.02 2.51
N TYR C 296 -28.37 -18.28 2.87
CA TYR C 296 -29.57 -19.01 2.47
C TYR C 296 -30.35 -19.47 3.70
N ASN C 297 -30.02 -18.87 4.84
CA ASN C 297 -30.67 -19.21 6.10
C ASN C 297 -30.46 -20.68 6.48
N GLY C 298 -29.28 -21.19 6.17
CA GLY C 298 -28.97 -22.57 6.49
C GLY C 298 -28.05 -22.68 7.69
N SER C 299 -27.57 -23.89 7.94
CA SER C 299 -26.66 -24.14 9.06
C SER C 299 -25.70 -25.28 8.72
N LEU C 300 -24.40 -24.96 8.74
CA LEU C 300 -23.38 -25.98 8.57
C LEU C 300 -22.98 -26.46 9.95
N ILE C 301 -22.85 -27.77 10.10
CA ILE C 301 -22.57 -28.35 11.42
C ILE C 301 -21.43 -29.35 11.37
N GLU C 314 -0.79 -26.22 7.06
CA GLU C 314 -1.28 -26.19 5.68
C GLU C 314 -2.78 -25.94 5.58
N VAL C 315 -3.52 -26.12 6.67
CA VAL C 315 -4.97 -25.93 6.62
C VAL C 315 -5.51 -24.98 7.67
N GLN C 316 -4.65 -24.52 8.58
CA GLN C 316 -5.09 -23.68 9.69
C GLN C 316 -5.89 -22.45 9.21
N ARG C 317 -5.39 -21.81 8.16
CA ARG C 317 -6.02 -20.61 7.62
C ARG C 317 -7.42 -20.88 7.05
N TYR C 318 -7.74 -22.15 6.83
CA TYR C 318 -9.05 -22.53 6.31
C TYR C 318 -9.98 -23.04 7.42
N GLY C 319 -9.42 -23.73 8.39
CA GLY C 319 -10.22 -24.32 9.46
C GLY C 319 -10.56 -23.36 10.58
N GLN C 320 -9.64 -22.43 10.87
CA GLN C 320 -9.87 -21.47 11.95
C GLN C 320 -11.21 -20.76 11.78
N ALA C 321 -11.39 -20.06 10.67
CA ALA C 321 -12.68 -19.46 10.36
C ALA C 321 -13.79 -20.49 10.53
N LEU C 322 -13.66 -21.61 9.81
CA LEU C 322 -14.68 -22.67 9.78
C LEU C 322 -15.28 -22.97 11.15
N LEU C 323 -14.43 -23.13 12.18
CA LEU C 323 -14.95 -23.51 13.49
C LEU C 323 -15.16 -22.36 14.47
N ASP C 324 -14.34 -21.31 14.38
CA ASP C 324 -14.41 -20.21 15.35
C ASP C 324 -15.46 -19.14 14.99
N ASN C 325 -15.92 -19.14 13.75
CA ASN C 325 -16.88 -18.13 13.29
C ASN C 325 -18.37 -18.43 13.51
N PRO C 326 -18.73 -19.71 13.71
CA PRO C 326 -20.17 -19.96 13.94
C PRO C 326 -20.66 -19.39 15.27
N THR C 327 -21.89 -18.89 15.29
CA THR C 327 -22.44 -18.27 16.49
C THR C 327 -22.96 -19.31 17.48
N TYR C 328 -22.66 -20.58 17.24
CA TYR C 328 -23.04 -21.66 18.14
C TYR C 328 -21.94 -22.72 18.19
N LYS C 329 -21.65 -23.23 19.38
CA LYS C 329 -20.57 -24.22 19.55
C LYS C 329 -20.84 -25.25 20.64
N LEU C 330 -20.31 -26.45 20.44
CA LEU C 330 -20.39 -27.53 21.42
C LEU C 330 -19.66 -28.78 20.94
N TRP D 27 28.25 20.61 -19.78
CA TRP D 27 27.15 20.40 -20.73
C TRP D 27 26.99 18.93 -21.07
N LYS D 28 28.03 18.14 -20.79
CA LYS D 28 27.97 16.72 -21.08
C LYS D 28 26.79 16.06 -20.38
N ARG D 29 26.68 14.75 -20.54
CA ARG D 29 25.66 13.93 -19.91
C ARG D 29 26.18 12.50 -19.89
N GLY D 30 25.51 11.62 -19.16
CA GLY D 30 25.90 10.22 -19.14
C GLY D 30 27.14 9.97 -18.29
N GLY D 31 27.27 8.72 -17.83
CA GLY D 31 28.38 8.38 -16.96
C GLY D 31 28.33 9.17 -15.68
N ASP D 32 29.46 9.75 -15.27
CA ASP D 32 29.53 10.54 -14.05
C ASP D 32 29.03 11.97 -14.25
N ARG D 33 28.52 12.24 -15.46
CA ARG D 33 28.11 13.59 -15.84
C ARG D 33 26.60 13.81 -15.79
N THR D 34 26.02 13.78 -14.60
CA THR D 34 24.57 13.80 -14.47
C THR D 34 23.93 15.16 -14.75
N ASN D 35 24.54 16.23 -14.25
CA ASN D 35 23.97 17.56 -14.43
C ASN D 35 24.99 18.56 -14.96
N SER D 36 24.57 19.81 -15.11
CA SER D 36 25.47 20.83 -15.61
C SER D 36 25.58 21.95 -14.57
N ASN D 37 25.43 21.56 -13.31
CA ASN D 37 25.48 22.50 -12.20
C ASN D 37 26.92 22.81 -11.78
N TRP D 38 27.09 23.90 -11.02
CA TRP D 38 28.38 24.25 -10.44
C TRP D 38 28.17 24.68 -8.99
N THR D 39 29.19 24.51 -8.16
CA THR D 39 29.20 25.12 -6.84
C THR D 39 30.58 25.73 -6.57
N ILE D 40 30.65 27.05 -6.58
CA ILE D 40 31.90 27.74 -6.28
C ILE D 40 31.90 28.25 -4.84
N LEU D 41 32.74 27.63 -4.02
CA LEU D 41 32.79 27.94 -2.60
C LEU D 41 34.19 28.40 -2.18
N ALA D 42 34.23 29.39 -1.29
CA ALA D 42 35.49 29.92 -0.79
C ALA D 42 35.31 31.19 0.03
N LYS D 43 36.36 31.57 0.75
CA LYS D 43 36.41 32.84 1.47
C LYS D 43 36.32 34.00 0.48
N ALA D 46 39.58 35.30 -2.30
CA ALA D 46 39.82 34.04 -2.98
C ALA D 46 39.57 34.17 -4.47
N GLY D 47 38.67 35.09 -4.84
CA GLY D 47 38.46 35.44 -6.23
C GLY D 47 37.44 34.58 -6.96
N LYS D 48 36.42 34.13 -6.23
CA LYS D 48 35.37 33.31 -6.83
C LYS D 48 34.59 34.12 -7.85
N SER D 49 34.51 35.43 -7.64
CA SER D 49 33.82 36.34 -8.56
C SER D 49 34.58 36.51 -9.87
N PHE D 50 35.90 36.69 -9.77
CA PHE D 50 36.78 36.64 -10.93
C PHE D 50 36.58 35.35 -11.74
N THR D 51 37.05 34.22 -11.18
CA THR D 51 36.90 32.93 -11.84
C THR D 51 35.51 32.73 -12.47
N ALA D 52 34.47 32.89 -11.65
CA ALA D 52 33.10 32.81 -12.13
C ALA D 52 32.88 33.68 -13.37
N LYS D 53 33.17 34.98 -13.28
CA LYS D 53 32.91 35.87 -14.42
C LYS D 53 33.69 35.48 -15.68
N MET D 54 34.94 35.06 -15.51
CA MET D 54 35.76 34.64 -16.64
C MET D 54 35.11 33.45 -17.34
N LEU D 55 34.90 32.37 -16.60
CA LEU D 55 34.23 31.20 -17.18
C LEU D 55 32.83 31.53 -17.70
N LEU D 56 32.25 32.62 -17.22
CA LEU D 56 30.91 33.02 -17.63
C LEU D 56 30.97 33.63 -19.02
N LEU D 57 31.88 34.59 -19.19
CA LEU D 57 32.18 35.13 -20.48
C LEU D 57 32.49 33.98 -21.44
N ARG D 58 33.09 32.94 -20.89
CA ARG D 58 33.58 31.82 -21.68
C ARG D 58 32.44 30.95 -22.23
N GLU D 59 31.64 30.38 -21.34
CA GLU D 59 30.49 29.58 -21.76
C GLU D 59 29.60 30.45 -22.63
N TYR D 60 29.62 31.75 -22.35
CA TYR D 60 28.79 32.68 -23.10
C TYR D 60 29.20 32.79 -24.55
N MET D 61 30.49 33.05 -24.78
CA MET D 61 30.99 33.20 -26.14
C MET D 61 30.52 32.04 -27.03
N GLN D 62 29.99 30.98 -26.38
CA GLN D 62 29.48 29.80 -27.08
C GLN D 62 27.97 29.87 -27.28
N GLY D 63 27.45 31.10 -27.25
CA GLY D 63 26.03 31.35 -27.50
C GLY D 63 25.82 32.32 -28.66
N ILE D 67 22.12 35.13 -17.20
CA ILE D 67 21.17 35.34 -16.11
C ILE D 67 21.82 35.21 -14.74
N ILE D 68 22.24 36.34 -14.17
CA ILE D 68 22.99 36.37 -12.90
C ILE D 68 22.31 37.18 -11.82
N ILE D 69 22.10 36.55 -10.65
CA ILE D 69 21.71 37.27 -9.44
C ILE D 69 22.97 37.77 -8.70
N ASP D 70 23.11 39.10 -8.70
CA ASP D 70 24.34 39.80 -8.32
C ASP D 70 24.15 40.84 -7.19
N PRO D 71 24.08 40.39 -5.92
CA PRO D 71 23.98 41.36 -4.81
C PRO D 71 25.22 42.20 -4.54
N GLU D 72 26.31 41.95 -5.24
CA GLU D 72 27.51 42.78 -5.10
C GLU D 72 28.04 43.59 -6.27
N ARG D 73 27.22 43.72 -7.31
CA ARG D 73 27.61 44.47 -8.50
C ARG D 73 28.98 43.95 -8.95
N GLU D 74 29.03 42.68 -9.34
CA GLU D 74 30.26 42.05 -9.80
C GLU D 74 30.18 41.66 -11.27
N TYR D 75 29.09 42.04 -11.91
CA TYR D 75 28.88 41.73 -13.32
C TYR D 75 28.32 42.93 -14.08
N LYS D 76 28.10 44.02 -13.35
CA LYS D 76 27.57 45.24 -13.96
C LYS D 76 28.48 45.74 -15.09
N GLU D 77 29.76 45.91 -14.78
CA GLU D 77 30.72 46.38 -15.76
C GLU D 77 30.88 45.37 -16.90
N MET D 78 31.05 44.10 -16.53
CA MET D 78 31.21 43.05 -17.53
C MET D 78 29.98 42.92 -18.41
N CYS D 79 28.80 43.02 -17.79
CA CYS D 79 27.55 42.92 -18.52
C CYS D 79 27.49 44.03 -19.57
N ARG D 80 27.99 45.21 -19.21
CA ARG D 80 27.99 46.35 -20.10
C ARG D 80 29.03 46.19 -21.19
N LYS D 81 30.20 45.66 -20.82
CA LYS D 81 31.25 45.39 -21.79
C LYS D 81 30.79 44.35 -22.81
N LEU D 82 29.77 43.58 -22.43
CA LEU D 82 29.12 42.66 -23.35
C LEU D 82 27.93 43.35 -24.02
N GLY D 83 27.56 44.51 -23.52
CA GLY D 83 26.47 45.29 -24.10
C GLY D 83 25.13 44.56 -24.10
N GLY D 84 24.98 43.61 -23.18
CA GLY D 84 23.76 42.83 -23.03
C GLY D 84 23.00 43.72 -22.06
N VAL D 85 21.87 43.24 -21.54
CA VAL D 85 21.08 44.02 -20.59
C VAL D 85 21.13 44.00 -19.06
N TRP D 86 21.41 45.17 -18.48
CA TRP D 86 21.58 45.30 -17.03
C TRP D 86 20.41 46.04 -16.34
N ILE D 87 19.84 45.41 -15.32
CA ILE D 87 18.71 46.00 -14.58
C ILE D 87 18.84 45.87 -13.06
N ASN D 88 18.45 46.93 -12.36
CA ASN D 88 18.63 47.03 -10.91
C ASN D 88 17.37 46.62 -10.14
N ASN D 97 7.06 42.69 -9.04
CA ASN D 97 5.74 42.40 -8.45
C ASN D 97 5.54 40.92 -8.11
N PRO D 98 5.79 40.57 -6.83
CA PRO D 98 5.74 39.19 -6.37
C PRO D 98 4.35 38.60 -6.57
N LEU D 99 3.31 39.41 -6.52
CA LEU D 99 1.95 38.86 -6.66
C LEU D 99 1.61 38.39 -8.08
N GLN D 100 2.55 38.55 -9.00
CA GLN D 100 2.34 38.11 -10.37
C GLN D 100 2.64 36.65 -10.38
N VAL D 101 1.72 35.85 -10.92
CA VAL D 101 1.83 34.40 -10.89
C VAL D 101 2.83 33.88 -11.91
N PHE D 116 -5.08 18.37 -13.75
CA PHE D 116 -4.93 19.81 -13.74
C PHE D 116 -4.22 20.33 -12.50
N GLN D 117 -3.52 21.45 -12.68
CA GLN D 117 -2.81 22.10 -11.59
C GLN D 117 -3.05 23.59 -11.69
N SER D 118 -3.40 24.21 -10.58
CA SER D 118 -3.72 25.64 -10.55
C SER D 118 -2.50 26.54 -10.39
N PRO D 119 -2.17 27.30 -11.45
CA PRO D 119 -1.05 28.24 -11.46
C PRO D 119 -1.08 29.10 -10.19
N LEU D 120 -2.30 29.47 -9.82
CA LEU D 120 -2.53 30.31 -8.65
C LEU D 120 -2.18 29.55 -7.39
N ALA D 121 -2.55 28.27 -7.33
CA ALA D 121 -2.46 27.52 -6.07
C ALA D 121 -1.04 27.22 -5.63
N LEU D 122 -0.11 27.26 -6.57
CA LEU D 122 1.31 27.02 -6.27
C LEU D 122 2.15 28.30 -6.24
N HIS D 123 1.76 29.28 -7.05
CA HIS D 123 2.32 30.61 -6.84
C HIS D 123 1.94 31.05 -5.41
N ILE D 124 0.85 30.49 -4.87
CA ILE D 124 0.40 30.82 -3.49
C ILE D 124 1.40 30.32 -2.45
N GLN D 125 2.00 29.16 -2.75
CA GLN D 125 3.00 28.56 -1.87
C GLN D 125 4.34 29.31 -1.97
N THR D 126 4.85 29.47 -3.19
CA THR D 126 6.09 30.24 -3.28
C THR D 126 5.84 31.54 -2.53
N LEU D 127 4.67 32.12 -2.73
CA LEU D 127 4.31 33.35 -2.03
C LEU D 127 4.41 33.20 -0.52
N ARG D 128 3.95 32.07 0.03
CA ARG D 128 4.05 31.87 1.49
C ARG D 128 5.50 31.81 1.97
N THR D 129 6.43 31.46 1.08
CA THR D 129 7.84 31.54 1.43
C THR D 129 8.37 33.00 1.35
N PHE D 130 8.09 33.66 0.24
CA PHE D 130 8.57 35.01 0.10
C PHE D 130 8.17 35.69 1.40
N PHE D 131 6.96 35.38 1.85
CA PHE D 131 6.41 36.11 2.99
C PHE D 131 6.97 35.68 4.34
N SER D 132 7.21 34.39 4.53
CA SER D 132 7.95 33.98 5.73
C SER D 132 9.34 34.62 5.85
N LEU D 133 10.00 34.80 4.70
CA LEU D 133 11.30 35.46 4.66
C LEU D 133 11.17 36.92 5.09
N TYR D 134 10.23 37.64 4.49
CA TYR D 134 10.03 39.04 4.85
C TYR D 134 9.52 39.25 6.31
N LEU D 135 8.48 38.50 6.71
CA LEU D 135 7.94 38.59 8.08
C LEU D 135 8.34 37.37 8.92
N ARG D 136 9.31 37.54 9.80
CA ARG D 136 9.96 36.41 10.45
C ARG D 136 9.13 35.75 11.56
N ASP D 137 8.33 36.56 12.26
CA ASP D 137 7.59 36.08 13.44
C ASP D 137 6.12 35.79 13.15
N LEU D 138 5.80 35.40 11.92
CA LEU D 138 4.43 35.13 11.52
C LEU D 138 3.90 33.85 12.14
N THR D 139 2.72 33.92 12.74
CA THR D 139 2.07 32.76 13.33
C THR D 139 1.42 31.93 12.23
N ASP D 140 1.20 30.65 12.52
CA ASP D 140 0.48 29.74 11.61
C ASP D 140 -0.87 30.34 11.21
N THR D 141 -1.58 30.89 12.21
CA THR D 141 -2.84 31.57 11.97
C THR D 141 -2.62 32.76 11.04
N GLU D 142 -1.56 33.53 11.28
CA GLU D 142 -1.30 34.70 10.46
C GLU D 142 -0.90 34.29 9.04
N LYS D 143 -0.16 33.18 8.94
CA LYS D 143 0.20 32.61 7.64
C LYS D 143 -1.04 32.24 6.84
N ALA D 144 -1.96 31.53 7.47
CA ALA D 144 -3.21 31.12 6.83
C ALA D 144 -4.03 32.34 6.43
N ALA D 145 -4.13 33.30 7.35
CA ALA D 145 -4.84 34.55 7.10
C ALA D 145 -4.30 35.22 5.85
N LEU D 146 -2.96 35.33 5.78
CA LEU D 146 -2.30 35.88 4.60
C LEU D 146 -2.65 35.12 3.31
N GLU D 147 -2.47 33.80 3.33
CA GLU D 147 -2.76 33.01 2.15
C GLU D 147 -4.18 33.26 1.62
N ASP D 148 -5.14 33.24 2.53
CA ASP D 148 -6.52 33.48 2.14
C ASP D 148 -6.66 34.89 1.55
N ALA D 149 -6.03 35.85 2.20
CA ALA D 149 -6.03 37.21 1.67
C ALA D 149 -5.52 37.22 0.23
N LEU D 150 -4.47 36.46 -0.05
CA LEU D 150 -3.96 36.37 -1.40
C LEU D 150 -5.07 35.94 -2.33
N VAL D 151 -5.69 34.81 -2.01
CA VAL D 151 -6.77 34.32 -2.88
C VAL D 151 -7.84 35.39 -3.15
N GLU D 152 -8.27 36.11 -2.11
CA GLU D 152 -9.32 37.11 -2.25
C GLU D 152 -8.92 38.35 -3.06
N VAL D 153 -7.71 38.84 -2.78
CA VAL D 153 -7.15 39.96 -3.53
C VAL D 153 -7.07 39.58 -5.01
N TYR D 154 -6.79 38.30 -5.28
CA TYR D 154 -6.79 37.82 -6.66
C TYR D 154 -8.19 37.79 -7.27
N LYS D 155 -9.16 37.23 -6.54
CA LYS D 155 -10.54 37.18 -7.01
C LYS D 155 -11.06 38.58 -7.37
N GLU D 156 -10.74 39.57 -6.54
CA GLU D 156 -11.14 40.95 -6.83
C GLU D 156 -10.43 41.50 -8.08
N ALA D 157 -9.22 41.02 -8.34
CA ALA D 157 -8.53 41.33 -9.59
C ALA D 157 -9.04 40.45 -10.73
N GLY D 158 -10.07 39.66 -10.46
CA GLY D 158 -10.68 38.81 -11.49
C GLY D 158 -9.78 37.72 -12.07
N ILE D 159 -8.86 37.22 -11.25
CA ILE D 159 -8.12 36.02 -11.62
C ILE D 159 -8.49 34.91 -10.63
N THR D 160 -8.81 33.72 -11.15
CA THR D 160 -9.32 32.63 -10.33
C THR D 160 -8.42 31.38 -10.34
N TRP D 161 -9.02 30.22 -10.07
CA TRP D 161 -8.26 28.98 -10.05
C TRP D 161 -8.02 28.46 -11.45
N ASP D 162 -8.95 28.73 -12.35
CA ASP D 162 -8.88 28.18 -13.70
C ASP D 162 -8.34 29.15 -14.74
N THR D 163 -7.65 30.21 -14.29
CA THR D 163 -7.24 31.24 -15.22
C THR D 163 -5.86 30.98 -15.77
N ASP D 164 -5.73 31.13 -17.08
CA ASP D 164 -4.43 31.04 -17.74
C ASP D 164 -3.70 32.36 -17.51
N PRO D 165 -2.59 32.31 -16.76
CA PRO D 165 -1.81 33.50 -16.40
C PRO D 165 -1.12 34.10 -17.63
N ARG D 166 -1.23 33.41 -18.77
CA ARG D 166 -0.64 33.90 -20.02
C ARG D 166 -1.53 34.97 -20.65
N GLY D 167 -2.63 35.31 -19.97
CA GLY D 167 -3.58 36.28 -20.50
C GLY D 167 -3.82 37.51 -19.63
N VAL D 168 -2.97 37.70 -18.62
CA VAL D 168 -3.10 38.83 -17.72
C VAL D 168 -1.90 39.77 -17.83
N PRO D 169 -2.17 41.00 -18.27
CA PRO D 169 -1.12 42.01 -18.40
C PRO D 169 -0.50 42.13 -17.01
N ASN D 170 0.80 42.38 -16.96
CA ASN D 170 1.49 42.67 -15.71
C ASN D 170 0.74 43.74 -14.90
N ASP D 171 -0.12 44.48 -15.56
CA ASP D 171 -0.87 45.56 -14.91
C ASP D 171 -2.12 45.04 -14.20
N LYS D 172 -2.76 44.04 -14.79
CA LYS D 172 -4.00 43.49 -14.24
C LYS D 172 -3.78 42.76 -12.93
N TRP D 173 -2.58 42.21 -12.74
CA TRP D 173 -2.26 41.50 -11.52
C TRP D 173 -2.48 42.48 -10.39
N PRO D 174 -2.93 41.99 -9.24
CA PRO D 174 -2.97 42.87 -8.07
C PRO D 174 -1.55 42.96 -7.53
N THR D 175 -1.30 43.90 -6.64
CA THR D 175 0.01 44.01 -6.05
C THR D 175 -0.09 43.88 -4.55
N VAL D 176 1.03 44.13 -3.88
CA VAL D 176 1.10 44.15 -2.43
C VAL D 176 0.23 45.28 -1.82
N LYS D 177 0.03 46.37 -2.55
CA LYS D 177 -0.86 47.42 -2.04
C LYS D 177 -2.28 46.88 -1.78
N GLU D 178 -2.83 46.16 -2.75
CA GLU D 178 -4.19 45.65 -2.61
C GLU D 178 -4.29 44.54 -1.54
N LEU D 179 -3.19 43.83 -1.33
CA LEU D 179 -3.14 42.85 -0.25
C LEU D 179 -3.16 43.57 1.10
N TYR D 180 -2.47 44.71 1.16
CA TYR D 180 -2.45 45.50 2.39
C TYR D 180 -3.80 46.12 2.68
N GLU D 181 -4.45 46.61 1.63
CA GLU D 181 -5.72 47.28 1.78
C GLU D 181 -6.76 46.24 2.18
N TYR D 182 -6.72 45.10 1.50
CA TYR D 182 -7.54 43.97 1.90
C TYR D 182 -7.37 43.71 3.38
N CYS D 183 -6.14 43.49 3.83
CA CYS D 183 -5.94 43.08 5.22
C CYS D 183 -6.36 44.15 6.21
N VAL D 184 -6.17 45.41 5.83
CA VAL D 184 -6.53 46.48 6.72
C VAL D 184 -8.03 46.39 6.91
N LYS D 185 -8.74 46.13 5.82
CA LYS D 185 -10.19 46.04 5.93
C LYS D 185 -10.59 44.83 6.79
N LYS D 186 -10.03 43.67 6.48
CA LYS D 186 -10.33 42.47 7.25
C LYS D 186 -10.02 42.69 8.74
N ALA D 187 -9.06 43.55 9.03
CA ALA D 187 -8.54 43.65 10.41
C ALA D 187 -9.49 44.38 11.33
N GLU D 188 -10.46 45.08 10.74
CA GLU D 188 -11.46 45.77 11.54
C GLU D 188 -12.33 44.76 12.30
N GLU D 189 -12.71 43.67 11.64
CA GLU D 189 -13.47 42.62 12.31
C GLU D 189 -12.56 41.51 12.88
N ASN D 190 -11.38 41.36 12.28
CA ASN D 190 -10.46 40.32 12.72
C ASN D 190 -9.09 40.86 13.15
N PRO D 191 -9.06 41.70 14.20
CA PRO D 191 -7.78 42.28 14.61
C PRO D 191 -6.81 41.22 15.13
N GLU D 192 -7.34 40.23 15.83
CA GLU D 192 -6.54 39.13 16.37
C GLU D 192 -5.77 38.43 15.26
N THR D 193 -6.43 38.24 14.13
CA THR D 193 -5.85 37.50 13.01
C THR D 193 -5.19 38.41 11.96
N TYR D 194 -5.65 39.66 11.86
CA TYR D 194 -5.22 40.56 10.77
C TYR D 194 -4.51 41.86 11.15
N GLY D 195 -4.74 42.34 12.37
CA GLY D 195 -4.16 43.60 12.82
C GLY D 195 -2.67 43.75 12.57
N ARG D 196 -1.91 42.82 13.12
CA ARG D 196 -0.45 42.83 13.01
C ARG D 196 0.03 42.51 11.61
N LEU D 197 -0.76 41.73 10.86
CA LEU D 197 -0.40 41.38 9.50
C LEU D 197 -0.51 42.61 8.62
N SER D 198 -1.47 43.48 8.94
CA SER D 198 -1.63 44.74 8.23
C SER D 198 -0.56 45.73 8.64
N VAL D 199 -0.41 45.92 9.95
CA VAL D 199 0.62 46.82 10.46
C VAL D 199 1.98 46.46 9.86
N LEU D 200 2.18 45.16 9.61
CA LEU D 200 3.44 44.69 9.05
C LEU D 200 3.53 44.83 7.53
N LEU D 201 2.42 44.61 6.83
CA LEU D 201 2.38 44.80 5.38
C LEU D 201 2.38 46.27 4.94
N LYS D 202 2.21 47.18 5.90
CA LYS D 202 2.18 48.60 5.58
C LYS D 202 3.45 49.07 4.89
N ARG D 203 4.60 48.75 5.47
CA ARG D 203 5.88 49.21 4.93
C ARG D 203 6.16 48.64 3.55
N ALA D 204 5.47 47.57 3.20
CA ALA D 204 5.66 46.93 1.90
C ALA D 204 4.62 47.42 0.89
N ALA D 205 3.55 48.02 1.38
CA ALA D 205 2.50 48.53 0.51
C ALA D 205 2.68 50.02 0.22
N GLU D 206 2.97 50.79 1.27
CA GLU D 206 3.05 52.23 1.15
C GLU D 206 4.09 52.83 2.10
N GLY D 207 5.05 52.00 2.49
CA GLY D 207 6.13 52.40 3.37
C GLY D 207 7.50 52.15 2.78
N ALA D 208 8.49 51.92 3.65
CA ALA D 208 9.89 51.96 3.23
C ALA D 208 10.37 50.82 2.31
N ASP D 209 9.49 49.90 1.97
CA ASP D 209 9.87 48.81 1.07
C ASP D 209 9.03 48.83 -0.20
N SER D 210 8.00 49.68 -0.19
CA SER D 210 7.00 49.67 -1.25
C SER D 210 7.57 49.87 -2.64
N TYR D 211 8.73 50.51 -2.75
CA TYR D 211 9.34 50.74 -4.05
C TYR D 211 9.68 49.43 -4.75
N LEU D 212 9.93 48.39 -3.95
CA LEU D 212 10.38 47.12 -4.50
C LEU D 212 9.29 46.34 -5.23
N TRP D 213 8.06 46.40 -4.73
CA TRP D 213 7.03 45.49 -5.21
C TRP D 213 5.70 46.12 -5.58
N ALA D 214 5.41 47.30 -5.05
CA ALA D 214 4.07 47.89 -5.21
C ALA D 214 3.84 48.55 -6.57
N GLY D 215 3.92 47.75 -7.62
CA GLY D 215 3.57 48.17 -8.96
C GLY D 215 3.59 46.93 -9.84
N PRO D 216 3.03 47.03 -11.04
CA PRO D 216 3.13 45.88 -11.96
C PRO D 216 4.56 45.76 -12.52
N THR D 217 5.28 44.71 -12.13
CA THR D 217 6.69 44.46 -12.51
C THR D 217 7.26 45.29 -13.66
N VAL D 227 22.36 40.31 -15.74
CA VAL D 227 22.53 40.79 -14.36
C VAL D 227 21.25 41.39 -13.73
N PHE D 228 20.79 40.74 -12.68
CA PHE D 228 19.74 41.31 -11.83
C PHE D 228 20.38 41.90 -10.59
N ASP D 229 20.60 43.21 -10.59
CA ASP D 229 21.33 43.84 -9.50
C ASP D 229 20.55 43.96 -8.19
N VAL D 230 21.11 43.36 -7.14
CA VAL D 230 20.50 43.37 -5.81
C VAL D 230 21.23 44.32 -4.85
N HIS D 231 22.43 44.74 -5.25
CA HIS D 231 23.36 45.43 -4.36
C HIS D 231 22.76 46.60 -3.57
N ASP D 232 21.76 47.26 -4.14
CA ASP D 232 21.16 48.43 -3.48
C ASP D 232 20.56 48.13 -2.10
N LEU D 233 20.50 46.84 -1.74
CA LEU D 233 19.93 46.40 -0.46
C LEU D 233 20.97 45.76 0.43
N GLN D 234 22.23 46.15 0.23
CA GLN D 234 23.37 45.53 0.92
C GLN D 234 23.44 45.87 2.41
N ASN D 235 22.83 46.99 2.79
CA ASN D 235 22.86 47.43 4.17
C ASN D 235 21.46 47.54 4.78
N ALA D 236 20.48 46.92 4.11
CA ALA D 236 19.12 46.87 4.63
C ALA D 236 19.03 45.78 5.67
N GLU D 237 17.83 45.56 6.22
CA GLU D 237 17.58 44.43 7.10
C GLU D 237 17.79 43.15 6.30
N ASP D 238 18.29 42.11 6.96
CA ASP D 238 18.59 40.84 6.32
C ASP D 238 17.34 40.10 5.83
N GLN D 239 16.21 40.38 6.46
CA GLN D 239 14.95 39.74 6.07
C GLN D 239 14.48 40.30 4.73
N VAL D 240 14.55 41.62 4.59
CA VAL D 240 14.22 42.33 3.34
C VAL D 240 15.11 41.86 2.17
N LYS D 241 16.42 41.87 2.37
CA LYS D 241 17.35 41.44 1.34
C LYS D 241 17.13 39.96 1.02
N ARG D 242 16.88 39.17 2.05
CA ARG D 242 16.65 37.75 1.84
C ARG D 242 15.38 37.61 1.00
N ALA D 243 14.45 38.53 1.23
CA ALA D 243 13.13 38.45 0.62
C ALA D 243 13.18 38.78 -0.86
N GLN D 244 13.80 39.91 -1.14
CA GLN D 244 14.03 40.34 -2.53
C GLN D 244 14.87 39.35 -3.30
N TYR D 245 15.91 38.81 -2.66
CA TYR D 245 16.74 37.81 -3.30
C TYR D 245 15.79 36.68 -3.69
N PHE D 246 14.98 36.24 -2.74
CA PHE D 246 14.06 35.15 -3.06
C PHE D 246 13.16 35.49 -4.26
N ASN D 247 12.71 36.74 -4.32
CA ASN D 247 11.76 37.13 -5.34
C ASN D 247 12.39 37.15 -6.71
N VAL D 248 13.45 37.95 -6.85
CA VAL D 248 14.27 37.95 -8.05
C VAL D 248 14.58 36.53 -8.51
N LEU D 249 14.91 35.65 -7.56
CA LEU D 249 15.25 34.28 -7.90
C LEU D 249 14.04 33.61 -8.57
N SER D 250 12.85 33.84 -7.99
CA SER D 250 11.60 33.42 -8.61
C SER D 250 11.38 33.97 -10.03
N PHE D 251 11.51 35.28 -10.17
CA PHE D 251 11.26 35.94 -11.46
C PHE D 251 12.21 35.39 -12.56
N ALA D 252 13.48 35.21 -12.21
CA ALA D 252 14.45 34.65 -13.12
C ALA D 252 14.09 33.21 -13.49
N TRP D 253 13.93 32.35 -12.49
CA TRP D 253 13.56 30.99 -12.82
C TRP D 253 12.33 31.02 -13.76
N ASN D 254 11.47 32.02 -13.59
CA ASN D 254 10.32 32.15 -14.47
C ASN D 254 10.74 32.41 -15.90
N ILE D 255 11.66 33.36 -16.06
CA ILE D 255 12.21 33.63 -17.38
C ILE D 255 12.52 32.29 -18.00
N LEU D 256 13.32 31.49 -17.29
CA LEU D 256 13.80 30.21 -17.86
C LEU D 256 12.85 29.00 -17.71
N GLU D 257 11.60 29.26 -17.36
CA GLU D 257 10.57 28.23 -17.47
C GLU D 257 9.46 28.71 -18.39
N ARG D 258 9.65 29.90 -18.96
CA ARG D 258 8.73 30.43 -19.96
C ARG D 258 9.31 30.24 -21.38
N ASP D 259 10.59 30.59 -21.55
CA ASP D 259 11.27 30.34 -22.81
C ASP D 259 12.31 29.23 -22.65
N ARG D 260 12.00 28.05 -23.17
CA ARG D 260 12.88 26.88 -23.02
C ARG D 260 14.10 26.97 -23.93
N ARG D 261 14.75 28.12 -23.95
CA ARG D 261 16.01 28.29 -24.64
C ARG D 261 16.89 27.40 -23.77
N GLU D 262 17.44 26.35 -24.38
CA GLU D 262 18.19 25.32 -23.67
C GLU D 262 19.53 25.94 -23.27
N ARG D 263 20.37 25.13 -22.63
CA ARG D 263 21.72 25.54 -22.25
C ARG D 263 21.77 26.94 -21.63
N THR D 264 20.94 27.16 -20.61
CA THR D 264 21.00 28.43 -19.89
C THR D 264 21.68 28.25 -18.54
N VAL D 265 22.47 29.26 -18.17
CA VAL D 265 23.10 29.31 -16.87
C VAL D 265 22.48 30.44 -16.05
N LEU D 266 22.17 30.11 -14.81
CA LEU D 266 21.55 31.04 -13.88
C LEU D 266 22.45 31.11 -12.67
N VAL D 267 23.22 32.18 -12.52
CA VAL D 267 24.13 32.27 -11.39
C VAL D 267 23.44 32.81 -10.14
N VAL D 268 23.74 32.19 -9.01
CA VAL D 268 23.29 32.67 -7.71
C VAL D 268 24.52 33.10 -6.92
N ASP D 269 24.83 34.39 -6.99
CA ASP D 269 26.03 34.89 -6.33
C ASP D 269 25.74 35.04 -4.83
N GLU D 270 26.72 34.71 -4.00
CA GLU D 270 26.57 34.78 -2.54
C GLU D 270 25.27 34.15 -2.04
N ALA D 271 25.04 32.89 -2.39
CA ALA D 271 23.77 32.21 -2.11
C ALA D 271 23.34 32.15 -0.64
N TRP D 272 24.29 32.23 0.29
CA TRP D 272 23.96 32.12 1.71
C TRP D 272 22.96 33.19 2.20
N MET D 273 22.81 34.27 1.43
CA MET D 273 21.86 35.33 1.74
C MET D 273 20.42 34.79 1.72
N LEU D 274 20.17 33.73 0.94
CA LEU D 274 18.83 33.17 0.88
C LEU D 274 18.64 32.08 1.93
N VAL D 275 19.59 32.00 2.86
CA VAL D 275 19.51 31.04 3.96
C VAL D 275 18.85 31.64 5.20
N ASP D 276 17.70 31.10 5.56
CA ASP D 276 17.02 31.48 6.81
C ASP D 276 16.73 30.20 7.57
N PRO D 277 17.47 29.97 8.67
CA PRO D 277 17.25 28.75 9.45
C PRO D 277 15.77 28.53 9.75
N GLN D 278 15.01 29.61 9.87
CA GLN D 278 13.60 29.49 10.18
C GLN D 278 12.71 29.37 8.94
N THR D 279 13.29 29.61 7.75
CA THR D 279 12.56 29.42 6.49
C THR D 279 13.42 28.71 5.41
N PRO D 280 13.89 27.50 5.72
CA PRO D 280 14.76 26.78 4.80
C PRO D 280 14.07 26.53 3.45
N GLN D 281 12.83 27.00 3.33
CA GLN D 281 12.08 26.85 2.10
C GLN D 281 12.79 27.53 0.92
N ALA D 282 13.17 28.79 1.08
CA ALA D 282 13.92 29.49 0.04
C ALA D 282 15.04 28.61 -0.53
N ILE D 283 15.69 27.86 0.37
CA ILE D 283 16.75 26.96 -0.01
C ILE D 283 16.21 25.73 -0.74
N ALA D 284 15.03 25.28 -0.32
CA ALA D 284 14.41 24.11 -0.93
C ALA D 284 14.15 24.49 -2.38
N PHE D 285 13.67 25.70 -2.57
CA PHE D 285 13.46 26.28 -3.88
C PHE D 285 14.77 26.29 -4.68
N LEU D 286 15.86 26.77 -4.10
CA LEU D 286 17.15 26.62 -4.76
C LEU D 286 17.39 25.18 -5.29
N ARG D 287 17.35 24.20 -4.39
CA ARG D 287 17.58 22.80 -4.81
C ARG D 287 16.64 22.37 -5.94
N ASP D 288 15.39 22.80 -5.83
CA ASP D 288 14.38 22.53 -6.85
C ASP D 288 14.84 23.04 -8.18
N THR D 289 15.21 24.31 -8.23
CA THR D 289 15.68 24.93 -9.46
C THR D 289 16.86 24.14 -10.02
N SER D 290 17.72 23.65 -9.14
CA SER D 290 18.89 22.89 -9.54
C SER D 290 18.54 21.54 -10.16
N LYS D 291 17.46 20.94 -9.68
CA LYS D 291 17.03 19.69 -10.28
C LYS D 291 16.25 19.91 -11.58
N ARG D 292 15.48 21.00 -11.62
CA ARG D 292 14.57 21.27 -12.73
C ARG D 292 15.34 21.69 -13.97
N ILE D 293 16.31 22.58 -13.77
CA ILE D 293 17.11 23.14 -14.85
C ILE D 293 17.67 22.04 -15.73
N ARG D 294 18.06 20.93 -15.11
CA ARG D 294 18.54 19.79 -15.87
C ARG D 294 17.41 19.32 -16.76
N LYS D 295 16.19 19.36 -16.22
CA LYS D 295 14.99 18.95 -16.92
C LYS D 295 14.63 19.91 -18.05
N TYR D 296 15.29 21.06 -18.10
CA TYR D 296 15.22 21.92 -19.29
C TYR D 296 16.59 22.09 -19.97
N ASN D 297 17.48 21.11 -19.76
CA ASN D 297 18.83 21.13 -20.32
C ASN D 297 19.58 22.44 -20.10
N GLY D 298 19.95 22.71 -18.85
CA GLY D 298 20.55 23.98 -18.49
C GLY D 298 21.55 23.87 -17.36
N SER D 299 21.80 24.98 -16.67
CA SER D 299 22.87 25.05 -15.69
C SER D 299 22.66 26.10 -14.59
N LEU D 300 22.58 25.64 -13.36
CA LEU D 300 22.51 26.53 -12.21
C LEU D 300 23.90 26.65 -11.58
N ILE D 301 24.29 27.86 -11.20
CA ILE D 301 25.61 28.08 -10.62
C ILE D 301 25.49 28.80 -9.26
N VAL D 302 25.70 28.05 -8.18
CA VAL D 302 25.67 28.61 -6.83
C VAL D 302 27.08 28.96 -6.37
N ILE D 303 27.31 30.22 -6.04
CA ILE D 303 28.62 30.64 -5.56
C ILE D 303 28.45 31.27 -4.20
N SER D 304 29.28 30.86 -3.24
CA SER D 304 29.09 31.37 -1.89
C SER D 304 30.34 31.34 -1.01
N GLN D 305 30.39 32.26 -0.05
CA GLN D 305 31.37 32.18 1.03
C GLN D 305 30.91 31.26 2.16
N ILE D 308 28.85 26.47 5.85
CA ILE D 308 28.17 26.01 7.07
C ILE D 308 26.71 26.48 7.16
N ASP D 309 26.43 27.70 6.70
CA ASP D 309 25.06 28.16 6.59
C ASP D 309 24.18 27.15 5.82
N PHE D 310 24.75 26.49 4.81
CA PHE D 310 24.03 25.48 4.02
C PHE D 310 23.96 24.12 4.69
N LEU D 311 24.76 23.92 5.73
CA LEU D 311 24.85 22.62 6.38
C LEU D 311 24.19 22.62 7.76
N ALA D 312 23.65 23.76 8.18
CA ALA D 312 22.95 23.87 9.46
C ALA D 312 21.82 22.85 9.56
N PRO D 313 21.62 22.29 10.75
CA PRO D 313 20.64 21.21 11.01
C PRO D 313 19.25 21.41 10.36
N GLU D 314 18.73 22.64 10.35
CA GLU D 314 17.40 22.91 9.78
C GLU D 314 17.39 23.26 8.29
N VAL D 315 18.56 23.51 7.70
CA VAL D 315 18.63 23.68 6.25
C VAL D 315 19.31 22.52 5.53
N GLN D 316 20.15 21.78 6.25
CA GLN D 316 21.03 20.76 5.67
C GLN D 316 20.36 19.80 4.71
N ARG D 317 19.14 19.38 5.03
CA ARG D 317 18.38 18.49 4.16
C ARG D 317 18.37 19.04 2.74
N TYR D 318 18.39 20.36 2.64
CA TYR D 318 18.35 21.05 1.36
C TYR D 318 19.74 21.45 0.90
N GLY D 319 20.53 22.05 1.80
CA GLY D 319 21.83 22.59 1.47
C GLY D 319 22.92 21.56 1.20
N GLN D 320 22.68 20.31 1.59
CA GLN D 320 23.64 19.23 1.31
C GLN D 320 23.47 18.76 -0.12
N ALA D 321 22.21 18.63 -0.55
CA ALA D 321 21.86 18.25 -1.92
C ALA D 321 22.21 19.38 -2.89
N LEU D 322 21.89 20.61 -2.47
CA LEU D 322 22.33 21.79 -3.20
C LEU D 322 23.82 21.95 -3.46
N LEU D 323 24.62 21.89 -2.39
CA LEU D 323 26.07 22.11 -2.48
C LEU D 323 26.77 20.84 -3.02
N ASP D 324 25.99 19.79 -3.29
CA ASP D 324 26.51 18.57 -3.92
C ASP D 324 25.44 17.83 -4.70
N LEU D 330 33.94 24.50 -7.82
CA LEU D 330 35.32 24.92 -7.58
C LEU D 330 35.55 25.29 -6.12
N LEU D 331 36.69 24.84 -5.58
CA LEU D 331 37.07 25.17 -4.20
C LEU D 331 38.30 26.07 -4.21
N LEU D 332 38.16 27.29 -3.72
CA LEU D 332 39.31 28.16 -3.56
C LEU D 332 39.74 28.23 -2.08
N ALA D 333 40.47 29.29 -1.70
CA ALA D 333 40.85 29.46 -0.29
C ALA D 333 39.63 29.37 0.64
N GLN D 334 39.83 28.85 1.85
CA GLN D 334 38.70 28.61 2.75
C GLN D 334 38.82 29.33 4.10
N LEU D 339 35.31 25.23 5.34
CA LEU D 339 36.61 24.58 5.15
C LEU D 339 36.67 23.22 5.81
N GLU D 340 36.59 23.22 7.14
CA GLU D 340 36.51 21.98 7.92
C GLU D 340 35.31 21.15 7.51
N ALA D 341 34.19 21.83 7.25
CA ALA D 341 32.97 21.16 6.85
C ALA D 341 33.05 20.59 5.43
N ILE D 342 33.74 21.29 4.53
CA ILE D 342 33.84 20.84 3.14
C ILE D 342 34.99 19.84 2.95
N THR D 343 35.76 19.60 4.00
CA THR D 343 36.86 18.65 3.95
C THR D 343 36.43 17.27 4.42
#